data_8YAH
#
_entry.id   8YAH
#
_cell.length_a   1.00
_cell.length_b   1.00
_cell.length_c   1.00
_cell.angle_alpha   90.00
_cell.angle_beta   90.00
_cell.angle_gamma   90.00
#
_symmetry.space_group_name_H-M   'P 1'
#
loop_
_entity.id
_entity.type
_entity.pdbx_description
1 polymer 'AP-5 complex subunit zeta-1'
2 polymer 'AP-5 complex subunit beta-1'
3 polymer 'AP-5 complex subunit sigma-1'
4 polymer 'AP-5 complex subunit mu-1'
5 polymer Spatacsin
#
loop_
_entity_poly.entity_id
_entity_poly.type
_entity_poly.pdbx_seq_one_letter_code
_entity_poly.pdbx_strand_id
1 'polypeptide(L)'
;MAFSAGAESLLHQAREIQDEELRRFCSRVTKLLQEAPGPATVDALQRLFLIVSATKYPRRLEKMCVDLLQTTLCLPASPE
QLQVLCAAILREMSPFNDLALSCDHTPNTRQLSLVASVLLAQGDRKGEIRCVSQRIFKILENRQPEGPSVRPLLPILSKV
IGLAPGILMEDQTNLLSKRLVDWLRYASIQQGLPYSGGFFSTPRTRQPGPITEVDGAVASDFFTVLSTGQHFTEDQWVNM
QAFSMLRKWLLHSGPEDPCSPDADDKSELEGSTLSVLSAASTASRLLPPRERLREVAFEYCQRLLEQSNRRALRKGDSDL
QKACLVEAVSVLDVLCRQDPSFLYRTLSCLKALHRRLGEDPGSERALVPLAQFFLNHGEAAAMDAEAVYGQLLRGLPSER
FHSPTLAFEVIHFCTHNLALFDSHFLSLLRLSFPSLFKFLAWNSPPLTAEFVVLLPALVDAGTAVEMLHALLDLPCLTAA
LDLQLRSTQTPSERLLWDISLRVPSCLEAFQDPQFQGLFRHLLRTKASGSTERLTPLHQVLKPMASCARVTQCAEAVPVL
LQAFFSAVTQTADGALINQLALLLLERSDSLYPVPQYEARVHGVLSSQLLVLCKLKPSLVVELSRELLEFVGSVSSIHSR
ASVFTCVVWAIGEYLSVTWDKRCTAEQINKFFEALEALLFEVTQSRPLADLPCCPPEVVTALMTTLTKLASRSQDLIPRV
SLFLSKMRTLAQNPATSSVHSEEGAESIRTRASELLTLLKMPSVAQFVFTPPAGVCQPRYHRDTNVALPLALRTVSRLVE
KEAGLLPG
;
A
2 'polypeptide(L)'
;MGPLSRDAWAQRLGAFRASPSAFMAGPEGEDLGRDLLSDLRSEKLSEQTKVSLLALSMEYPAQLWPDASAAEVAATSLLD
TLVLLPPRPSALRRPLLLAATTALAAGGALGPTSGASCRLLPLLLGLAAGSDLGRGFVPASEQRPLQATACECLRELESC
KPGLLGGSLGLLRGLLGQEGPVQPLSLLLALALRNTLVLQSRVGAGLGGLLTDKVSPTGGGPWDWTLVEEGDGRLQPQAP
SWPAAEEGEGERSLTAREHSPEEARELRAAVIQLLDTSYLLTPVAQAQLLWLLGWALRGLQGQPPALFKPQLVRLLGTAQ
LTLLHAMLALKAAFGEALFTAQDEALLLRRLTLAAQHPALPPPTHLFYLHCVLSFPENWPLGPEGEEAAPLLLGPQLCRG
LLPSLLHDPMALLARLHLLCLLCAEEEEEEKGQLPSPRHYLEELLAGLRQRAALDGGPRALATLCFQASYLVACCLAGQP
TVLTPLIHGLAQLYQARPMLAPHFVDLLDQVDSELREPLKVVLRQVVVSRPGRDEALCWHLQMLAKVADGDAQSATLNFL
QAAAAHCTNWDLQQGLLRVCRALLRAGVRGGLVDLLQVLARQLEDPDGRDHARLYYILLAHLAAPKLGVALGPSLAAPAL
ASSLVAENQGFVAALMVQEAPALVRLSLGSHRVKGPLPVLKLQPEALEPIYSLELRFRVEGQLYAPLEAVHVPCLCPGRP
ARPLLLPLQPRCPAPARLDVHALYTTSTGLTCHAHLPPLFVNFADLFLPFPQPPEGAGLGFFEELWDSCLPEGAESRVWC
PLGPQGLEGLVSRHLEPFVVVAQPPTSYCVAIHLPPDSKLLLRLEAALADGVPVALRTDDWAVLPLAGDYLRGLAAAV
;
B
3 'polypeptide(L)'
;MVHAFLIHTLRAPNTEDTGLCRVLYSCVFGAEKSPDDPRPHGAERDRLLRKEQILAVARQVESMCRLQQQASGRPPMDLQ
PQSSDEQVPLHEAPRGAFRLAAENPFQEPRTVVWLGVLSLGFALVLDAHENLLLAEGTLRLLTRLLLDHLRLLAPSTSLL
LRADRIEGILTRFLPHGQLLFLNDQFVQGLEKEFSAAWPR
;
C
4 'polypeptide(L)'
;MALRAVWLIRHEPGTPLGGTVRFSRRYPTVEKRAKAFNGMTYVPVPEDGPFLRALLFQLRLLDDDKDFMERRDGCSRINK
TSIYGLSVGGEELWPVIAFLRDSMIYASVPLVEQALSPRPPLISISGVSQGLELLLGIQDFLYSSQKNDTDLHTKLSQLP
DLLLQACPLGTLLDANLQNSLNSINSVSVTQPQKQPAWKVGAYKGKAQISISITETVKCMQYGKQDIADTWQVAGTVACK
CDLEGVMPAVTISLSLPTNGSPLQDIIVHPCVTSLDSAILTSSSIDTMDDSAFSGPYKFPFTPPLESFNLCHYTSQVPVP
PILGSYHMKEEGVQLKVTVNFKLHESVRNNFEVCEAHIPFYNRGPITHLEYKASFGQLEVFREKSLLVWIIGQKFPKSME
ISLSGTLTFGVKGHNKQPFDHICIGNTAYIKLNFRIADYTLTGCYADQHSVQVFASGKPKISAYRKLISSDYYIWNSKAP
APVTYASLLP
;
E
5 'polypeptide(L)'
;MAAEEGVASAASAGGSWGTAAMGRVLPMLLVPVPAEAMGQLGSRAQLRTQPEALGSLTAAGSLQVLSLTPGSRGGGRCCL
EGPFWHFLWEDSRNSSTPTEKPKLLALGENYELLIYEFNLKDGRCDATILYSCSREALQKLIDDQDISISLLSLRILSFH
NNTSLLFINKCVILHIIFPERDAAIRVLNCFTLPLPAQAVDMIIDTQLCRGILFVLSSLGWIYIFDVVDGTYVAHVDLAL
HKEDMCNEQQQEPAKISSFTSLKVSQDLDVAVIVSSSNSAVALNLNLYFRQHPGHLLCERILEDLPIQGPKGVDEDDPVN
SAYNMKLAKFSFQIDRSWKAQLSSLNETIKNSKLEVSCCAPWFQDILHLESPESGNHSTSVQSWAFIPQDIMHGQYNVLQ
KDHAKTSDPGRSWKIMHISEQEEPIELKCVSVTGFTALFTWEVERMGYTITLWDLETQGMQCFSLGTKCIPVDSSGDQQL
CFVLTENGLSLILFGLTQEEFLNRLMIHGSASTVDTLCHLNGWGRCSIPIHALEAGIENRQLDTVNFFLKSKENLFNPSS
KSSVSDQFDHLSSHLYLRNVEELIPALDLLCSAIRESYSEPQSKHFSEQLLNLTLSFLNNQIKELFIHTEELDEHLQKGV
NILTSYINELRTFMIKFPWKLTDAIDEYDVHENVPKVKESNIWKKLSFEEVIASAILNNKIPEAQTFFRIDSHSAQKLEE
LIGIGLNLVFDNLKKNNIKEASELLKNMGFDVKGQLLKICFYTTNKNIRDFLVEILKEKNYFSEKEKRTIDFVHQVEKLY
LGHFQENMQIQSFPRYWIKEQDFFKHKSVLDSFLKYDCKDEFNKQDHRIVLNWALWWDQLTQESILLPRISPEEYKSYSP
EALWRYLTARHDWLNIILWIGEFQTQHSYASLQQNKWPLLTVDVINQNTSCNNYMRNEILDKLARNGVFLASELEDFECF
LLRLSRIGGVIQDTLPVQNYKTKEGWDFHSQFILYCLEHSLQHLLYVYLDCYKLSPENCPFLEKKELHEAHPWFEFLVQC
RQVASNLTDPKLIFQASLANAQILIPTNQASVSSMLLEGHTLLALATTMYSPGGVSQVVQNEENENCLKKVDPQLLKMAL
TPYPKLKTALFPQCTPPSVLPSDITIYHLIQSLSPFDPSRLFGWQSANTLAIGDAWSHLPHFSSPDLVNKYAIVERLNFA
YYLHNGRPSFAFGTFLVQELIKSKTPKQLIQQVGNEAYVIGLSSFHIPSIGAACVCFLELLGLDSLKLRVDMKVANIILS
YKCRNEDAQYSFIRESVAEKLSKLADGEKTTTEELLVLLEEGTWNSIQQQEIKRLSSESSSQWALVVQFCRLHNMKLSIS
YLRECAKANDWLQFIIHSQLHNYHPAEVKSLIQYFSPVIQDHLRLAFENLPSVPTSKMDSDQVCNKCPQELQGSKQEMTD
LFEILLQCSEEPDSWHWLLVEAVKQQAPILSVLASCLQGASAISCLCVWIITSVEDNVATEAMGHIQDSTEDHTWNLEDL
SVIWRTLLTRQKSKTLIRGFQLFFKDSPLLLVMEMYELCMFFRNYKEAEAKLLEFQKSLETLNTAATKVHPVIPAMWLED
QVCFLLKLMLQQCKTQYELGKLLQLFVEREHLFSDGPDVKKLCILCQILKDTSIAINHTIITSYSIENLQHECRSILERL
QTDGQFALARRVAELAELPVDNLVIKEITQEMQTLKHIEQWSLKQARIDFWKKCHENFKKNSISSKAASSFFSTQAHVAC
EHPTGWSSMEERHLLLTLAGHWLAQEDVVPLDKLEELEKQIWLCRITQHTLGRNQEETEPRFSRQISTSGELSFDSLASE
FSFSKLAALNTSKYLELNSLPSKETCENRLDWKEQESLNFLIGRLLDDGCVHEASRVCRYFHFYNPDVALVLHCRALASG
EASMEDLHPEIHALLQSAELLEEEAPDIPLRRVHSTSSLDSQKFVTVPSSNEVVTNLEVLTSKCLHGKNYCRQVLCLYDL
AKELGCSYTDVAAQDGEAMLRKILASQQPDRCKRAQAFISTQGLKPDTVAELVAEEVTRELLTSSQGTGHKQMFNPTEES
QTFLQLTTLCQDRTLVGMKLLDKISSVPHGELSCTTELLILAHHCFTLTCHMEGIIRVLQAAHMLTDNHLAPSEEYGLVV
RLLTGIGRYNEMTYIFDLLHKKHYFEVLMRKKLDPSGTLKTALLDYIKRCRPGDSEKHNMIALCFSMCREIGENHEAAAR
IQLKLIESQPWEDSLKDGHQLKQLLLKALTLMLDAAESYAKDSCVRQAQHCQRLTKLITLQIHFLNTGQNTMLINLGRHK
LMDCILALPRFYQASIVAEAYDFVPDWAEILYQQVILKGDFNYLEEFKQQRLLKSSIFEEISKKYKQHQPTDMVMENLKK
LLTYCEDVYLYYKLAYEHKFYEIVNVLLKDPQTGCCLKDMLAG
;
D
#
# COMPACT_ATOMS: atom_id res chain seq x y z
N ALA A 2 -30.47 32.95 2.91
CA ALA A 2 -29.49 32.05 2.31
C ALA A 2 -29.50 30.69 3.01
N PHE A 3 -28.43 30.39 3.75
CA PHE A 3 -28.28 29.10 4.43
C PHE A 3 -28.05 29.37 5.91
N SER A 4 -29.12 29.28 6.69
CA SER A 4 -29.05 29.48 8.13
C SER A 4 -29.03 28.13 8.83
N ALA A 5 -28.26 28.06 9.92
CA ALA A 5 -28.22 26.83 10.73
C ALA A 5 -29.60 26.48 11.27
N GLY A 6 -30.45 27.49 11.48
CA GLY A 6 -31.83 27.21 11.83
C GLY A 6 -32.58 26.48 10.73
N ALA A 7 -32.31 26.84 9.47
CA ALA A 7 -32.91 26.12 8.35
C ALA A 7 -32.45 24.67 8.32
N GLU A 8 -31.16 24.43 8.54
CA GLU A 8 -30.65 23.06 8.58
C GLU A 8 -31.28 22.29 9.73
N SER A 9 -31.45 22.93 10.89
CA SER A 9 -32.10 22.28 12.01
C SER A 9 -33.55 21.93 11.68
N LEU A 10 -34.26 22.83 11.00
CA LEU A 10 -35.64 22.55 10.61
C LEU A 10 -35.70 21.36 9.67
N LEU A 11 -34.78 21.30 8.69
CA LEU A 11 -34.76 20.16 7.77
C LEU A 11 -34.45 18.86 8.51
N HIS A 12 -33.48 18.88 9.42
CA HIS A 12 -33.14 17.67 10.16
C HIS A 12 -34.29 17.21 11.04
N GLN A 13 -35.02 18.16 11.64
CA GLN A 13 -36.19 17.80 12.43
C GLN A 13 -37.30 17.24 11.55
N ALA A 14 -37.49 17.81 10.37
CA ALA A 14 -38.51 17.30 9.46
C ALA A 14 -38.17 15.88 8.99
N ARG A 15 -36.88 15.60 8.81
CA ARG A 15 -36.49 14.27 8.35
C ARG A 15 -36.63 13.23 9.44
N GLU A 16 -36.20 13.54 10.66
CA GLU A 16 -36.11 12.56 11.75
C GLU A 16 -37.22 12.74 12.78
N ILE A 17 -38.43 13.09 12.35
CA ILE A 17 -39.56 13.18 13.27
C ILE A 17 -39.94 11.78 13.73
N GLN A 18 -40.14 11.62 15.03
CA GLN A 18 -40.41 10.31 15.60
C GLN A 18 -41.76 9.77 15.15
N ASP A 19 -41.88 8.45 15.13
CA ASP A 19 -43.14 7.82 14.73
C ASP A 19 -44.26 8.17 15.70
N GLU A 20 -43.99 8.13 17.01
CA GLU A 20 -44.99 8.56 17.98
C GLU A 20 -45.29 10.05 17.83
N GLU A 21 -44.26 10.87 17.60
CA GLU A 21 -44.48 12.28 17.34
C GLU A 21 -45.27 12.47 16.05
N LEU A 22 -45.00 11.63 15.05
CA LEU A 22 -45.78 11.69 13.82
C LEU A 22 -47.25 11.37 14.06
N ARG A 23 -47.51 10.36 14.90
CA ARG A 23 -48.90 10.03 15.22
C ARG A 23 -49.57 11.16 15.98
N ARG A 24 -48.84 11.79 16.90
CA ARG A 24 -49.40 12.94 17.62
C ARG A 24 -49.68 14.09 16.67
N PHE A 25 -48.79 14.34 15.71
CA PHE A 25 -49.02 15.41 14.75
C PHE A 25 -50.20 15.10 13.86
N CYS A 26 -50.37 13.84 13.46
CA CYS A 26 -51.54 13.46 12.67
C CYS A 26 -52.82 13.66 13.48
N SER A 27 -52.79 13.33 14.76
CA SER A 27 -53.96 13.56 15.61
C SER A 27 -54.24 15.06 15.74
N ARG A 28 -53.19 15.87 15.87
CA ARG A 28 -53.38 17.32 15.92
C ARG A 28 -53.99 17.83 14.64
N VAL A 29 -53.52 17.31 13.50
CA VAL A 29 -54.10 17.67 12.21
C VAL A 29 -55.57 17.29 12.16
N THR A 30 -55.91 16.11 12.70
CA THR A 30 -57.31 15.69 12.73
C THR A 30 -58.15 16.66 13.54
N LYS A 31 -57.73 16.96 14.77
CA LYS A 31 -58.48 17.86 15.64
C LYS A 31 -58.41 19.31 15.21
N LEU A 32 -57.53 19.66 14.27
CA LEU A 32 -57.34 21.03 13.86
C LEU A 32 -57.91 21.35 12.49
N LEU A 33 -58.08 20.35 11.63
CA LEU A 33 -58.68 20.55 10.32
C LEU A 33 -60.20 20.44 10.38
N GLN A 34 -60.71 19.45 11.12
CA GLN A 34 -62.15 19.34 11.30
C GLN A 34 -62.70 20.53 12.08
N GLU A 35 -61.87 21.17 12.89
CA GLU A 35 -62.29 22.32 13.68
C GLU A 35 -62.33 23.55 12.78
N ALA A 36 -62.45 24.72 13.40
CA ALA A 36 -62.40 25.97 12.65
C ALA A 36 -61.00 26.19 12.11
N PRO A 37 -60.76 26.00 10.82
CA PRO A 37 -59.39 26.14 10.29
C PRO A 37 -59.01 27.61 10.14
N GLY A 38 -58.14 28.07 11.04
CA GLY A 38 -57.65 29.42 10.99
C GLY A 38 -56.17 29.45 10.66
N PRO A 39 -55.45 30.43 11.20
CA PRO A 39 -54.00 30.45 11.01
C PRO A 39 -53.30 29.22 11.56
N ALA A 40 -53.90 28.52 12.53
CA ALA A 40 -53.34 27.26 12.98
C ALA A 40 -53.33 26.23 11.84
N THR A 41 -54.32 26.28 10.96
CA THR A 41 -54.37 25.33 9.84
C THR A 41 -53.12 25.45 8.98
N VAL A 42 -52.77 26.67 8.56
CA VAL A 42 -51.59 26.84 7.73
C VAL A 42 -50.33 26.61 8.54
N ASP A 43 -50.32 27.04 9.81
CA ASP A 43 -49.14 26.89 10.65
C ASP A 43 -48.81 25.43 10.95
N ALA A 44 -49.79 24.53 10.80
CA ALA A 44 -49.51 23.10 10.88
C ALA A 44 -49.30 22.44 9.53
N LEU A 45 -50.01 22.90 8.49
CA LEU A 45 -49.85 22.34 7.16
C LEU A 45 -48.45 22.59 6.61
N GLN A 46 -47.89 23.76 6.91
CA GLN A 46 -46.52 24.03 6.47
C GLN A 46 -45.54 23.02 7.06
N ARG A 47 -45.68 22.75 8.36
CA ARG A 47 -44.80 21.77 8.99
C ARG A 47 -45.05 20.38 8.44
N LEU A 48 -46.30 20.04 8.14
CA LEU A 48 -46.59 18.74 7.53
C LEU A 48 -45.92 18.61 6.17
N PHE A 49 -45.98 19.67 5.36
CA PHE A 49 -45.34 19.63 4.05
C PHE A 49 -43.84 19.49 4.18
N LEU A 50 -43.23 20.20 5.13
CA LEU A 50 -41.79 20.08 5.33
C LEU A 50 -41.42 18.68 5.78
N ILE A 51 -42.20 18.07 6.68
CA ILE A 51 -41.83 16.76 7.19
C ILE A 51 -42.09 15.66 6.18
N VAL A 52 -42.99 15.87 5.23
CA VAL A 52 -43.20 14.86 4.19
C VAL A 52 -42.21 15.04 3.03
N SER A 53 -41.93 16.28 2.64
CA SER A 53 -41.10 16.54 1.47
C SER A 53 -39.65 16.13 1.70
N ALA A 54 -39.10 16.44 2.87
CA ALA A 54 -37.69 16.25 3.13
C ALA A 54 -37.35 14.83 3.54
N THR A 55 -38.21 13.87 3.26
CA THR A 55 -37.98 12.47 3.61
C THR A 55 -38.05 11.62 2.35
N LYS A 56 -36.90 11.08 1.93
CA LYS A 56 -36.87 10.25 0.74
C LYS A 56 -37.63 8.95 0.94
N TYR A 57 -37.36 8.25 2.04
CA TYR A 57 -38.09 7.02 2.33
C TYR A 57 -39.56 7.34 2.58
N PRO A 58 -40.46 6.41 2.30
CA PRO A 58 -41.89 6.71 2.39
C PRO A 58 -42.32 7.05 3.81
N ARG A 59 -43.28 7.96 3.92
CA ARG A 59 -43.90 8.34 5.19
C ARG A 59 -45.40 8.13 5.05
N ARG A 60 -45.85 6.91 5.29
CA ARG A 60 -47.28 6.57 5.28
C ARG A 60 -47.78 6.73 6.71
N LEU A 61 -48.26 7.93 7.03
CA LEU A 61 -48.72 8.26 8.36
C LEU A 61 -50.12 7.68 8.57
N GLU A 62 -50.77 8.11 9.65
CA GLU A 62 -52.13 7.64 9.93
C GLU A 62 -53.06 7.99 8.77
N LYS A 63 -53.96 7.07 8.45
CA LYS A 63 -54.84 7.27 7.31
C LYS A 63 -55.69 8.51 7.46
N MET A 64 -56.20 8.75 8.67
CA MET A 64 -57.15 9.84 8.90
C MET A 64 -56.61 11.16 8.34
N CYS A 65 -55.32 11.42 8.49
CA CYS A 65 -54.74 12.63 7.91
C CYS A 65 -54.87 12.62 6.41
N VAL A 66 -54.62 11.47 5.77
CA VAL A 66 -54.68 11.39 4.31
C VAL A 66 -56.09 11.65 3.81
N ASP A 67 -57.08 10.99 4.43
CA ASP A 67 -58.46 11.24 4.01
C ASP A 67 -58.88 12.67 4.32
N LEU A 68 -58.38 13.24 5.41
CA LEU A 68 -58.70 14.63 5.70
C LEU A 68 -58.16 15.55 4.61
N LEU A 69 -56.92 15.32 4.17
CA LEU A 69 -56.35 16.15 3.11
C LEU A 69 -57.12 15.98 1.81
N GLN A 70 -57.44 14.73 1.45
CA GLN A 70 -58.19 14.49 0.22
C GLN A 70 -59.55 15.18 0.26
N THR A 71 -60.27 15.04 1.38
CA THR A 71 -61.57 15.66 1.51
C THR A 71 -61.48 17.18 1.53
N THR A 72 -60.42 17.73 2.14
CA THR A 72 -60.20 19.17 2.11
C THR A 72 -60.04 19.65 0.67
N LEU A 73 -59.27 18.91 -0.12
CA LEU A 73 -59.22 19.20 -1.55
C LEU A 73 -60.61 19.09 -2.16
N CYS A 74 -61.42 18.16 -1.66
CA CYS A 74 -62.80 18.03 -2.12
C CYS A 74 -63.75 18.97 -1.38
N LEU A 75 -63.26 19.75 -0.43
CA LEU A 75 -64.10 20.67 0.33
C LEU A 75 -63.97 22.06 -0.27
N PRO A 76 -65.02 22.60 -0.90
CA PRO A 76 -64.87 23.86 -1.65
C PRO A 76 -64.68 25.09 -0.77
N ALA A 77 -65.06 25.04 0.50
CA ALA A 77 -64.95 26.22 1.36
C ALA A 77 -63.51 26.56 1.71
N SER A 78 -62.55 25.68 1.41
CA SER A 78 -61.17 25.92 1.79
C SER A 78 -60.60 27.11 1.01
N PRO A 79 -59.71 27.88 1.60
CA PRO A 79 -59.13 29.03 0.89
C PRO A 79 -58.11 28.56 -0.14
N GLU A 80 -57.64 29.54 -0.94
CA GLU A 80 -56.65 29.23 -1.97
C GLU A 80 -55.35 28.72 -1.37
N GLN A 81 -54.92 29.31 -0.27
CA GLN A 81 -53.66 28.91 0.34
C GLN A 81 -53.71 27.45 0.79
N LEU A 82 -54.75 27.09 1.54
CA LEU A 82 -54.85 25.72 2.04
C LEU A 82 -55.04 24.73 0.90
N GLN A 83 -55.84 25.09 -0.10
CA GLN A 83 -56.06 24.20 -1.23
C GLN A 83 -54.76 23.94 -1.99
N VAL A 84 -53.96 24.99 -2.21
CA VAL A 84 -52.68 24.83 -2.89
C VAL A 84 -51.74 23.96 -2.06
N LEU A 85 -51.67 24.21 -0.75
CA LEU A 85 -50.76 23.43 0.08
C LEU A 85 -51.18 21.96 0.13
N CYS A 86 -52.48 21.68 0.19
CA CYS A 86 -52.95 20.30 0.16
C CYS A 86 -52.66 19.65 -1.19
N ALA A 87 -52.82 20.40 -2.28
CA ALA A 87 -52.50 19.87 -3.60
C ALA A 87 -51.03 19.51 -3.69
N ALA A 88 -50.16 20.34 -3.11
CA ALA A 88 -48.75 19.99 -3.03
C ALA A 88 -48.54 18.75 -2.17
N ILE A 89 -49.31 18.63 -1.09
CA ILE A 89 -49.19 17.46 -0.21
C ILE A 89 -49.49 16.18 -0.99
N LEU A 90 -50.53 16.21 -1.82
CA LEU A 90 -50.92 15.03 -2.58
C LEU A 90 -50.16 14.87 -3.89
N ARG A 91 -49.45 15.91 -4.33
CA ARG A 91 -48.57 15.80 -5.49
C ARG A 91 -47.13 15.53 -5.11
N GLU A 92 -46.81 15.46 -3.83
CA GLU A 92 -45.48 15.06 -3.38
C GLU A 92 -45.48 13.68 -2.74
N MET A 93 -46.50 13.34 -1.96
CA MET A 93 -46.58 12.03 -1.33
C MET A 93 -46.77 10.91 -2.33
N SER A 94 -47.07 11.23 -3.59
CA SER A 94 -47.25 10.23 -4.62
C SER A 94 -45.94 9.49 -4.87
N PRO A 95 -46.01 8.26 -5.41
CA PRO A 95 -47.19 7.51 -5.83
C PRO A 95 -47.65 6.49 -4.79
N PHE A 96 -48.94 6.47 -4.47
CA PHE A 96 -49.52 5.53 -3.53
C PHE A 96 -50.59 4.72 -4.24
N ASN A 97 -50.69 3.44 -3.87
CA ASN A 97 -51.70 2.56 -4.46
C ASN A 97 -53.08 2.76 -3.82
N ASP A 98 -53.19 3.65 -2.83
CA ASP A 98 -54.42 3.90 -2.11
C ASP A 98 -55.11 5.18 -2.57
N LEU A 99 -55.14 5.40 -3.89
CA LEU A 99 -55.59 6.67 -4.43
C LEU A 99 -57.11 6.83 -4.26
N ALA A 100 -57.53 7.16 -3.05
CA ALA A 100 -58.94 7.41 -2.78
C ALA A 100 -59.46 8.64 -3.50
N LEU A 101 -58.58 9.48 -4.03
CA LEU A 101 -59.00 10.68 -4.74
C LEU A 101 -59.82 10.31 -5.99
N SER A 102 -60.45 11.32 -6.56
CA SER A 102 -61.22 11.17 -7.78
C SER A 102 -60.91 12.33 -8.70
N CYS A 103 -61.22 12.13 -9.98
CA CYS A 103 -60.89 13.08 -11.03
C CYS A 103 -62.03 14.05 -11.33
N ASP A 104 -63.13 13.98 -10.60
CA ASP A 104 -64.26 14.90 -10.78
C ASP A 104 -64.82 15.31 -9.43
N HIS A 105 -63.95 15.66 -8.49
CA HIS A 105 -64.36 15.91 -7.12
C HIS A 105 -64.43 17.39 -6.76
N THR A 106 -64.02 18.29 -7.65
CA THR A 106 -64.04 19.70 -7.29
C THR A 106 -64.42 20.52 -8.53
N PRO A 107 -65.40 21.41 -8.42
CA PRO A 107 -65.86 22.14 -9.62
C PRO A 107 -64.96 23.28 -10.04
N ASN A 108 -64.22 23.84 -9.10
CA ASN A 108 -63.43 25.03 -9.37
C ASN A 108 -62.31 24.69 -10.36
N THR A 109 -62.12 25.56 -11.35
CA THR A 109 -61.15 25.28 -12.41
C THR A 109 -59.72 25.32 -11.86
N ARG A 110 -59.40 26.29 -11.01
CA ARG A 110 -58.09 26.28 -10.37
C ARG A 110 -57.94 25.07 -9.46
N GLN A 111 -59.00 24.74 -8.73
CA GLN A 111 -58.99 23.50 -7.96
C GLN A 111 -58.92 22.29 -8.88
N LEU A 112 -59.49 22.38 -10.07
CA LEU A 112 -59.34 21.29 -11.03
C LEU A 112 -57.89 21.13 -11.47
N SER A 113 -57.19 22.26 -11.65
CA SER A 113 -55.75 22.21 -11.94
C SER A 113 -55.00 21.57 -10.78
N LEU A 114 -55.36 21.92 -9.56
CA LEU A 114 -54.74 21.30 -8.39
C LEU A 114 -54.99 19.79 -8.37
N VAL A 115 -56.22 19.38 -8.68
CA VAL A 115 -56.55 17.96 -8.70
C VAL A 115 -55.77 17.24 -9.79
N ALA A 116 -55.61 17.88 -10.95
CA ALA A 116 -54.81 17.27 -12.01
C ALA A 116 -53.37 17.11 -11.57
N SER A 117 -52.81 18.13 -10.92
CA SER A 117 -51.44 18.02 -10.41
C SER A 117 -51.34 16.91 -9.37
N VAL A 118 -52.40 16.70 -8.61
CA VAL A 118 -52.43 15.59 -7.67
C VAL A 118 -52.40 14.26 -8.41
N LEU A 119 -53.22 14.15 -9.47
CA LEU A 119 -53.43 12.86 -10.12
C LEU A 119 -52.25 12.44 -10.98
N LEU A 120 -51.70 13.38 -11.77
CA LEU A 120 -50.71 13.04 -12.77
C LEU A 120 -49.39 12.57 -12.17
N ALA A 121 -49.14 12.87 -10.90
CA ALA A 121 -47.91 12.46 -10.25
C ALA A 121 -47.94 11.03 -9.77
N GLN A 122 -48.86 10.21 -10.28
CA GLN A 122 -48.99 8.82 -9.84
C GLN A 122 -48.20 7.87 -10.74
N GLY A 123 -48.49 7.89 -12.03
CA GLY A 123 -47.91 6.95 -12.97
C GLY A 123 -48.96 6.00 -13.54
N ASP A 124 -48.51 5.19 -14.50
CA ASP A 124 -49.38 4.25 -15.19
C ASP A 124 -49.53 2.93 -14.45
N ARG A 125 -49.25 2.91 -13.15
CA ARG A 125 -49.38 1.68 -12.37
C ARG A 125 -50.83 1.23 -12.25
N LYS A 126 -51.79 2.16 -12.36
CA LYS A 126 -53.20 1.82 -12.28
C LYS A 126 -54.00 2.50 -13.38
N GLY A 127 -53.40 2.69 -14.55
CA GLY A 127 -54.09 3.33 -15.65
C GLY A 127 -54.53 4.74 -15.35
N GLU A 128 -53.74 5.47 -14.57
CA GLU A 128 -54.18 6.77 -14.05
C GLU A 128 -54.20 7.83 -15.14
N ILE A 129 -53.14 7.93 -15.93
CA ILE A 129 -52.98 9.06 -16.84
C ILE A 129 -54.15 9.12 -17.82
N ARG A 130 -54.59 7.97 -18.32
CA ARG A 130 -55.75 7.95 -19.21
C ARG A 130 -56.99 8.49 -18.49
N CYS A 131 -57.19 8.10 -17.24
CA CYS A 131 -58.34 8.57 -16.49
C CYS A 131 -58.29 10.08 -16.30
N VAL A 132 -57.12 10.62 -15.96
CA VAL A 132 -57.01 12.06 -15.76
C VAL A 132 -57.23 12.80 -17.07
N SER A 133 -56.69 12.28 -18.18
CA SER A 133 -56.88 12.95 -19.46
C SER A 133 -58.34 12.95 -19.87
N GLN A 134 -59.02 11.81 -19.71
CA GLN A 134 -60.43 11.73 -20.06
C GLN A 134 -61.26 12.65 -19.18
N ARG A 135 -60.98 12.67 -17.87
CA ARG A 135 -61.70 13.53 -16.96
C ARG A 135 -61.50 15.00 -17.30
N ILE A 136 -60.26 15.38 -17.65
CA ILE A 136 -60.00 16.76 -18.03
C ILE A 136 -60.78 17.11 -19.29
N PHE A 137 -60.81 16.19 -20.26
CA PHE A 137 -61.57 16.45 -21.47
C PHE A 137 -63.05 16.62 -21.17
N LYS A 138 -63.59 15.76 -20.30
CA LYS A 138 -65.02 15.85 -19.96
C LYS A 138 -65.32 17.15 -19.21
N ILE A 139 -64.44 17.56 -18.30
CA ILE A 139 -64.63 18.80 -17.56
C ILE A 139 -64.51 20.00 -18.49
N LEU A 140 -63.68 19.89 -19.52
CA LEU A 140 -63.56 20.97 -20.50
C LEU A 140 -64.63 20.91 -21.57
N GLU A 141 -65.42 19.83 -21.62
CA GLU A 141 -66.44 19.71 -22.66
C GLU A 141 -67.47 20.82 -22.61
N ASN A 142 -67.74 21.37 -21.44
CA ASN A 142 -68.66 22.50 -21.32
C ASN A 142 -67.94 23.79 -21.70
N ARG A 143 -68.60 24.92 -21.47
CA ARG A 143 -67.97 26.22 -21.73
C ARG A 143 -66.75 26.40 -20.83
N GLN A 144 -65.66 26.86 -21.42
CA GLN A 144 -64.41 27.05 -20.68
C GLN A 144 -63.72 28.33 -21.09
N SER A 149 -61.34 29.32 -16.89
CA SER A 149 -61.66 28.96 -18.26
C SER A 149 -60.79 27.79 -18.74
N VAL A 150 -60.63 27.68 -20.05
CA VAL A 150 -59.74 26.66 -20.60
C VAL A 150 -58.28 27.08 -20.50
N ARG A 151 -58.00 28.39 -20.49
CA ARG A 151 -56.62 28.86 -20.33
C ARG A 151 -55.95 28.33 -19.07
N PRO A 152 -56.58 28.33 -17.89
CA PRO A 152 -55.90 27.77 -16.72
C PRO A 152 -55.52 26.30 -16.85
N LEU A 153 -56.33 25.50 -17.53
CA LEU A 153 -56.09 24.06 -17.57
C LEU A 153 -55.25 23.62 -18.76
N LEU A 154 -54.92 24.52 -19.68
CA LEU A 154 -54.09 24.16 -20.82
C LEU A 154 -52.72 23.61 -20.44
N PRO A 155 -52.02 24.12 -19.42
CA PRO A 155 -50.75 23.48 -19.03
C PRO A 155 -50.87 22.03 -18.66
N ILE A 156 -51.97 21.63 -18.01
CA ILE A 156 -52.18 20.21 -17.71
C ILE A 156 -52.29 19.41 -18.99
N LEU A 157 -53.04 19.94 -19.97
CA LEU A 157 -53.11 19.33 -21.29
C LEU A 157 -51.72 19.14 -21.87
N SER A 158 -50.90 20.20 -21.83
CA SER A 158 -49.57 20.15 -22.43
C SER A 158 -48.70 19.09 -21.76
N LYS A 159 -48.71 19.06 -20.43
CA LYS A 159 -47.91 18.07 -19.72
C LYS A 159 -48.40 16.65 -19.99
N VAL A 160 -49.73 16.47 -20.10
CA VAL A 160 -50.28 15.15 -20.39
C VAL A 160 -49.78 14.67 -21.75
N ILE A 161 -49.89 15.51 -22.78
CA ILE A 161 -49.37 15.09 -24.09
C ILE A 161 -47.86 14.92 -24.02
N GLY A 162 -47.18 15.64 -23.14
CA GLY A 162 -45.77 15.38 -22.92
C GLY A 162 -45.52 13.96 -22.45
N LEU A 163 -46.35 13.48 -21.53
CA LEU A 163 -46.19 12.14 -21.00
C LEU A 163 -47.06 11.10 -21.69
N ALA A 164 -48.09 11.52 -22.41
CA ALA A 164 -48.95 10.57 -23.12
C ALA A 164 -49.27 11.12 -24.50
N PRO A 165 -48.72 10.53 -25.57
CA PRO A 165 -48.78 11.19 -26.88
C PRO A 165 -50.08 10.96 -27.65
N GLY A 166 -50.87 9.95 -27.33
CA GLY A 166 -52.00 9.63 -28.17
C GLY A 166 -53.34 9.46 -27.49
N ILE A 167 -53.36 9.42 -26.14
CA ILE A 167 -54.59 9.13 -25.43
C ILE A 167 -55.63 10.21 -25.70
N LEU A 168 -55.19 11.41 -26.06
CA LEU A 168 -56.11 12.43 -26.56
C LEU A 168 -56.70 11.93 -27.87
N MET A 169 -57.96 11.51 -27.83
CA MET A 169 -58.59 10.88 -28.99
C MET A 169 -58.60 11.82 -30.19
N GLU A 170 -58.77 11.23 -31.37
CA GLU A 170 -58.73 12.01 -32.60
C GLU A 170 -59.78 13.12 -32.57
N ASP A 171 -60.99 12.81 -32.12
CA ASP A 171 -61.99 13.85 -31.94
C ASP A 171 -61.53 14.86 -30.89
N GLN A 172 -61.02 14.37 -29.77
CA GLN A 172 -60.50 15.27 -28.75
C GLN A 172 -59.29 16.04 -29.26
N THR A 173 -58.43 15.38 -30.04
CA THR A 173 -57.25 16.06 -30.58
C THR A 173 -57.66 17.19 -31.52
N ASN A 174 -58.65 16.95 -32.39
CA ASN A 174 -59.09 18.01 -33.28
C ASN A 174 -59.85 19.09 -32.54
N LEU A 175 -60.54 18.73 -31.45
CA LEU A 175 -61.15 19.73 -30.58
C LEU A 175 -60.10 20.64 -29.98
N LEU A 176 -59.00 20.06 -29.49
CA LEU A 176 -57.90 20.87 -28.96
C LEU A 176 -57.28 21.72 -30.05
N SER A 177 -57.13 21.17 -31.25
CA SER A 177 -56.55 21.93 -32.35
C SER A 177 -57.40 23.14 -32.70
N LYS A 178 -58.72 22.96 -32.85
CA LYS A 178 -59.58 24.09 -33.18
C LYS A 178 -59.62 25.09 -32.04
N ARG A 179 -59.59 24.61 -30.79
CA ARG A 179 -59.58 25.52 -29.65
C ARG A 179 -58.33 26.38 -29.67
N LEU A 180 -57.16 25.77 -29.91
CA LEU A 180 -55.92 26.54 -29.96
C LEU A 180 -55.92 27.51 -31.14
N VAL A 181 -56.45 27.08 -32.29
CA VAL A 181 -56.48 27.96 -33.46
C VAL A 181 -57.35 29.18 -33.19
N ASP A 182 -58.52 28.97 -32.60
CA ASP A 182 -59.35 30.10 -32.20
C ASP A 182 -58.69 30.91 -31.09
N TRP A 183 -57.83 30.26 -30.30
CA TRP A 183 -57.14 30.90 -29.20
C TRP A 183 -55.86 31.62 -29.62
N LEU A 184 -55.48 31.53 -30.90
CA LEU A 184 -54.25 32.17 -31.34
C LEU A 184 -54.36 33.69 -31.24
N ARG A 185 -55.52 34.24 -31.56
CA ARG A 185 -55.73 35.68 -31.50
C ARG A 185 -57.19 36.01 -31.20
N PHE A 223 -52.54 39.73 -28.49
CA PHE A 223 -51.66 40.18 -29.55
C PHE A 223 -50.26 39.62 -29.35
N THR A 224 -49.27 40.34 -29.86
CA THR A 224 -47.87 39.97 -29.73
C THR A 224 -47.23 40.67 -28.54
N VAL A 225 -46.08 40.16 -28.11
CA VAL A 225 -45.37 40.76 -26.99
C VAL A 225 -44.91 42.16 -27.35
N LEU A 226 -44.34 42.34 -28.54
CA LEU A 226 -43.87 43.64 -28.99
C LEU A 226 -45.04 44.57 -29.30
N THR A 233 -55.94 41.84 -21.77
CA THR A 233 -57.22 41.30 -22.25
C THR A 233 -57.22 39.78 -22.20
N GLU A 234 -58.41 39.20 -22.14
CA GLU A 234 -58.53 37.74 -22.11
C GLU A 234 -58.04 37.12 -23.41
N ASP A 235 -58.29 37.79 -24.54
CA ASP A 235 -57.86 37.25 -25.84
C ASP A 235 -56.36 37.09 -25.89
N GLN A 236 -55.62 38.17 -25.59
CA GLN A 236 -54.16 38.06 -25.56
C GLN A 236 -53.71 37.14 -24.44
N TRP A 237 -54.48 37.04 -23.37
CA TRP A 237 -54.13 36.11 -22.29
C TRP A 237 -54.12 34.68 -22.78
N VAL A 238 -55.08 34.30 -23.62
CA VAL A 238 -55.05 32.96 -24.18
C VAL A 238 -54.05 32.89 -25.33
N ASN A 239 -53.75 34.02 -25.98
CA ASN A 239 -52.71 34.02 -27.01
C ASN A 239 -51.36 33.67 -26.42
N MET A 240 -51.07 34.15 -25.21
CA MET A 240 -49.81 33.83 -24.55
C MET A 240 -49.67 32.33 -24.32
N GLN A 241 -50.74 31.67 -23.84
CA GLN A 241 -50.70 30.23 -23.64
C GLN A 241 -50.63 29.49 -24.97
N ALA A 242 -51.27 30.04 -26.00
CA ALA A 242 -51.20 29.41 -27.32
C ALA A 242 -49.77 29.42 -27.85
N PHE A 243 -49.05 30.51 -27.60
CA PHE A 243 -47.66 30.59 -28.03
C PHE A 243 -46.74 29.76 -27.13
N SER A 244 -47.08 29.63 -25.85
CA SER A 244 -46.17 29.06 -24.86
C SER A 244 -45.95 27.56 -25.00
N MET A 245 -46.71 26.87 -25.85
CA MET A 245 -46.51 25.44 -26.02
C MET A 245 -46.68 25.00 -27.47
N LEU A 246 -46.48 25.93 -28.42
CA LEU A 246 -46.77 25.63 -29.81
C LEU A 246 -45.88 24.52 -30.35
N ARG A 247 -44.59 24.55 -30.03
CA ARG A 247 -43.66 23.56 -30.57
C ARG A 247 -43.97 22.16 -30.07
N LYS A 248 -44.23 22.01 -28.77
CA LYS A 248 -44.57 20.71 -28.23
C LYS A 248 -45.89 20.20 -28.79
N TRP A 249 -46.87 21.10 -28.96
CA TRP A 249 -48.14 20.71 -29.56
C TRP A 249 -47.96 20.20 -30.98
N LEU A 250 -47.16 20.90 -31.78
CA LEU A 250 -46.91 20.46 -33.15
C LEU A 250 -46.17 19.13 -33.17
N LEU A 251 -45.18 18.96 -32.29
CA LEU A 251 -44.38 17.74 -32.30
C LEU A 251 -45.22 16.53 -31.88
N HIS A 252 -45.99 16.66 -30.80
CA HIS A 252 -46.78 15.53 -30.31
C HIS A 252 -47.94 15.22 -31.26
N SER A 253 -48.64 16.25 -31.73
CA SER A 253 -49.76 16.05 -32.63
C SER A 253 -49.29 16.07 -34.09
N PRO A 289 -60.80 27.56 -40.79
CA PRO A 289 -59.93 27.75 -39.62
C PRO A 289 -58.47 27.45 -39.92
N ARG A 290 -58.21 26.28 -40.53
CA ARG A 290 -56.83 25.93 -40.85
C ARG A 290 -56.24 26.85 -41.91
N GLU A 291 -57.06 27.31 -42.87
CA GLU A 291 -56.61 28.38 -43.75
C GLU A 291 -56.34 29.66 -42.97
N ARG A 292 -57.27 30.01 -42.07
CA ARG A 292 -57.01 31.13 -41.16
C ARG A 292 -55.84 30.81 -40.24
N LEU A 293 -55.64 29.54 -39.91
CA LEU A 293 -54.47 29.17 -39.12
C LEU A 293 -53.19 29.52 -39.87
N ARG A 294 -53.11 29.15 -41.14
CA ARG A 294 -51.94 29.53 -41.94
C ARG A 294 -51.84 31.04 -42.09
N GLU A 295 -52.98 31.73 -42.10
CA GLU A 295 -52.96 33.18 -42.24
C GLU A 295 -52.38 33.86 -41.00
N VAL A 296 -52.72 33.37 -39.82
CA VAL A 296 -52.37 34.09 -38.59
C VAL A 296 -51.40 33.30 -37.72
N ALA A 297 -51.80 32.10 -37.28
CA ALA A 297 -51.02 31.38 -36.28
C ALA A 297 -49.74 30.80 -36.87
N PHE A 298 -49.77 30.37 -38.13
CA PHE A 298 -48.56 29.84 -38.76
C PHE A 298 -47.49 30.91 -38.89
N GLU A 299 -47.88 32.14 -39.18
CA GLU A 299 -46.94 33.26 -39.17
C GLU A 299 -46.68 33.78 -37.76
N TYR A 300 -47.50 33.39 -36.78
CA TYR A 300 -47.25 33.79 -35.41
C TYR A 300 -45.95 33.23 -34.86
N CYS A 301 -45.45 32.13 -35.42
CA CYS A 301 -44.16 31.60 -35.01
C CYS A 301 -43.07 32.65 -35.20
N GLN A 302 -43.00 33.24 -36.40
CA GLN A 302 -42.06 34.33 -36.62
C GLN A 302 -42.53 35.61 -35.96
N ARG A 303 -43.85 35.79 -35.80
CA ARG A 303 -44.37 36.98 -35.13
C ARG A 303 -43.97 37.04 -33.67
N LEU A 304 -43.59 35.90 -33.07
CA LEU A 304 -42.92 35.94 -31.78
C LEU A 304 -41.61 36.73 -31.88
N LEU A 305 -41.07 36.88 -33.07
CA LEU A 305 -39.83 37.62 -33.31
C LEU A 305 -39.96 38.71 -34.36
N GLU A 306 -40.61 38.44 -35.49
CA GLU A 306 -40.57 39.33 -36.65
C GLU A 306 -41.91 39.99 -36.96
N GLN A 307 -42.95 39.18 -37.14
CA GLN A 307 -44.24 39.71 -37.57
C GLN A 307 -45.07 40.19 -36.39
N ASP A 317 -38.27 43.93 -23.99
CA ASP A 317 -38.22 43.69 -25.42
C ASP A 317 -36.79 43.42 -25.88
N SER A 318 -35.90 43.20 -24.90
CA SER A 318 -34.51 42.90 -25.19
C SER A 318 -34.13 41.49 -24.75
N ASP A 319 -34.30 41.15 -23.46
CA ASP A 319 -34.00 39.80 -23.02
C ASP A 319 -35.08 38.82 -23.47
N LEU A 320 -36.35 39.22 -23.36
CA LEU A 320 -37.42 38.37 -23.88
C LEU A 320 -37.33 38.25 -25.40
N GLN A 321 -36.81 39.27 -26.08
CA GLN A 321 -36.60 39.15 -27.52
C GLN A 321 -35.60 38.06 -27.83
N LYS A 322 -34.51 37.99 -27.06
CA LYS A 322 -33.55 36.90 -27.24
C LYS A 322 -34.19 35.57 -26.90
N ALA A 323 -34.95 35.51 -25.81
CA ALA A 323 -35.61 34.27 -25.42
C ALA A 323 -36.66 33.82 -26.43
N CYS A 324 -37.17 34.73 -27.26
CA CYS A 324 -38.21 34.40 -28.23
C CYS A 324 -37.68 34.14 -29.63
N LEU A 325 -36.52 34.69 -29.98
CA LEU A 325 -35.94 34.39 -31.29
C LEU A 325 -35.67 32.91 -31.43
N VAL A 326 -35.09 32.30 -30.40
CA VAL A 326 -34.76 30.88 -30.45
C VAL A 326 -36.04 30.05 -30.56
N GLU A 327 -37.08 30.43 -29.82
CA GLU A 327 -38.35 29.73 -29.93
C GLU A 327 -38.92 29.83 -31.33
N ALA A 328 -38.82 31.02 -31.94
CA ALA A 328 -39.33 31.21 -33.29
C ALA A 328 -38.59 30.32 -34.29
N VAL A 329 -37.27 30.28 -34.20
CA VAL A 329 -36.49 29.47 -35.13
C VAL A 329 -36.78 27.98 -34.91
N SER A 330 -36.89 27.56 -33.65
CA SER A 330 -37.18 26.16 -33.37
C SER A 330 -38.57 25.77 -33.87
N VAL A 331 -39.56 26.66 -33.72
CA VAL A 331 -40.89 26.38 -34.24
C VAL A 331 -40.88 26.33 -35.76
N LEU A 332 -40.08 27.19 -36.39
CA LEU A 332 -39.97 27.13 -37.85
C LEU A 332 -39.37 25.80 -38.28
N ASP A 333 -38.33 25.34 -37.59
CA ASP A 333 -37.73 24.05 -37.91
C ASP A 333 -38.72 22.90 -37.67
N VAL A 334 -39.55 23.01 -36.63
CA VAL A 334 -40.58 22.01 -36.39
C VAL A 334 -41.57 22.00 -37.55
N LEU A 335 -41.92 23.17 -38.06
CA LEU A 335 -42.80 23.24 -39.23
C LEU A 335 -42.14 22.61 -40.45
N CYS A 336 -40.82 22.79 -40.59
CA CYS A 336 -40.10 22.10 -41.66
C CYS A 336 -40.20 20.60 -41.50
N ARG A 337 -40.05 20.10 -40.27
CA ARG A 337 -40.11 18.67 -40.03
C ARG A 337 -41.49 18.12 -40.35
N GLN A 338 -42.53 18.79 -39.87
CA GLN A 338 -43.90 18.36 -40.13
C GLN A 338 -44.36 18.70 -41.54
N ASP A 339 -43.71 19.66 -42.20
CA ASP A 339 -44.08 20.04 -43.55
C ASP A 339 -42.82 20.27 -44.38
N PRO A 340 -42.55 19.40 -45.36
CA PRO A 340 -41.31 19.55 -46.15
C PRO A 340 -41.22 20.88 -46.87
N SER A 341 -42.34 21.46 -47.28
CA SER A 341 -42.30 22.76 -47.95
C SER A 341 -41.85 23.88 -47.02
N PHE A 342 -42.01 23.71 -45.70
CA PHE A 342 -41.61 24.74 -44.76
C PHE A 342 -40.10 24.83 -44.58
N LEU A 343 -39.36 23.81 -45.01
CA LEU A 343 -37.90 23.86 -44.93
C LEU A 343 -37.35 25.00 -45.78
N TYR A 344 -37.85 25.15 -47.00
CA TYR A 344 -37.41 26.24 -47.86
C TYR A 344 -37.83 27.58 -47.29
N ARG A 345 -39.02 27.67 -46.71
CA ARG A 345 -39.48 28.92 -46.12
C ARG A 345 -38.59 29.34 -44.96
N THR A 346 -38.24 28.39 -44.08
CA THR A 346 -37.38 28.73 -42.96
C THR A 346 -35.97 29.04 -43.42
N LEU A 347 -35.48 28.35 -44.46
CA LEU A 347 -34.17 28.68 -45.00
C LEU A 347 -34.15 30.09 -45.56
N SER A 348 -35.21 30.49 -46.28
CA SER A 348 -35.29 31.85 -46.80
C SER A 348 -35.39 32.86 -45.66
N CYS A 349 -36.13 32.53 -44.60
CA CYS A 349 -36.22 33.42 -43.45
C CYS A 349 -34.86 33.61 -42.80
N LEU A 350 -34.10 32.52 -42.65
CA LEU A 350 -32.75 32.63 -42.10
C LEU A 350 -31.84 33.44 -43.01
N LYS A 351 -31.96 33.26 -44.33
CA LYS A 351 -31.14 34.03 -45.26
C LYS A 351 -31.47 35.51 -45.15
N ALA A 352 -32.75 35.86 -45.03
CA ALA A 352 -33.13 37.25 -44.82
C ALA A 352 -32.60 37.77 -43.49
N LEU A 353 -32.67 36.95 -42.45
CA LEU A 353 -32.17 37.35 -41.14
C LEU A 353 -30.67 37.54 -41.15
N HIS A 354 -29.96 36.88 -42.07
CA HIS A 354 -28.51 36.96 -42.14
C HIS A 354 -27.99 38.38 -42.31
N ARG A 355 -28.86 39.36 -42.59
CA ARG A 355 -28.43 40.74 -42.65
C ARG A 355 -27.95 41.23 -41.29
N ARG A 356 -28.63 40.83 -40.22
CA ARG A 356 -28.29 41.25 -38.87
C ARG A 356 -27.82 40.11 -37.97
N LEU A 357 -28.39 38.92 -38.11
CA LEU A 357 -27.99 37.79 -37.28
C LEU A 357 -26.50 37.50 -37.42
N GLY A 358 -25.93 37.76 -38.58
CA GLY A 358 -24.51 37.68 -38.78
C GLY A 358 -23.75 38.94 -38.45
N GLU A 359 -24.44 40.00 -38.01
CA GLU A 359 -23.77 41.26 -37.71
C GLU A 359 -24.28 41.95 -36.46
N ASP A 360 -25.09 41.29 -35.63
CA ASP A 360 -25.62 41.92 -34.43
C ASP A 360 -25.05 41.24 -33.19
N PRO A 361 -24.10 41.86 -32.50
CA PRO A 361 -23.56 41.26 -31.27
C PRO A 361 -24.65 41.11 -30.22
N GLY A 362 -24.52 40.07 -29.40
CA GLY A 362 -25.52 39.70 -28.44
C GLY A 362 -26.64 38.85 -28.98
N SER A 363 -26.65 38.56 -30.28
CA SER A 363 -27.67 37.73 -30.92
C SER A 363 -27.06 36.51 -31.60
N GLU A 364 -25.86 36.11 -31.19
CA GLU A 364 -25.18 35.02 -31.87
C GLU A 364 -25.78 33.67 -31.54
N ARG A 365 -26.54 33.57 -30.45
CA ARG A 365 -27.08 32.28 -30.03
C ARG A 365 -28.20 31.79 -30.94
N ALA A 366 -28.81 32.69 -31.72
CA ALA A 366 -29.93 32.30 -32.57
C ALA A 366 -29.47 31.55 -33.81
N LEU A 367 -28.17 31.51 -34.10
CA LEU A 367 -27.69 30.79 -35.26
C LEU A 367 -27.58 29.29 -35.02
N VAL A 368 -27.38 28.87 -33.76
CA VAL A 368 -27.32 27.43 -33.46
C VAL A 368 -28.58 26.71 -33.91
N PRO A 369 -29.79 27.18 -33.58
CA PRO A 369 -30.97 26.56 -34.21
C PRO A 369 -31.01 26.77 -35.71
N LEU A 370 -30.49 27.90 -36.22
CA LEU A 370 -30.40 28.08 -37.66
C LEU A 370 -29.45 27.07 -38.29
N ALA A 371 -28.31 26.82 -37.64
CA ALA A 371 -27.39 25.79 -38.12
C ALA A 371 -28.04 24.42 -38.09
N GLN A 372 -28.78 24.11 -37.04
CA GLN A 372 -29.48 22.83 -36.97
C GLN A 372 -30.51 22.72 -38.09
N PHE A 373 -31.26 23.80 -38.35
CA PHE A 373 -32.22 23.79 -39.44
C PHE A 373 -31.55 23.57 -40.79
N PHE A 374 -30.41 24.22 -41.01
CA PHE A 374 -29.65 24.02 -42.24
C PHE A 374 -29.11 22.60 -42.38
N LEU A 375 -28.62 22.02 -41.28
CA LEU A 375 -28.14 20.64 -41.33
C LEU A 375 -29.27 19.68 -41.65
N ASN A 376 -30.38 19.78 -40.92
CA ASN A 376 -31.54 18.93 -41.20
C ASN A 376 -32.32 19.37 -42.42
N HIS A 377 -32.06 20.57 -42.92
CA HIS A 377 -32.77 21.07 -44.09
C HIS A 377 -31.98 22.20 -44.75
N ALA A 382 -27.42 22.41 -45.11
CA ALA A 382 -26.15 23.05 -44.80
C ALA A 382 -26.22 24.55 -45.08
N MET A 383 -25.76 25.34 -44.12
CA MET A 383 -25.76 26.79 -44.26
C MET A 383 -24.52 27.23 -45.03
N ASP A 384 -24.29 28.54 -45.10
CA ASP A 384 -23.14 29.08 -45.81
C ASP A 384 -21.84 28.56 -45.20
N ALA A 385 -21.10 27.76 -45.98
CA ALA A 385 -19.88 27.15 -45.47
C ALA A 385 -18.84 28.19 -45.10
N GLU A 386 -18.90 29.37 -45.71
CA GLU A 386 -17.93 30.43 -45.43
C GLU A 386 -18.45 31.40 -44.38
N ALA A 387 -19.65 31.96 -44.59
CA ALA A 387 -20.16 32.97 -43.66
C ALA A 387 -20.85 32.33 -42.46
N VAL A 388 -21.95 31.62 -42.69
CA VAL A 388 -22.77 31.15 -41.58
C VAL A 388 -22.11 29.97 -40.88
N TYR A 389 -21.91 28.87 -41.60
CA TYR A 389 -21.23 27.72 -41.01
C TYR A 389 -19.79 28.06 -40.68
N GLY A 390 -19.17 28.95 -41.45
CA GLY A 390 -17.81 29.38 -41.13
C GLY A 390 -17.74 30.05 -39.78
N GLN A 391 -18.68 30.95 -39.48
CA GLN A 391 -18.71 31.56 -38.17
C GLN A 391 -19.09 30.55 -37.10
N LEU A 392 -19.99 29.63 -37.42
CA LEU A 392 -20.43 28.64 -36.44
C LEU A 392 -19.29 27.71 -36.03
N LEU A 393 -18.38 27.43 -36.96
CA LEU A 393 -17.28 26.50 -36.67
C LEU A 393 -16.02 27.21 -36.19
N ARG A 394 -15.64 28.33 -36.81
CA ARG A 394 -14.39 29.00 -36.49
C ARG A 394 -14.51 30.49 -36.23
N GLY A 395 -15.57 31.15 -36.69
CA GLY A 395 -15.71 32.58 -36.45
C GLY A 395 -16.15 32.93 -35.04
N LEU A 396 -17.27 32.36 -34.62
CA LEU A 396 -17.76 32.59 -33.26
C LEU A 396 -16.77 32.17 -32.18
N PRO A 397 -16.16 30.98 -32.21
CA PRO A 397 -15.34 30.56 -31.06
C PRO A 397 -14.10 31.39 -30.83
N SER A 398 -13.66 32.19 -31.80
CA SER A 398 -12.48 33.02 -31.63
C SER A 398 -12.80 34.41 -31.11
N GLU A 399 -14.08 34.74 -30.88
CA GLU A 399 -14.46 36.06 -30.42
C GLU A 399 -15.31 35.99 -29.16
N ARG A 400 -16.14 34.95 -29.05
CA ARG A 400 -17.08 34.80 -27.95
C ARG A 400 -16.93 33.42 -27.32
N PHE A 401 -15.69 33.06 -26.99
CA PHE A 401 -15.41 31.80 -26.32
C PHE A 401 -15.55 31.90 -24.81
N HIS A 402 -15.96 33.06 -24.28
CA HIS A 402 -16.07 33.25 -22.84
C HIS A 402 -17.51 33.18 -22.35
N SER A 403 -18.44 32.71 -23.18
CA SER A 403 -19.83 32.51 -22.77
C SER A 403 -20.08 31.03 -22.57
N PRO A 404 -20.24 30.55 -21.34
CA PRO A 404 -20.28 29.11 -21.10
C PRO A 404 -21.53 28.41 -21.60
N THR A 405 -22.58 29.15 -21.96
CA THR A 405 -23.80 28.53 -22.49
C THR A 405 -23.84 28.53 -24.00
N LEU A 406 -23.27 29.55 -24.64
CA LEU A 406 -23.18 29.57 -26.10
C LEU A 406 -22.32 28.43 -26.61
N ALA A 407 -21.21 28.15 -25.92
CA ALA A 407 -20.32 27.08 -26.34
C ALA A 407 -21.00 25.73 -26.26
N PHE A 408 -21.80 25.51 -25.22
CA PHE A 408 -22.57 24.27 -25.13
C PHE A 408 -23.51 24.11 -26.29
N GLU A 409 -24.21 25.17 -26.67
CA GLU A 409 -25.12 25.09 -27.82
C GLU A 409 -24.35 24.73 -29.08
N VAL A 410 -23.21 25.36 -29.32
CA VAL A 410 -22.48 25.11 -30.56
C VAL A 410 -22.00 23.68 -30.62
N ILE A 411 -21.30 23.21 -29.59
CA ILE A 411 -20.74 21.87 -29.66
C ILE A 411 -21.84 20.81 -29.59
N HIS A 412 -22.96 21.09 -28.93
CA HIS A 412 -24.05 20.13 -28.92
C HIS A 412 -24.74 20.03 -30.26
N PHE A 413 -24.87 21.14 -30.99
CA PHE A 413 -25.31 21.02 -32.38
C PHE A 413 -24.33 20.18 -33.18
N CYS A 414 -23.04 20.34 -32.90
CA CYS A 414 -22.04 19.57 -33.63
C CYS A 414 -22.13 18.07 -33.35
N THR A 415 -22.40 17.68 -32.11
CA THR A 415 -22.42 16.26 -31.74
C THR A 415 -23.81 15.63 -31.77
N HIS A 416 -24.85 16.40 -32.05
CA HIS A 416 -26.19 15.85 -32.08
C HIS A 416 -26.67 15.57 -33.49
N ASN A 417 -25.98 16.07 -34.50
CA ASN A 417 -26.31 15.83 -35.89
C ASN A 417 -25.10 15.32 -36.65
N LEU A 418 -24.16 14.68 -35.95
CA LEU A 418 -23.05 14.03 -36.61
C LEU A 418 -23.50 12.80 -37.38
N ALA A 419 -24.62 12.21 -36.98
CA ALA A 419 -25.15 11.05 -37.71
C ALA A 419 -25.60 11.46 -39.11
N LEU A 420 -26.24 12.62 -39.24
CA LEU A 420 -26.71 13.12 -40.52
C LEU A 420 -25.69 14.03 -41.21
N PHE A 421 -24.40 13.83 -40.92
CA PHE A 421 -23.38 14.69 -41.52
C PHE A 421 -23.19 14.36 -42.99
N ASP A 422 -22.84 15.39 -43.76
CA ASP A 422 -22.57 15.26 -45.19
C ASP A 422 -21.07 15.35 -45.45
N SER A 423 -20.69 15.01 -46.69
CA SER A 423 -19.27 15.01 -47.05
C SER A 423 -18.67 16.41 -46.95
N HIS A 424 -19.37 17.41 -47.51
CA HIS A 424 -18.88 18.78 -47.43
C HIS A 424 -18.88 19.27 -45.98
N PHE A 425 -19.94 18.94 -45.23
CA PHE A 425 -19.96 19.27 -43.82
C PHE A 425 -18.85 18.55 -43.06
N LEU A 426 -18.58 17.30 -43.43
CA LEU A 426 -17.48 16.57 -42.81
C LEU A 426 -16.15 17.27 -43.07
N SER A 427 -15.94 17.72 -44.30
CA SER A 427 -14.71 18.45 -44.60
C SER A 427 -14.63 19.75 -43.82
N LEU A 428 -15.76 20.46 -43.69
CA LEU A 428 -15.77 21.71 -42.94
C LEU A 428 -15.41 21.47 -41.47
N LEU A 429 -16.09 20.54 -40.82
CA LEU A 429 -15.80 20.24 -39.42
C LEU A 429 -14.42 19.64 -39.25
N ARG A 430 -13.85 19.05 -40.30
CA ARG A 430 -12.48 18.56 -40.25
C ARG A 430 -11.46 19.66 -40.52
N LEU A 431 -11.90 20.81 -41.03
CA LEU A 431 -10.97 21.89 -41.35
C LEU A 431 -10.62 22.76 -40.14
N SER A 432 -11.61 23.12 -39.33
CA SER A 432 -11.46 24.15 -38.29
C SER A 432 -11.34 23.58 -36.89
N PHE A 433 -10.60 22.49 -36.71
CA PHE A 433 -10.53 21.89 -35.38
C PHE A 433 -9.69 22.69 -34.36
N PRO A 434 -8.60 23.38 -34.76
CA PRO A 434 -7.90 24.21 -33.75
C PRO A 434 -8.76 25.31 -33.17
N SER A 435 -9.68 25.88 -33.96
CA SER A 435 -10.58 26.90 -33.43
C SER A 435 -11.65 26.27 -32.54
N LEU A 436 -12.21 25.13 -32.96
CA LEU A 436 -13.14 24.42 -32.09
C LEU A 436 -12.49 24.05 -30.77
N PHE A 437 -11.16 23.90 -30.76
CA PHE A 437 -10.43 23.65 -29.54
C PHE A 437 -10.45 24.85 -28.59
N LYS A 438 -10.77 26.05 -29.08
CA LYS A 438 -10.82 27.21 -28.22
C LYS A 438 -11.86 27.03 -27.12
N PHE A 439 -13.03 26.50 -27.49
CA PHE A 439 -14.08 26.25 -26.51
C PHE A 439 -13.62 25.26 -25.45
N LEU A 440 -12.98 24.17 -25.88
CA LEU A 440 -12.46 23.22 -24.90
C LEU A 440 -11.39 23.86 -24.02
N ALA A 441 -10.68 24.85 -24.54
CA ALA A 441 -9.74 25.58 -23.71
C ALA A 441 -10.47 26.41 -22.67
N TRP A 442 -11.57 27.05 -23.06
CA TRP A 442 -12.26 28.02 -22.24
C TRP A 442 -13.46 27.43 -21.48
N ASN A 443 -14.19 26.52 -22.10
CA ASN A 443 -15.44 25.99 -21.58
C ASN A 443 -15.39 24.48 -21.51
N SER A 444 -14.32 23.95 -20.94
CA SER A 444 -14.08 22.51 -21.00
C SER A 444 -15.14 21.68 -20.27
N PRO A 445 -15.53 21.98 -19.02
CA PRO A 445 -16.39 21.04 -18.27
C PRO A 445 -17.68 20.69 -18.98
N PRO A 446 -18.38 21.64 -19.62
CA PRO A 446 -19.60 21.26 -20.33
C PRO A 446 -19.43 20.85 -21.78
N LEU A 447 -18.20 20.65 -22.27
CA LEU A 447 -17.97 20.36 -23.68
C LEU A 447 -17.02 19.22 -23.96
N THR A 448 -16.30 18.71 -22.97
CA THR A 448 -15.37 17.61 -23.19
C THR A 448 -16.08 16.28 -23.34
N ALA A 449 -17.17 16.08 -22.60
CA ALA A 449 -17.97 14.86 -22.59
C ALA A 449 -18.81 14.74 -23.77
N GLU A 450 -18.47 15.60 -24.68
CA GLU A 450 -19.07 15.88 -25.97
C GLU A 450 -18.05 15.82 -27.09
N PHE A 451 -16.85 16.36 -26.87
CA PHE A 451 -15.75 16.12 -27.81
C PHE A 451 -15.37 14.65 -27.83
N VAL A 452 -15.55 13.93 -26.71
CA VAL A 452 -15.21 12.51 -26.72
C VAL A 452 -16.02 11.77 -27.77
N VAL A 453 -17.24 12.23 -28.06
CA VAL A 453 -18.01 11.66 -29.14
C VAL A 453 -17.63 12.31 -30.47
N LEU A 454 -17.34 13.62 -30.46
CA LEU A 454 -17.10 14.31 -31.73
C LEU A 454 -15.80 13.88 -32.41
N LEU A 455 -14.73 13.68 -31.63
CA LEU A 455 -13.40 13.50 -32.23
C LEU A 455 -13.32 12.36 -33.23
N PRO A 456 -13.81 11.14 -32.94
CA PRO A 456 -13.81 10.10 -33.97
C PRO A 456 -14.73 10.39 -35.14
N ALA A 457 -15.38 11.55 -35.21
CA ALA A 457 -16.30 11.86 -36.28
C ALA A 457 -15.74 12.88 -37.27
N LEU A 458 -14.47 13.27 -37.15
CA LEU A 458 -13.88 14.19 -38.11
C LEU A 458 -12.44 13.79 -38.42
N VAL A 459 -12.13 12.51 -38.37
CA VAL A 459 -10.78 12.03 -38.62
C VAL A 459 -10.51 12.05 -40.12
N ASP A 460 -9.40 12.69 -40.52
CA ASP A 460 -8.97 12.74 -41.91
C ASP A 460 -7.71 11.90 -42.10
N ALA A 461 -7.23 11.86 -43.34
CA ALA A 461 -6.13 10.96 -43.68
C ALA A 461 -4.81 11.42 -43.07
N GLY A 462 -4.48 12.69 -43.23
CA GLY A 462 -3.16 13.16 -42.84
C GLY A 462 -3.15 14.18 -41.72
N THR A 463 -4.32 14.63 -41.27
CA THR A 463 -4.40 15.64 -40.24
C THR A 463 -3.90 15.14 -38.89
N ALA A 464 -3.78 13.83 -38.71
CA ALA A 464 -3.38 13.28 -37.42
C ALA A 464 -2.00 13.78 -37.00
N VAL A 465 -1.07 13.86 -37.96
CA VAL A 465 0.30 14.28 -37.67
C VAL A 465 0.33 15.71 -37.16
N GLU A 466 -0.69 16.52 -37.50
CA GLU A 466 -0.84 17.83 -36.91
C GLU A 466 -1.86 17.87 -35.78
N MET A 467 -2.88 17.00 -35.83
CA MET A 467 -3.91 16.99 -34.79
C MET A 467 -3.34 16.59 -33.45
N LEU A 468 -2.35 15.70 -33.42
CA LEU A 468 -1.71 15.37 -32.16
C LEU A 468 -1.06 16.61 -31.55
N HIS A 469 -0.42 17.44 -32.38
CA HIS A 469 0.19 18.66 -31.88
C HIS A 469 -0.87 19.68 -31.45
N ALA A 470 -1.98 19.74 -32.18
CA ALA A 470 -3.06 20.63 -31.79
C ALA A 470 -3.60 20.25 -30.42
N LEU A 471 -3.78 18.96 -30.17
CA LEU A 471 -4.15 18.50 -28.83
C LEU A 471 -3.04 18.80 -27.83
N LEU A 472 -1.78 18.73 -28.27
CA LEU A 472 -0.67 18.90 -27.36
C LEU A 472 -0.52 20.33 -26.87
N ASP A 473 -0.89 21.31 -27.70
CA ASP A 473 -0.70 22.73 -27.37
C ASP A 473 -1.99 23.40 -26.91
N LEU A 474 -2.85 22.69 -26.17
CA LEU A 474 -4.16 23.22 -25.81
C LEU A 474 -4.11 24.15 -24.59
N PRO A 475 -3.44 23.78 -23.49
CA PRO A 475 -3.30 24.76 -22.40
C PRO A 475 -2.62 26.05 -22.84
N CYS A 476 -1.64 25.98 -23.73
CA CYS A 476 -1.04 27.19 -24.29
C CYS A 476 -2.06 27.96 -25.12
N LEU A 477 -3.00 27.26 -25.77
CA LEU A 477 -4.07 27.96 -26.46
C LEU A 477 -4.90 28.77 -25.49
N THR A 478 -5.24 28.19 -24.35
CA THR A 478 -6.00 28.93 -23.34
C THR A 478 -5.22 30.16 -22.85
N ALA A 479 -3.92 29.98 -22.58
CA ALA A 479 -3.11 31.10 -22.10
C ALA A 479 -3.01 32.20 -23.14
N ALA A 480 -2.87 31.83 -24.42
CA ALA A 480 -2.80 32.83 -25.48
C ALA A 480 -4.10 33.59 -25.60
N LEU A 481 -5.24 32.92 -25.47
CA LEU A 481 -6.52 33.63 -25.49
C LEU A 481 -6.65 34.58 -24.30
N ASP A 482 -6.14 34.17 -23.14
CA ASP A 482 -6.17 35.04 -21.97
C ASP A 482 -5.36 36.32 -22.21
N LEU A 483 -4.15 36.18 -22.74
CA LEU A 483 -3.39 37.38 -23.12
C LEU A 483 -4.16 38.21 -24.15
N GLN A 484 -4.82 37.55 -25.10
CA GLN A 484 -5.58 38.29 -26.09
C GLN A 484 -6.65 39.15 -25.43
N LEU A 485 -7.29 38.62 -24.39
CA LEU A 485 -8.26 39.41 -23.64
C LEU A 485 -7.58 40.58 -22.91
N ARG A 486 -6.44 40.32 -22.27
CA ARG A 486 -5.83 41.35 -21.43
C ARG A 486 -5.36 42.56 -22.22
N SER A 487 -5.16 42.42 -23.53
CA SER A 487 -4.52 43.45 -24.33
C SER A 487 -5.45 44.08 -25.35
N THR A 488 -6.76 43.91 -25.20
CA THR A 488 -7.70 44.50 -26.15
C THR A 488 -8.96 45.06 -25.50
N GLN A 489 -9.05 45.10 -24.18
CA GLN A 489 -10.31 45.39 -23.51
C GLN A 489 -10.31 46.78 -22.89
N THR A 490 -11.39 47.51 -23.13
CA THR A 490 -11.62 48.76 -22.43
C THR A 490 -11.81 48.47 -20.94
N PRO A 491 -11.22 49.26 -20.06
CA PRO A 491 -11.31 48.95 -18.61
C PRO A 491 -12.72 48.98 -18.05
N SER A 492 -13.68 49.60 -18.74
CA SER A 492 -15.02 49.75 -18.20
C SER A 492 -15.75 48.42 -18.13
N GLU A 493 -15.74 47.66 -19.22
CA GLU A 493 -16.51 46.44 -19.37
C GLU A 493 -15.70 45.21 -18.97
N ARG A 494 -14.45 45.39 -18.56
CA ARG A 494 -13.46 44.31 -18.55
C ARG A 494 -13.84 43.15 -17.62
N LEU A 495 -15.01 43.20 -16.99
CA LEU A 495 -15.42 42.12 -16.10
C LEU A 495 -15.60 40.79 -16.82
N LEU A 496 -15.80 40.80 -18.13
CA LEU A 496 -16.06 39.57 -18.89
C LEU A 496 -14.76 38.99 -19.45
N TRP A 497 -13.81 38.77 -18.54
CA TRP A 497 -12.48 38.30 -18.89
C TRP A 497 -11.72 37.94 -17.62
N ASP A 498 -10.43 37.63 -17.74
CA ASP A 498 -9.55 37.53 -16.59
C ASP A 498 -8.38 38.47 -16.78
N ILE A 499 -8.28 39.48 -15.91
CA ILE A 499 -7.17 40.41 -15.90
C ILE A 499 -6.60 40.46 -14.49
N SER A 500 -6.69 39.33 -13.77
CA SER A 500 -6.36 39.26 -12.35
C SER A 500 -5.21 38.32 -12.05
N LEU A 501 -4.15 38.37 -12.86
CA LEU A 501 -2.96 37.55 -12.62
C LEU A 501 -1.74 38.30 -13.16
N ARG A 502 -0.63 37.59 -13.30
CA ARG A 502 0.65 38.20 -13.66
C ARG A 502 0.68 38.66 -15.11
N VAL A 503 0.46 39.96 -15.31
CA VAL A 503 0.39 40.55 -16.66
C VAL A 503 1.75 40.86 -17.27
N PRO A 504 2.67 41.55 -16.57
CA PRO A 504 3.62 42.40 -17.29
C PRO A 504 4.56 41.66 -18.23
N SER A 505 5.15 40.54 -17.78
CA SER A 505 6.10 39.83 -18.63
C SER A 505 5.43 39.30 -19.90
N CYS A 506 4.27 38.66 -19.74
CA CYS A 506 3.59 38.09 -20.90
C CYS A 506 3.08 39.17 -21.84
N LEU A 507 2.54 40.26 -21.30
CA LEU A 507 2.08 41.36 -22.15
C LEU A 507 3.23 41.99 -22.91
N GLU A 508 4.38 42.17 -22.25
CA GLU A 508 5.56 42.67 -22.95
C GLU A 508 5.98 41.70 -24.04
N ALA A 509 5.93 40.39 -23.76
CA ALA A 509 6.32 39.40 -24.76
C ALA A 509 5.34 39.34 -25.92
N PHE A 510 4.09 39.75 -25.70
CA PHE A 510 3.13 39.83 -26.79
C PHE A 510 3.57 40.83 -27.84
N GLN A 511 4.08 41.99 -27.40
CA GLN A 511 4.55 43.02 -28.32
C GLN A 511 5.99 42.79 -28.76
N ASP A 512 6.66 41.79 -28.22
CA ASP A 512 8.04 41.49 -28.62
C ASP A 512 8.03 40.86 -30.01
N PRO A 513 8.72 41.46 -31.00
CA PRO A 513 8.63 40.94 -32.37
C PRO A 513 9.25 39.57 -32.56
N GLN A 514 9.94 39.02 -31.55
CA GLN A 514 10.47 37.67 -31.66
C GLN A 514 9.38 36.64 -31.85
N PHE A 515 8.16 36.92 -31.41
CA PHE A 515 7.08 35.94 -31.34
C PHE A 515 5.81 36.45 -31.98
N GLN A 516 5.92 37.10 -33.14
CA GLN A 516 4.77 37.68 -33.82
C GLN A 516 4.13 36.74 -34.84
N GLY A 517 4.73 35.58 -35.09
CA GLY A 517 4.18 34.66 -36.06
C GLY A 517 3.77 33.34 -35.44
N LEU A 518 4.50 32.92 -34.41
CA LEU A 518 4.15 31.68 -33.72
C LEU A 518 2.83 31.79 -32.98
N PHE A 519 2.58 32.95 -32.35
CA PHE A 519 1.29 33.16 -31.69
C PHE A 519 0.16 33.18 -32.71
N ARG A 520 0.40 33.74 -33.89
CA ARG A 520 -0.60 33.74 -34.96
C ARG A 520 -0.84 32.35 -35.53
N HIS A 521 -0.04 31.36 -35.14
CA HIS A 521 -0.28 29.96 -35.47
C HIS A 521 -0.92 29.18 -34.33
N LEU A 522 -0.53 29.47 -33.08
CA LEU A 522 -1.19 28.84 -31.93
C LEU A 522 -2.64 29.29 -31.84
N LEU A 523 -2.88 30.60 -31.95
CA LEU A 523 -4.20 31.20 -31.93
C LEU A 523 -4.90 31.11 -33.27
N ARG A 524 -4.44 30.25 -34.17
CA ARG A 524 -4.96 30.27 -35.52
C ARG A 524 -6.41 29.80 -35.57
N THR A 525 -7.12 30.26 -36.58
CA THR A 525 -8.44 29.75 -36.90
C THR A 525 -8.40 28.56 -37.84
N LYS A 526 -7.22 28.18 -38.30
CA LYS A 526 -7.09 27.09 -39.26
C LYS A 526 -5.74 26.41 -39.07
N ALA A 527 -5.65 25.19 -39.60
CA ALA A 527 -4.40 24.42 -39.59
C ALA A 527 -4.26 23.80 -40.99
N SER A 528 -3.40 24.42 -41.81
CA SER A 528 -3.16 23.99 -43.18
C SER A 528 -1.68 23.80 -43.42
N GLY A 529 -1.01 23.14 -42.47
CA GLY A 529 0.42 22.94 -42.54
C GLY A 529 1.05 23.01 -41.16
N SER A 530 1.87 22.02 -40.82
CA SER A 530 2.39 21.93 -39.46
C SER A 530 3.31 23.11 -39.16
N THR A 531 3.38 23.46 -37.89
CA THR A 531 4.18 24.59 -37.41
C THR A 531 5.31 24.10 -36.54
N GLU A 532 6.03 25.04 -35.95
CA GLU A 532 7.24 24.73 -35.20
C GLU A 532 6.90 24.34 -33.76
N ARG A 533 7.91 23.84 -33.07
CA ARG A 533 7.75 23.44 -31.68
C ARG A 533 7.42 24.64 -30.80
N LEU A 534 6.52 24.43 -29.85
CA LEU A 534 6.06 25.50 -28.97
C LEU A 534 6.98 25.74 -27.80
N THR A 535 8.24 25.30 -27.88
CA THR A 535 9.18 25.58 -26.79
C THR A 535 9.38 27.07 -26.55
N PRO A 536 9.66 27.91 -27.57
CA PRO A 536 9.80 29.34 -27.29
C PRO A 536 8.57 29.95 -26.63
N LEU A 537 7.38 29.73 -27.21
CA LEU A 537 6.16 30.23 -26.61
C LEU A 537 5.91 29.60 -25.24
N HIS A 538 6.41 28.38 -25.02
CA HIS A 538 6.32 27.79 -23.69
C HIS A 538 7.13 28.58 -22.68
N GLN A 539 8.34 28.99 -23.05
CA GLN A 539 9.12 29.85 -22.16
C GLN A 539 8.50 31.23 -22.01
N VAL A 540 7.77 31.69 -23.03
CA VAL A 540 7.07 32.97 -22.92
C VAL A 540 5.98 32.89 -21.86
N LEU A 541 5.20 31.80 -21.85
CA LEU A 541 4.00 31.69 -21.04
C LEU A 541 4.22 30.92 -19.75
N LYS A 542 5.45 30.93 -19.23
CA LYS A 542 5.68 30.46 -17.85
C LYS A 542 4.77 31.11 -16.82
N PRO A 543 4.62 32.44 -16.75
CA PRO A 543 3.85 33.02 -15.64
C PRO A 543 2.40 32.58 -15.58
N MET A 544 1.75 32.33 -16.72
CA MET A 544 0.31 32.11 -16.74
C MET A 544 -0.07 30.64 -16.95
N ALA A 545 0.88 29.80 -17.32
CA ALA A 545 0.60 28.39 -17.61
C ALA A 545 0.05 27.64 -16.40
N SER A 546 -0.15 28.32 -15.27
CA SER A 546 -0.81 27.74 -14.11
C SER A 546 -2.13 28.45 -13.78
N CYS A 547 -2.79 29.03 -14.77
CA CYS A 547 -4.10 29.62 -14.56
C CYS A 547 -5.12 28.53 -14.24
N ALA A 548 -6.26 28.95 -13.69
CA ALA A 548 -7.35 28.02 -13.43
C ALA A 548 -7.95 27.49 -14.73
N ARG A 549 -8.11 28.36 -15.72
CA ARG A 549 -8.71 27.92 -16.98
C ARG A 549 -7.76 27.04 -17.78
N VAL A 550 -6.48 27.36 -17.78
CA VAL A 550 -5.49 26.51 -18.43
C VAL A 550 -5.43 25.14 -17.77
N THR A 551 -5.46 25.12 -16.43
CA THR A 551 -5.52 23.86 -15.72
C THR A 551 -6.81 23.10 -16.02
N GLN A 552 -7.91 23.82 -16.27
CA GLN A 552 -9.14 23.16 -16.70
C GLN A 552 -8.96 22.47 -18.05
N CYS A 553 -8.41 23.21 -19.02
CA CYS A 553 -8.22 22.66 -20.35
C CYS A 553 -7.22 21.51 -20.35
N ALA A 554 -6.26 21.51 -19.42
CA ALA A 554 -5.26 20.46 -19.37
C ALA A 554 -5.83 19.09 -19.04
N GLU A 555 -7.01 19.01 -18.43
CA GLU A 555 -7.57 17.74 -18.00
C GLU A 555 -8.47 17.09 -19.03
N ALA A 556 -8.74 17.76 -20.15
CA ALA A 556 -9.55 17.19 -21.22
C ALA A 556 -8.72 16.72 -22.41
N VAL A 557 -7.40 16.85 -22.35
CA VAL A 557 -6.52 16.44 -23.45
C VAL A 557 -6.25 14.93 -23.41
N PRO A 558 -5.98 14.31 -22.26
CA PRO A 558 -5.75 12.85 -22.28
C PRO A 558 -6.90 12.06 -22.89
N VAL A 559 -8.13 12.34 -22.49
CA VAL A 559 -9.26 11.56 -22.97
C VAL A 559 -9.48 11.81 -24.46
N LEU A 560 -9.31 13.06 -24.90
CA LEU A 560 -9.43 13.35 -26.32
C LEU A 560 -8.33 12.65 -27.12
N LEU A 561 -7.12 12.56 -26.56
CA LEU A 561 -6.05 11.81 -27.19
C LEU A 561 -6.42 10.35 -27.35
N GLN A 562 -6.97 9.76 -26.29
CA GLN A 562 -7.38 8.36 -26.37
C GLN A 562 -8.43 8.15 -27.44
N ALA A 563 -9.41 9.05 -27.50
CA ALA A 563 -10.43 8.96 -28.55
C ALA A 563 -9.79 9.03 -29.93
N PHE A 564 -8.88 9.99 -30.14
CA PHE A 564 -8.29 10.18 -31.46
C PHE A 564 -7.44 8.98 -31.87
N PHE A 565 -6.65 8.44 -30.93
CA PHE A 565 -5.83 7.27 -31.25
C PHE A 565 -6.69 6.06 -31.54
N SER A 566 -7.68 5.80 -30.69
CA SER A 566 -8.58 4.68 -30.93
C SER A 566 -9.35 4.85 -32.22
N ALA A 567 -9.49 6.08 -32.72
CA ALA A 567 -10.04 6.29 -34.04
C ALA A 567 -9.02 6.15 -35.15
N VAL A 568 -7.73 6.26 -34.82
CA VAL A 568 -6.67 6.12 -35.80
C VAL A 568 -5.93 4.79 -35.69
N THR A 569 -5.77 4.25 -34.48
CA THR A 569 -5.17 2.93 -34.32
C THR A 569 -5.89 1.88 -35.15
N GLN A 570 -7.19 2.07 -35.37
CA GLN A 570 -7.95 1.23 -36.27
C GLN A 570 -8.05 1.80 -37.69
N THR A 571 -7.39 2.91 -37.97
CA THR A 571 -7.46 3.53 -39.30
C THR A 571 -6.09 3.99 -39.77
N ALA A 572 -5.08 3.12 -39.65
CA ALA A 572 -3.70 3.52 -39.91
C ALA A 572 -3.08 2.65 -41.00
N ASP A 573 -2.13 3.26 -41.72
CA ASP A 573 -1.27 2.56 -42.68
C ASP A 573 0.20 2.87 -42.36
N GLY A 574 1.09 2.48 -43.27
CA GLY A 574 2.52 2.54 -42.96
C GLY A 574 3.03 3.95 -42.77
N ALA A 575 2.67 4.85 -43.68
CA ALA A 575 3.13 6.23 -43.55
C ALA A 575 2.60 6.86 -42.26
N LEU A 576 1.31 6.63 -41.96
CA LEU A 576 0.75 7.17 -40.73
C LEU A 576 1.45 6.59 -39.51
N ILE A 577 1.75 5.29 -39.53
CA ILE A 577 2.41 4.66 -38.40
C ILE A 577 3.77 5.29 -38.15
N ASN A 578 4.56 5.42 -39.21
CA ASN A 578 5.91 5.98 -39.06
C ASN A 578 5.85 7.43 -38.62
N GLN A 579 4.93 8.21 -39.20
CA GLN A 579 4.81 9.61 -38.82
C GLN A 579 4.44 9.75 -37.35
N LEU A 580 3.50 8.93 -36.87
CA LEU A 580 3.10 9.01 -35.47
C LEU A 580 4.24 8.60 -34.55
N ALA A 581 5.00 7.58 -34.94
CA ALA A 581 6.14 7.18 -34.12
C ALA A 581 7.14 8.32 -33.99
N LEU A 582 7.44 8.97 -35.12
CA LEU A 582 8.36 10.11 -35.07
C LEU A 582 7.79 11.24 -34.23
N LEU A 583 6.47 11.47 -34.33
CA LEU A 583 5.82 12.52 -33.56
C LEU A 583 6.02 12.31 -32.07
N LEU A 584 5.79 11.08 -31.60
CA LEU A 584 5.97 10.82 -30.18
C LEU A 584 7.44 10.93 -29.78
N LEU A 585 8.33 10.36 -30.60
CA LEU A 585 9.75 10.45 -30.28
C LEU A 585 10.20 11.89 -30.13
N GLU A 586 9.64 12.80 -30.92
CA GLU A 586 9.94 14.21 -30.75
C GLU A 586 9.32 14.76 -29.47
N ARG A 587 7.98 14.71 -29.39
CA ARG A 587 7.22 15.37 -28.32
C ARG A 587 7.39 14.72 -26.96
N SER A 588 8.26 13.72 -26.81
CA SER A 588 8.45 13.09 -25.50
C SER A 588 8.73 14.11 -24.39
N ASP A 589 9.70 14.99 -24.60
CA ASP A 589 10.09 15.98 -23.60
C ASP A 589 10.10 17.38 -24.20
N SER A 590 9.02 17.72 -24.92
CA SER A 590 8.88 18.99 -25.59
C SER A 590 7.48 19.56 -25.37
N LEU A 591 7.04 19.56 -24.12
CA LEU A 591 5.67 19.91 -23.78
C LEU A 591 5.61 21.21 -22.98
N TYR A 592 4.45 21.87 -23.06
CA TYR A 592 4.20 23.03 -22.22
C TYR A 592 4.15 22.60 -20.76
N PRO A 593 4.84 23.28 -19.89
CA PRO A 593 4.97 22.85 -18.49
C PRO A 593 3.77 23.18 -17.62
N VAL A 594 2.58 22.94 -18.13
CA VAL A 594 1.37 23.05 -17.29
C VAL A 594 1.36 21.91 -16.30
N PRO A 595 1.10 22.16 -15.02
CA PRO A 595 1.22 21.11 -14.01
C PRO A 595 0.33 19.91 -14.33
N GLN A 596 0.90 18.72 -14.15
CA GLN A 596 0.20 17.45 -14.37
C GLN A 596 -0.40 17.38 -15.77
N TYR A 597 0.41 17.71 -16.77
CA TYR A 597 0.03 17.58 -18.17
C TYR A 597 0.90 16.59 -18.92
N GLU A 598 2.23 16.76 -18.87
CA GLU A 598 3.13 15.85 -19.56
C GLU A 598 3.07 14.46 -18.97
N ALA A 599 2.74 14.34 -17.69
CA ALA A 599 2.64 13.04 -17.05
C ALA A 599 1.48 12.21 -17.59
N ARG A 600 0.58 12.81 -18.35
CA ARG A 600 -0.53 12.10 -18.96
C ARG A 600 -0.35 11.90 -20.45
N VAL A 601 0.13 12.93 -21.14
CA VAL A 601 0.44 12.77 -22.57
C VAL A 601 1.54 11.74 -22.76
N HIS A 602 2.54 11.75 -21.87
CA HIS A 602 3.55 10.69 -21.88
C HIS A 602 2.92 9.31 -21.82
N GLY A 603 2.05 9.10 -20.84
CA GLY A 603 1.45 7.79 -20.66
C GLY A 603 0.67 7.34 -21.88
N VAL A 604 -0.20 8.22 -22.38
CA VAL A 604 -1.02 7.86 -23.53
C VAL A 604 -0.14 7.56 -24.74
N LEU A 605 0.78 8.46 -25.06
CA LEU A 605 1.58 8.31 -26.27
C LEU A 605 2.48 7.07 -26.19
N SER A 606 3.10 6.82 -25.05
CA SER A 606 3.96 5.64 -24.93
C SER A 606 3.14 4.36 -25.02
N SER A 607 2.09 4.25 -24.20
CA SER A 607 1.33 3.01 -24.19
C SER A 607 0.53 2.82 -25.46
N GLN A 608 0.45 3.82 -26.32
CA GLN A 608 -0.17 3.61 -27.62
C GLN A 608 0.82 3.44 -28.75
N LEU A 609 2.06 3.92 -28.59
CA LEU A 609 3.12 3.47 -29.48
C LEU A 609 3.35 1.98 -29.30
N LEU A 610 3.18 1.48 -28.07
CA LEU A 610 3.14 0.03 -27.90
C LEU A 610 2.06 -0.59 -28.78
N VAL A 611 0.88 0.03 -28.84
CA VAL A 611 -0.21 -0.52 -29.63
C VAL A 611 0.14 -0.50 -31.09
N LEU A 612 0.81 0.56 -31.55
CA LEU A 612 1.25 0.60 -32.94
C LEU A 612 2.28 -0.49 -33.23
N CYS A 613 3.23 -0.70 -32.32
CA CYS A 613 4.24 -1.73 -32.52
C CYS A 613 3.61 -3.12 -32.57
N LYS A 614 2.62 -3.38 -31.72
CA LYS A 614 1.90 -4.64 -31.80
C LYS A 614 1.00 -4.71 -33.03
N LEU A 615 0.63 -3.57 -33.61
CA LEU A 615 -0.06 -3.61 -34.89
C LEU A 615 0.89 -3.96 -36.02
N LYS A 616 2.13 -3.48 -35.96
CA LYS A 616 3.11 -3.85 -36.97
C LYS A 616 4.46 -4.11 -36.31
N PRO A 617 4.91 -5.36 -36.27
CA PRO A 617 6.15 -5.69 -35.54
C PRO A 617 7.40 -5.04 -36.11
N SER A 618 7.40 -4.63 -37.38
CA SER A 618 8.59 -4.14 -38.06
C SER A 618 8.89 -2.68 -37.77
N LEU A 619 8.20 -2.07 -36.81
CA LEU A 619 8.45 -0.67 -36.50
C LEU A 619 9.88 -0.45 -36.01
N VAL A 620 10.36 -1.33 -35.12
CA VAL A 620 11.74 -1.20 -34.65
C VAL A 620 12.72 -1.43 -35.77
N VAL A 621 12.40 -2.33 -36.71
CA VAL A 621 13.31 -2.63 -37.82
C VAL A 621 13.45 -1.43 -38.74
N GLU A 622 12.33 -0.81 -39.12
CA GLU A 622 12.39 0.32 -40.03
C GLU A 622 12.89 1.59 -39.35
N LEU A 623 13.02 1.60 -38.03
CA LEU A 623 13.35 2.82 -37.29
C LEU A 623 14.72 2.70 -36.64
N SER A 624 15.72 2.23 -37.40
CA SER A 624 17.03 1.97 -36.83
C SER A 624 17.67 3.23 -36.27
N ARG A 625 17.74 4.29 -37.08
CA ARG A 625 18.57 5.45 -36.72
C ARG A 625 18.03 6.18 -35.49
N GLU A 626 16.74 6.51 -35.51
CA GLU A 626 16.15 7.32 -34.44
C GLU A 626 16.20 6.59 -33.12
N LEU A 627 15.76 5.33 -33.11
CA LEU A 627 15.79 4.55 -31.87
C LEU A 627 17.21 4.32 -31.40
N LEU A 628 18.14 4.11 -32.34
CA LEU A 628 19.54 3.91 -31.95
C LEU A 628 20.11 5.14 -31.27
N GLU A 629 19.87 6.32 -31.85
CA GLU A 629 20.33 7.55 -31.23
C GLU A 629 19.68 7.74 -29.87
N PHE A 630 18.38 7.43 -29.77
CA PHE A 630 17.67 7.61 -28.50
C PHE A 630 18.24 6.72 -27.41
N VAL A 631 18.45 5.43 -27.71
CA VAL A 631 18.95 4.53 -26.67
C VAL A 631 20.38 4.89 -26.32
N GLY A 632 21.18 5.28 -27.32
CA GLY A 632 22.57 5.62 -27.07
C GLY A 632 22.78 6.88 -26.25
N SER A 633 21.75 7.71 -26.14
CA SER A 633 21.82 8.92 -25.33
C SER A 633 21.40 8.61 -23.91
N VAL A 634 22.24 8.97 -22.94
CA VAL A 634 21.85 8.86 -21.55
C VAL A 634 20.73 9.84 -21.23
N SER A 635 20.74 11.01 -21.88
CA SER A 635 19.73 12.04 -21.59
C SER A 635 18.32 11.55 -21.86
N SER A 636 18.16 10.60 -22.78
CA SER A 636 16.83 10.03 -23.02
C SER A 636 16.30 9.34 -21.77
N ILE A 637 17.14 8.57 -21.08
CA ILE A 637 16.73 7.96 -19.82
C ILE A 637 16.78 8.94 -18.67
N HIS A 638 17.46 10.08 -18.85
CA HIS A 638 17.55 11.08 -17.80
C HIS A 638 16.44 12.12 -17.88
N SER A 639 15.60 12.08 -18.93
CA SER A 639 14.46 12.99 -19.03
C SER A 639 13.16 12.34 -19.47
N ARG A 640 13.16 11.08 -19.91
CA ARG A 640 11.96 10.39 -20.34
C ARG A 640 11.83 9.07 -19.59
N ALA A 641 11.96 9.14 -18.26
CA ALA A 641 12.16 7.95 -17.42
C ALA A 641 11.05 6.90 -17.56
N SER A 642 9.94 7.20 -18.22
CA SER A 642 8.85 6.25 -18.35
C SER A 642 8.49 5.91 -19.79
N VAL A 643 9.20 6.43 -20.78
CA VAL A 643 8.99 6.05 -22.17
C VAL A 643 10.16 5.20 -22.64
N PHE A 644 11.32 5.37 -21.99
CA PHE A 644 12.52 4.63 -22.38
C PHE A 644 12.32 3.13 -22.20
N THR A 645 11.65 2.74 -21.11
CA THR A 645 11.32 1.33 -20.91
C THR A 645 10.64 0.74 -22.14
N CYS A 646 9.70 1.49 -22.73
CA CYS A 646 8.93 0.97 -23.86
C CYS A 646 9.82 0.74 -25.07
N VAL A 647 10.66 1.72 -25.42
CA VAL A 647 11.46 1.58 -26.63
C VAL A 647 12.52 0.50 -26.46
N VAL A 648 13.13 0.40 -25.28
CA VAL A 648 14.14 -0.63 -25.08
C VAL A 648 13.50 -2.02 -25.06
N TRP A 649 12.29 -2.15 -24.50
CA TRP A 649 11.59 -3.43 -24.56
C TRP A 649 11.23 -3.80 -25.99
N ALA A 650 10.73 -2.84 -26.77
CA ALA A 650 10.39 -3.12 -28.16
C ALA A 650 11.61 -3.51 -28.98
N ILE A 651 12.74 -2.83 -28.77
CA ILE A 651 13.95 -3.17 -29.49
C ILE A 651 14.46 -4.53 -29.06
N GLY A 652 14.40 -4.84 -27.76
CA GLY A 652 14.86 -6.13 -27.30
C GLY A 652 14.04 -7.28 -27.83
N GLU A 653 12.73 -7.06 -28.00
CA GLU A 653 11.87 -8.15 -28.44
C GLU A 653 11.71 -8.21 -29.96
N TYR A 654 11.69 -7.08 -30.63
CA TYR A 654 11.38 -7.04 -32.06
C TYR A 654 12.62 -6.98 -32.95
N LEU A 655 13.73 -7.57 -32.51
CA LEU A 655 14.86 -7.88 -33.39
C LEU A 655 14.74 -9.35 -33.76
N SER A 656 13.79 -9.63 -34.64
CA SER A 656 13.37 -10.99 -34.94
C SER A 656 13.97 -11.44 -36.27
N VAL A 657 14.63 -12.60 -36.26
CA VAL A 657 15.25 -13.11 -37.47
C VAL A 657 14.20 -13.47 -38.51
N THR A 658 13.06 -14.00 -38.08
CA THR A 658 12.01 -14.40 -39.00
C THR A 658 11.02 -13.26 -39.24
N LYS A 661 11.47 -8.83 -44.98
CA LYS A 661 12.59 -9.17 -45.86
C LYS A 661 13.62 -8.04 -45.90
N ARG A 662 13.34 -6.97 -45.16
CA ARG A 662 14.24 -5.82 -45.10
C ARG A 662 15.27 -5.94 -44.00
N CYS A 663 15.22 -6.98 -43.17
CA CYS A 663 16.17 -7.16 -42.09
C CYS A 663 17.53 -7.61 -42.64
N THR A 664 18.59 -7.22 -41.94
CA THR A 664 19.94 -7.66 -42.23
C THR A 664 20.60 -8.13 -40.93
N ALA A 665 21.54 -9.05 -41.06
CA ALA A 665 22.17 -9.64 -39.89
C ALA A 665 22.99 -8.63 -39.09
N GLU A 666 23.52 -7.58 -39.73
CA GLU A 666 24.34 -6.61 -39.04
C GLU A 666 23.52 -5.58 -38.26
N GLN A 667 22.23 -5.46 -38.55
CA GLN A 667 21.39 -4.54 -37.77
C GLN A 667 21.31 -4.98 -36.33
N ILE A 668 21.25 -6.28 -36.09
CA ILE A 668 21.25 -6.78 -34.71
C ILE A 668 22.52 -6.37 -34.00
N ASN A 669 23.66 -6.44 -34.69
CA ASN A 669 24.93 -6.06 -34.09
C ASN A 669 25.00 -4.55 -33.84
N LYS A 670 24.49 -3.75 -34.76
CA LYS A 670 24.48 -2.29 -34.55
C LYS A 670 23.60 -1.90 -33.37
N PHE A 671 22.39 -2.49 -33.31
CA PHE A 671 21.51 -2.24 -32.18
C PHE A 671 22.12 -2.72 -30.88
N PHE A 672 22.83 -3.86 -30.93
CA PHE A 672 23.51 -4.34 -29.74
C PHE A 672 24.63 -3.39 -29.33
N GLU A 673 25.29 -2.76 -30.31
CA GLU A 673 26.29 -1.76 -29.99
C GLU A 673 25.67 -0.57 -29.26
N ALA A 674 24.54 -0.09 -29.77
CA ALA A 674 23.84 1.01 -29.11
C ALA A 674 23.44 0.62 -27.69
N LEU A 675 22.87 -0.59 -27.54
CA LEU A 675 22.44 -1.04 -26.23
C LEU A 675 23.62 -1.22 -25.27
N GLU A 676 24.74 -1.76 -25.77
CA GLU A 676 25.91 -1.93 -24.93
C GLU A 676 26.43 -0.59 -24.45
N ALA A 677 26.51 0.39 -25.35
CA ALA A 677 26.95 1.72 -24.94
C ALA A 677 26.01 2.30 -23.90
N LEU A 678 24.70 2.18 -24.12
CA LEU A 678 23.74 2.71 -23.16
C LEU A 678 23.88 2.03 -21.79
N LEU A 679 24.01 0.70 -21.79
CA LEU A 679 24.11 -0.02 -20.53
C LEU A 679 25.38 0.36 -19.79
N PHE A 680 26.49 0.49 -20.52
CA PHE A 680 27.74 0.91 -19.87
C PHE A 680 27.62 2.30 -19.29
N GLU A 681 27.04 3.24 -20.04
CA GLU A 681 26.96 4.62 -19.58
C GLU A 681 26.01 4.77 -18.40
N VAL A 682 24.81 4.18 -18.51
CA VAL A 682 23.79 4.34 -17.49
C VAL A 682 24.23 3.68 -16.19
N THR A 683 24.72 2.45 -16.27
CA THR A 683 25.23 1.76 -15.09
C THR A 683 26.71 2.08 -14.89
N PRO A 692 15.18 13.36 -13.65
CA PRO A 692 14.80 11.97 -13.44
C PRO A 692 15.66 10.99 -14.24
N CYS A 693 16.69 10.45 -13.61
CA CYS A 693 17.58 9.52 -14.30
C CYS A 693 16.87 8.22 -14.61
N CYS A 694 17.60 7.28 -15.20
CA CYS A 694 17.03 5.98 -15.54
C CYS A 694 16.52 5.29 -14.29
N PRO A 695 15.26 4.91 -14.24
CA PRO A 695 14.71 4.30 -13.02
C PRO A 695 15.12 2.84 -12.92
N PRO A 696 14.84 2.19 -11.78
CA PRO A 696 15.12 0.74 -11.67
C PRO A 696 14.36 -0.10 -12.67
N GLU A 697 13.59 0.51 -13.55
CA GLU A 697 12.96 -0.21 -14.65
C GLU A 697 13.83 -0.23 -15.89
N VAL A 698 14.55 0.87 -16.14
CA VAL A 698 15.40 0.94 -17.32
C VAL A 698 16.54 -0.06 -17.23
N VAL A 699 17.09 -0.28 -16.03
CA VAL A 699 18.18 -1.24 -15.89
C VAL A 699 17.72 -2.64 -16.26
N THR A 700 16.57 -3.08 -15.74
CA THR A 700 16.09 -4.42 -16.02
C THR A 700 15.69 -4.57 -17.47
N ALA A 701 15.05 -3.55 -18.04
CA ALA A 701 14.70 -3.62 -19.45
C ALA A 701 15.94 -3.64 -20.33
N LEU A 702 17.00 -2.93 -19.92
CA LEU A 702 18.25 -2.94 -20.68
C LEU A 702 18.91 -4.30 -20.61
N MET A 703 18.94 -4.92 -19.43
CA MET A 703 19.45 -6.28 -19.31
C MET A 703 18.65 -7.21 -20.21
N THR A 704 17.33 -7.11 -20.17
CA THR A 704 16.48 -7.96 -20.99
C THR A 704 16.79 -7.77 -22.46
N THR A 705 16.87 -6.52 -22.91
CA THR A 705 17.11 -6.25 -24.32
C THR A 705 18.47 -6.80 -24.76
N LEU A 706 19.50 -6.56 -23.95
CA LEU A 706 20.83 -7.05 -24.30
C LEU A 706 20.87 -8.57 -24.38
N THR A 707 20.40 -9.24 -23.33
CA THR A 707 20.53 -10.69 -23.29
C THR A 707 19.57 -11.39 -24.25
N LYS A 708 18.46 -10.76 -24.61
CA LYS A 708 17.55 -11.35 -25.57
C LYS A 708 17.85 -10.92 -27.00
N LEU A 709 18.76 -9.96 -27.20
CA LEU A 709 19.21 -9.57 -28.51
C LEU A 709 20.53 -10.21 -28.89
N ALA A 710 21.27 -10.71 -27.89
CA ALA A 710 22.50 -11.45 -28.12
C ALA A 710 22.30 -12.95 -28.19
N SER A 711 21.08 -13.44 -27.99
CA SER A 711 20.77 -14.84 -28.23
C SER A 711 20.23 -15.10 -29.63
N ARG A 712 20.06 -14.06 -30.44
CA ARG A 712 19.80 -14.21 -31.87
C ARG A 712 21.06 -14.11 -32.70
N SER A 713 22.20 -13.83 -32.07
CA SER A 713 23.49 -13.76 -32.76
C SER A 713 24.39 -14.86 -32.21
N GLN A 714 25.02 -15.60 -33.13
CA GLN A 714 25.82 -16.76 -32.70
C GLN A 714 27.01 -16.33 -31.85
N ASP A 715 27.72 -15.28 -32.27
CA ASP A 715 28.90 -14.87 -31.54
C ASP A 715 28.55 -14.14 -30.25
N LEU A 716 27.46 -13.38 -30.26
CA LEU A 716 27.14 -12.51 -29.13
C LEU A 716 26.79 -13.29 -27.88
N ILE A 717 26.57 -14.60 -27.98
CA ILE A 717 26.43 -15.42 -26.77
C ILE A 717 27.71 -15.39 -25.95
N PRO A 718 28.91 -15.57 -26.54
CA PRO A 718 30.13 -15.37 -25.75
C PRO A 718 30.27 -13.97 -25.22
N ARG A 719 29.80 -12.98 -25.99
CA ARG A 719 29.82 -11.60 -25.50
C ARG A 719 28.97 -11.46 -24.25
N VAL A 720 27.81 -12.13 -24.23
CA VAL A 720 26.98 -12.17 -23.02
C VAL A 720 27.75 -12.85 -21.89
N SER A 721 28.34 -14.01 -22.17
CA SER A 721 29.09 -14.74 -21.14
C SER A 721 30.24 -13.92 -20.59
N LEU A 722 30.70 -12.92 -21.35
CA LEU A 722 31.79 -12.08 -20.88
C LEU A 722 31.30 -10.80 -20.19
N PHE A 723 30.17 -10.25 -20.66
CA PHE A 723 29.73 -8.92 -20.23
C PHE A 723 28.40 -8.96 -19.49
N LEU A 724 27.39 -9.65 -20.02
CA LEU A 724 26.12 -9.78 -19.31
C LEU A 724 26.28 -10.71 -18.11
N SER A 725 27.13 -11.73 -18.23
CA SER A 725 27.50 -12.51 -17.06
C SER A 725 28.22 -11.65 -16.04
N LYS A 726 29.08 -10.74 -16.51
CA LYS A 726 29.74 -9.82 -15.60
C LYS A 726 28.74 -8.90 -14.92
N MET A 727 27.75 -8.43 -15.66
CA MET A 727 26.73 -7.55 -15.10
C MET A 727 25.88 -8.29 -14.08
N ARG A 728 25.55 -9.55 -14.35
CA ARG A 728 24.87 -10.37 -13.36
C ARG A 728 25.72 -10.53 -12.10
N THR A 729 27.00 -10.84 -12.28
CA THR A 729 27.89 -11.06 -11.14
C THR A 729 28.03 -9.81 -10.29
N LEU A 730 28.18 -8.65 -10.94
CA LEU A 730 28.20 -7.38 -10.20
C LEU A 730 26.86 -7.14 -9.51
N ALA A 731 25.76 -7.44 -10.20
CA ALA A 731 24.45 -7.39 -9.55
C ALA A 731 24.34 -8.41 -8.43
N GLN A 732 24.93 -9.59 -8.63
CA GLN A 732 24.96 -10.60 -7.59
C GLN A 732 25.92 -10.18 -6.48
N GLY A 744 14.11 -2.04 -6.78
CA GLY A 744 14.12 -2.42 -8.18
C GLY A 744 15.46 -2.94 -8.65
N ALA A 745 16.42 -3.02 -7.71
CA ALA A 745 17.73 -3.58 -8.04
C ALA A 745 17.67 -5.11 -8.13
N GLU A 746 16.89 -5.73 -7.26
CA GLU A 746 16.76 -7.19 -7.28
C GLU A 746 16.17 -7.66 -8.60
N SER A 747 15.16 -6.95 -9.09
CA SER A 747 14.58 -7.29 -10.40
C SER A 747 15.61 -7.10 -11.51
N ILE A 748 16.45 -6.07 -11.40
CA ILE A 748 17.51 -5.85 -12.38
C ILE A 748 18.48 -7.02 -12.38
N ARG A 749 18.83 -7.50 -11.19
CA ARG A 749 19.75 -8.64 -11.08
C ARG A 749 19.12 -9.91 -11.65
N THR A 750 17.83 -10.14 -11.36
CA THR A 750 17.23 -11.42 -11.69
C THR A 750 16.76 -11.52 -13.14
N ARG A 751 16.43 -10.39 -13.77
CA ARG A 751 15.77 -10.45 -15.07
C ARG A 751 16.64 -11.11 -16.13
N ALA A 752 17.93 -10.81 -16.15
CA ALA A 752 18.78 -11.24 -17.26
C ALA A 752 18.90 -12.75 -17.37
N SER A 753 18.57 -13.47 -16.30
CA SER A 753 18.70 -14.91 -16.31
C SER A 753 17.90 -15.54 -17.44
N GLU A 754 16.76 -14.94 -17.80
CA GLU A 754 15.83 -15.49 -18.78
C GLU A 754 16.41 -15.54 -20.19
N LEU A 755 17.55 -14.89 -20.43
CA LEU A 755 18.28 -15.08 -21.68
C LEU A 755 19.78 -15.19 -21.46
N LEU A 756 20.23 -15.41 -20.22
CA LEU A 756 21.56 -15.93 -19.97
C LEU A 756 21.55 -17.44 -19.76
N THR A 757 20.81 -17.90 -18.75
CA THR A 757 20.70 -19.34 -18.52
C THR A 757 19.79 -19.98 -19.57
N LEU A 758 18.71 -19.29 -19.94
CA LEU A 758 17.77 -19.81 -20.92
C LEU A 758 18.20 -19.52 -22.36
N LEU A 759 19.35 -18.89 -22.56
CA LEU A 759 19.95 -18.77 -23.88
C LEU A 759 21.32 -19.42 -23.99
N LYS A 760 21.87 -19.93 -22.86
CA LYS A 760 23.05 -20.78 -22.96
C LYS A 760 22.79 -21.97 -23.88
N MET A 761 21.66 -22.63 -23.69
CA MET A 761 21.23 -23.68 -24.61
C MET A 761 20.58 -23.05 -25.84
N PRO A 762 21.07 -23.32 -27.05
CA PRO A 762 20.60 -22.57 -28.21
C PRO A 762 19.29 -23.07 -28.80
N SER A 763 19.05 -24.38 -28.74
CA SER A 763 17.88 -24.94 -29.43
C SER A 763 16.58 -24.42 -28.85
N VAL A 764 16.47 -24.41 -27.51
CA VAL A 764 15.26 -23.92 -26.87
C VAL A 764 15.16 -22.40 -27.02
N ALA A 765 16.27 -21.70 -26.88
CA ALA A 765 16.26 -20.24 -26.92
C ALA A 765 15.99 -19.69 -28.31
N GLN A 766 16.20 -20.48 -29.35
CA GLN A 766 16.04 -19.96 -30.71
C GLN A 766 14.60 -19.61 -31.02
N PHE A 767 13.64 -20.31 -30.40
CA PHE A 767 12.25 -20.22 -30.81
C PHE A 767 11.36 -19.49 -29.81
N VAL A 768 11.63 -19.60 -28.51
CA VAL A 768 10.76 -18.98 -27.52
C VAL A 768 10.69 -17.47 -27.73
N PHE A 769 11.85 -16.82 -27.91
CA PHE A 769 11.92 -15.38 -28.07
C PHE A 769 11.37 -14.90 -29.40
N THR A 770 11.03 -15.80 -30.31
CA THR A 770 10.32 -15.47 -31.54
C THR A 770 9.12 -16.41 -31.65
N PRO A 771 8.11 -16.22 -30.81
CA PRO A 771 7.00 -17.18 -30.75
C PRO A 771 6.04 -17.00 -31.91
N PRO A 772 5.15 -17.97 -32.16
CA PRO A 772 4.19 -17.83 -33.25
C PRO A 772 3.07 -16.84 -32.92
N ALA A 773 2.09 -16.75 -33.82
CA ALA A 773 1.00 -15.79 -33.66
C ALA A 773 -0.05 -16.23 -32.65
N GLY A 774 0.01 -17.46 -32.14
CA GLY A 774 -1.06 -17.95 -31.29
C GLY A 774 -0.67 -18.43 -29.91
N VAL A 775 0.28 -17.76 -29.26
CA VAL A 775 0.59 -18.05 -27.86
C VAL A 775 -0.35 -17.32 -26.92
N CYS A 776 -1.19 -16.43 -27.43
CA CYS A 776 -2.06 -15.57 -26.62
C CYS A 776 -3.44 -16.18 -26.38
N GLN A 777 -4.13 -16.60 -27.44
CA GLN A 777 -5.43 -17.21 -27.28
C GLN A 777 -5.32 -18.43 -26.38
N PRO A 778 -6.30 -18.67 -25.49
CA PRO A 778 -6.09 -19.65 -24.41
C PRO A 778 -6.16 -21.10 -24.84
N ARG A 779 -6.48 -21.40 -26.10
CA ARG A 779 -6.46 -22.77 -26.59
C ARG A 779 -5.86 -22.78 -27.99
N TYR A 780 -4.54 -22.94 -28.06
CA TYR A 780 -3.84 -23.14 -29.32
C TYR A 780 -2.69 -24.14 -29.23
N HIS A 781 -2.43 -24.76 -28.08
CA HIS A 781 -1.21 -25.56 -27.91
C HIS A 781 -1.39 -26.89 -27.20
N ARG A 782 -2.56 -27.22 -26.65
CA ARG A 782 -2.72 -28.45 -25.89
C ARG A 782 -2.45 -29.69 -26.72
N ASP A 783 -2.50 -29.57 -28.04
CA ASP A 783 -2.18 -30.66 -28.95
C ASP A 783 -0.69 -30.72 -29.30
N THR A 784 0.09 -29.71 -28.95
CA THR A 784 1.52 -29.68 -29.29
C THR A 784 2.36 -30.55 -28.35
N ASN A 785 1.80 -31.00 -27.24
CA ASN A 785 2.39 -32.02 -26.38
C ASN A 785 1.69 -33.36 -26.55
N VAL A 786 1.18 -33.63 -27.75
CA VAL A 786 0.41 -34.83 -28.03
C VAL A 786 1.17 -35.66 -29.04
N ALA A 787 2.50 -35.65 -28.96
CA ALA A 787 3.34 -36.34 -29.92
C ALA A 787 4.08 -37.55 -29.36
N LEU A 788 4.02 -37.79 -28.05
CA LEU A 788 4.66 -38.97 -27.49
C LEU A 788 4.09 -40.25 -28.11
N ASP B 7 51.53 29.79 11.38
CA ASP B 7 50.93 28.94 10.34
C ASP B 7 51.99 28.21 9.55
N ALA B 8 53.15 28.00 10.18
CA ALA B 8 54.24 27.29 9.51
C ALA B 8 53.90 25.83 9.29
N TRP B 9 53.42 25.15 10.33
CA TRP B 9 53.13 23.73 10.26
C TRP B 9 51.64 23.41 10.35
N ALA B 10 50.80 24.38 10.72
CA ALA B 10 49.37 24.11 10.86
C ALA B 10 48.75 23.67 9.55
N GLN B 11 48.96 24.45 8.49
CA GLN B 11 48.52 24.05 7.16
C GLN B 11 49.24 22.80 6.67
N ARG B 12 50.42 22.50 7.22
CA ARG B 12 51.12 21.28 6.83
C ARG B 12 50.44 20.05 7.42
N LEU B 13 50.04 20.11 8.69
CA LEU B 13 49.38 18.98 9.32
C LEU B 13 47.90 18.90 8.99
N GLY B 14 47.30 19.98 8.49
CA GLY B 14 45.88 19.92 8.16
C GLY B 14 45.60 18.91 7.06
N ALA B 15 46.40 18.93 6.00
CA ALA B 15 46.22 18.00 4.90
C ALA B 15 46.55 16.56 5.28
N PHE B 16 47.30 16.36 6.37
CA PHE B 16 47.59 14.99 6.78
C PHE B 16 46.51 14.45 7.71
N ARG B 17 46.11 15.24 8.70
CA ARG B 17 45.05 14.80 9.59
C ARG B 17 43.68 14.85 8.93
N ALA B 18 43.56 15.45 7.75
CA ALA B 18 42.37 15.22 6.94
C ALA B 18 42.34 13.79 6.42
N SER B 19 43.48 13.30 5.93
CA SER B 19 43.58 11.91 5.47
C SER B 19 45.03 11.45 5.48
N PRO B 20 45.44 10.64 6.45
CA PRO B 20 46.86 10.23 6.49
C PRO B 20 47.31 9.45 5.27
N SER B 21 46.61 8.36 4.94
CA SER B 21 47.06 7.50 3.84
C SER B 21 46.90 8.18 2.49
N ALA B 22 45.95 9.11 2.36
CA ALA B 22 45.80 9.81 1.09
C ALA B 22 46.92 10.80 0.86
N PHE B 23 47.25 11.59 1.88
CA PHE B 23 48.30 12.59 1.71
C PHE B 23 49.69 11.95 1.67
N MET B 24 49.92 10.92 2.47
CA MET B 24 51.21 10.23 2.42
C MET B 24 51.41 9.51 1.11
N ALA B 25 50.35 9.28 0.34
CA ALA B 25 50.45 8.75 -1.02
C ALA B 25 50.56 9.85 -2.06
N GLY B 26 50.58 11.11 -1.64
CA GLY B 26 50.71 12.23 -2.56
C GLY B 26 52.16 12.61 -2.79
N PRO B 27 52.37 13.69 -3.52
CA PRO B 27 53.75 14.08 -3.88
C PRO B 27 54.47 14.79 -2.75
N GLU B 28 53.74 15.59 -1.97
CA GLU B 28 54.37 16.36 -0.91
C GLU B 28 54.71 15.51 0.31
N GLY B 29 54.03 14.37 0.49
CA GLY B 29 54.28 13.55 1.65
C GLY B 29 55.53 12.71 1.58
N GLU B 30 56.21 12.71 0.43
CA GLU B 30 57.45 11.95 0.32
C GLU B 30 58.51 12.49 1.27
N ASP B 31 58.61 13.80 1.38
CA ASP B 31 59.62 14.43 2.24
C ASP B 31 59.05 14.97 3.55
N LEU B 32 57.79 14.67 3.87
CA LEU B 32 57.19 15.17 5.11
C LEU B 32 57.93 14.63 6.33
N GLY B 33 58.16 13.32 6.36
CA GLY B 33 58.94 12.75 7.44
C GLY B 33 60.35 13.31 7.48
N ARG B 34 60.93 13.58 6.31
CA ARG B 34 62.26 14.16 6.27
C ARG B 34 62.28 15.53 6.95
N ASP B 35 61.34 16.40 6.60
CA ASP B 35 61.30 17.71 7.24
C ASP B 35 61.09 17.58 8.74
N LEU B 36 60.15 16.71 9.13
CA LEU B 36 59.79 16.58 10.55
C LEU B 36 60.99 16.10 11.36
N LEU B 37 61.72 15.12 10.85
CA LEU B 37 62.95 14.70 11.53
C LEU B 37 64.00 15.79 11.50
N SER B 38 64.05 16.59 10.43
CA SER B 38 65.08 17.62 10.31
C SER B 38 64.93 18.69 11.38
N ASP B 39 63.74 19.28 11.51
CA ASP B 39 63.59 20.43 12.40
C ASP B 39 63.36 20.01 13.85
N LEU B 40 63.68 18.76 14.17
CA LEU B 40 63.52 18.27 15.54
C LEU B 40 64.45 19.00 16.49
N ARG B 41 65.71 19.18 16.10
CA ARG B 41 66.70 19.87 16.92
C ARG B 41 66.80 21.36 16.60
N SER B 42 65.94 21.87 15.73
CA SER B 42 66.02 23.26 15.31
C SER B 42 65.58 24.19 16.45
N GLU B 43 65.85 25.48 16.27
CA GLU B 43 65.45 26.51 17.21
C GLU B 43 64.46 27.50 16.63
N LYS B 44 64.22 27.47 15.32
CA LYS B 44 63.25 28.37 14.70
C LYS B 44 61.80 27.94 14.93
N LEU B 45 61.58 26.73 15.44
CA LEU B 45 60.24 26.21 15.69
C LEU B 45 59.85 26.47 17.13
N SER B 46 58.65 27.04 17.32
CA SER B 46 58.20 27.42 18.65
C SER B 46 57.76 26.17 19.43
N GLU B 47 57.29 26.41 20.65
CA GLU B 47 56.84 25.32 21.51
C GLU B 47 55.63 24.62 20.92
N GLN B 48 54.64 25.39 20.47
CA GLN B 48 53.39 24.81 20.00
C GLN B 48 53.61 23.97 18.75
N THR B 49 54.41 24.45 17.82
CA THR B 49 54.66 23.70 16.58
C THR B 49 55.37 22.39 16.89
N LYS B 50 56.36 22.42 17.77
CA LYS B 50 57.05 21.19 18.15
C LYS B 50 56.08 20.21 18.82
N VAL B 51 55.22 20.71 19.70
CA VAL B 51 54.27 19.85 20.39
C VAL B 51 53.34 19.18 19.38
N SER B 52 52.79 19.95 18.46
CA SER B 52 51.86 19.39 17.49
C SER B 52 52.54 18.38 16.57
N LEU B 53 53.74 18.69 16.10
CA LEU B 53 54.46 17.77 15.23
C LEU B 53 54.76 16.47 15.97
N LEU B 54 55.15 16.57 17.23
CA LEU B 54 55.45 15.36 17.99
C LEU B 54 54.19 14.57 18.31
N ALA B 55 53.05 15.26 18.45
CA ALA B 55 51.79 14.55 18.62
C ALA B 55 51.44 13.75 17.37
N LEU B 56 51.65 14.33 16.19
CA LEU B 56 51.44 13.53 14.98
C LEU B 56 52.42 12.37 14.92
N SER B 57 53.68 12.59 15.30
CA SER B 57 54.65 11.50 15.32
C SER B 57 54.19 10.39 16.25
N MET B 58 53.54 10.75 17.36
CA MET B 58 52.85 9.79 18.20
C MET B 58 51.80 9.02 17.40
N GLU B 59 50.92 9.74 16.73
CA GLU B 59 49.63 9.15 16.37
C GLU B 59 49.71 8.19 15.20
N TYR B 60 50.59 8.42 14.22
CA TYR B 60 50.65 7.59 13.01
C TYR B 60 52.08 7.17 12.66
N PRO B 61 52.71 6.33 13.49
CA PRO B 61 54.05 5.85 13.13
C PRO B 61 54.07 4.91 11.93
N ALA B 62 52.92 4.45 11.46
CA ALA B 62 52.91 3.48 10.37
C ALA B 62 52.86 4.13 8.99
N GLN B 63 52.75 5.44 8.90
CA GLN B 63 52.47 6.09 7.63
C GLN B 63 53.65 6.87 7.06
N LEU B 64 54.72 7.09 7.84
CA LEU B 64 55.85 7.87 7.37
C LEU B 64 57.17 7.11 7.36
N TRP B 65 57.29 6.01 8.09
CA TRP B 65 58.51 5.21 8.15
C TRP B 65 58.17 3.74 7.98
N PRO B 66 57.73 3.33 6.78
CA PRO B 66 57.27 1.95 6.60
C PRO B 66 58.38 0.92 6.73
N ASP B 67 59.47 1.10 6.01
CA ASP B 67 60.54 0.12 5.98
C ASP B 67 61.24 0.05 7.34
N ALA B 68 61.86 -1.10 7.61
CA ALA B 68 62.61 -1.26 8.85
C ALA B 68 63.80 -0.32 8.92
N SER B 69 64.53 -0.17 7.81
CA SER B 69 65.70 0.71 7.81
C SER B 69 65.29 2.16 8.06
N ALA B 70 64.22 2.63 7.42
CA ALA B 70 63.73 3.98 7.65
C ALA B 70 63.31 4.16 9.09
N ALA B 71 62.65 3.15 9.67
CA ALA B 71 62.23 3.23 11.05
C ALA B 71 63.43 3.32 11.98
N GLU B 72 64.47 2.53 11.73
CA GLU B 72 65.67 2.60 12.55
C GLU B 72 66.33 3.97 12.43
N VAL B 73 66.39 4.51 11.22
CA VAL B 73 67.00 5.83 11.01
C VAL B 73 66.23 6.90 11.77
N ALA B 74 64.90 6.86 11.68
CA ALA B 74 64.09 7.81 12.43
C ALA B 74 64.27 7.62 13.94
N ALA B 75 64.43 6.37 14.38
CA ALA B 75 64.67 6.12 15.79
C ALA B 75 65.95 6.78 16.26
N THR B 76 67.05 6.59 15.53
CA THR B 76 68.31 7.22 15.92
C THR B 76 68.21 8.74 15.86
N SER B 77 67.52 9.27 14.84
CA SER B 77 67.39 10.72 14.73
C SER B 77 66.63 11.30 15.92
N LEU B 78 65.50 10.67 16.28
CA LEU B 78 64.73 11.14 17.42
C LEU B 78 65.52 11.02 18.71
N LEU B 79 66.26 9.92 18.87
CA LEU B 79 67.08 9.75 20.06
C LEU B 79 68.12 10.85 20.16
N ASP B 80 68.76 11.18 19.02
CA ASP B 80 69.77 12.22 19.02
C ASP B 80 69.16 13.57 19.41
N THR B 81 68.06 13.96 18.77
CA THR B 81 67.49 15.25 19.12
C THR B 81 66.92 15.28 20.53
N LEU B 82 66.59 14.12 21.09
CA LEU B 82 66.16 14.08 22.48
C LEU B 82 67.33 14.27 23.43
N VAL B 83 68.49 13.68 23.11
CA VAL B 83 69.67 13.87 23.94
C VAL B 83 70.21 15.29 23.78
N LEU B 84 70.22 15.80 22.55
CA LEU B 84 70.84 17.09 22.24
C LEU B 84 69.95 18.29 22.58
N LEU B 85 68.90 18.10 23.38
CA LEU B 85 68.02 19.19 23.72
C LEU B 85 68.72 20.18 24.65
N PRO B 86 68.33 21.46 24.61
CA PRO B 86 68.87 22.43 25.57
C PRO B 86 68.59 22.01 27.00
N PRO B 87 69.54 22.22 27.92
CA PRO B 87 69.39 21.80 29.32
C PRO B 87 68.55 22.76 30.16
N ARG B 88 67.38 23.14 29.65
CA ARG B 88 66.45 24.01 30.33
C ARG B 88 65.08 23.33 30.42
N PRO B 89 64.28 23.66 31.43
CA PRO B 89 62.96 23.01 31.56
C PRO B 89 62.06 23.37 30.38
N SER B 90 61.67 22.36 29.62
CA SER B 90 60.83 22.54 28.44
C SER B 90 59.75 21.47 28.46
N ALA B 91 59.03 21.35 27.34
CA ALA B 91 57.89 20.44 27.24
C ALA B 91 58.00 19.56 26.00
N LEU B 92 59.20 19.06 25.74
CA LEU B 92 59.42 18.06 24.70
C LEU B 92 60.06 16.78 25.25
N ARG B 93 60.09 16.60 26.56
CA ARG B 93 60.81 15.48 27.13
C ARG B 93 60.04 14.18 26.96
N ARG B 94 58.88 14.07 27.60
CA ARG B 94 58.09 12.84 27.50
C ARG B 94 57.58 12.58 26.09
N PRO B 95 56.97 13.55 25.39
CA PRO B 95 56.45 13.25 24.05
C PRO B 95 57.52 12.75 23.09
N LEU B 96 58.76 13.21 23.22
CA LEU B 96 59.81 12.73 22.33
C LEU B 96 60.07 11.24 22.55
N LEU B 97 60.24 10.83 23.81
CA LEU B 97 60.48 9.43 24.09
C LEU B 97 59.31 8.58 23.61
N LEU B 98 58.10 9.05 23.85
CA LEU B 98 56.93 8.26 23.46
C LEU B 98 56.82 8.17 21.94
N ALA B 99 57.16 9.24 21.22
CA ALA B 99 57.09 9.20 19.77
C ALA B 99 58.15 8.28 19.18
N ALA B 100 59.35 8.28 19.75
CA ALA B 100 60.38 7.34 19.32
C ALA B 100 59.94 5.91 19.59
N THR B 101 59.33 5.67 20.75
CA THR B 101 58.82 4.34 21.05
C THR B 101 57.76 3.91 20.06
N THR B 102 56.84 4.81 19.72
CA THR B 102 55.80 4.48 18.75
C THR B 102 56.40 4.15 17.40
N ALA B 103 57.36 4.96 16.93
CA ALA B 103 57.97 4.71 15.63
C ALA B 103 58.68 3.36 15.61
N LEU B 104 59.48 3.08 16.64
CA LEU B 104 60.21 1.82 16.68
C LEU B 104 59.28 0.63 16.80
N ALA B 105 58.22 0.74 17.59
CA ALA B 105 57.34 -0.40 17.84
C ALA B 105 56.45 -0.70 16.64
N ALA B 106 55.88 0.34 16.02
CA ALA B 106 54.97 0.14 14.89
C ALA B 106 55.68 0.08 13.55
N GLY B 107 56.99 0.34 13.50
CA GLY B 107 57.72 0.23 12.26
C GLY B 107 58.25 -1.17 12.01
N GLY B 108 58.30 -1.98 13.07
CA GLY B 108 58.82 -3.32 12.98
C GLY B 108 60.32 -3.43 13.03
N ALA B 109 61.04 -2.32 13.18
CA ALA B 109 62.49 -2.33 13.20
C ALA B 109 63.08 -2.67 14.56
N LEU B 110 62.25 -2.85 15.58
CA LEU B 110 62.75 -3.17 16.91
C LEU B 110 63.38 -4.55 16.94
N GLY B 111 64.50 -4.67 17.66
CA GLY B 111 65.19 -5.93 17.79
C GLY B 111 66.49 -5.79 18.55
N PRO B 112 66.91 -6.86 19.23
CA PRO B 112 68.19 -6.83 19.96
C PRO B 112 69.40 -6.56 19.08
N THR B 113 69.34 -6.93 17.80
CA THR B 113 70.50 -6.82 16.91
C THR B 113 70.54 -5.51 16.16
N SER B 114 69.93 -4.45 16.70
CA SER B 114 69.93 -3.14 16.05
C SER B 114 70.43 -2.10 17.03
N GLY B 115 71.26 -1.18 16.53
CA GLY B 115 71.84 -0.18 17.39
C GLY B 115 70.82 0.78 17.97
N ALA B 116 69.81 1.14 17.18
CA ALA B 116 68.79 2.07 17.65
C ALA B 116 68.05 1.50 18.86
N SER B 117 67.64 0.23 18.78
CA SER B 117 66.96 -0.39 19.91
C SER B 117 67.89 -0.52 21.11
N CYS B 118 69.14 -0.91 20.86
CA CYS B 118 70.13 -1.06 21.93
C CYS B 118 70.48 0.27 22.58
N ARG B 119 70.21 1.40 21.91
CA ARG B 119 70.44 2.68 22.55
C ARG B 119 69.18 3.22 23.22
N LEU B 120 68.01 2.89 22.67
CA LEU B 120 66.77 3.37 23.25
C LEU B 120 66.43 2.63 24.55
N LEU B 121 66.55 1.30 24.54
CA LEU B 121 66.04 0.53 25.68
C LEU B 121 66.76 0.85 26.99
N PRO B 122 68.10 0.88 27.07
CA PRO B 122 68.73 1.31 28.33
C PRO B 122 68.30 2.70 28.75
N LEU B 123 68.07 3.60 27.79
CA LEU B 123 67.67 4.96 28.14
C LEU B 123 66.33 4.96 28.87
N LEU B 124 65.33 4.29 28.30
CA LEU B 124 64.02 4.24 28.94
C LEU B 124 64.08 3.49 30.26
N LEU B 125 64.88 2.42 30.33
CA LEU B 125 65.02 1.70 31.59
C LEU B 125 65.59 2.59 32.68
N GLY B 126 66.65 3.34 32.37
CA GLY B 126 67.23 4.24 33.35
C GLY B 126 66.29 5.37 33.74
N LEU B 127 65.63 5.97 32.76
CA LEU B 127 64.73 7.09 33.06
C LEU B 127 63.58 6.64 33.94
N ALA B 128 62.90 5.56 33.56
CA ALA B 128 61.79 5.05 34.36
C ALA B 128 62.25 4.49 35.70
N ALA B 129 63.50 4.04 35.79
CA ALA B 129 64.00 3.54 37.07
C ALA B 129 64.06 4.62 38.12
N GLY B 130 64.23 5.87 37.70
CA GLY B 130 64.29 6.99 38.63
C GLY B 130 65.54 6.97 39.50
N GLU B 142 58.76 17.99 36.14
CA GLU B 142 58.20 17.00 35.22
C GLU B 142 58.85 15.64 35.41
N GLN B 143 59.56 15.48 36.53
CA GLN B 143 60.23 14.22 36.81
C GLN B 143 59.23 13.08 36.94
N ARG B 144 58.17 13.29 37.75
CA ARG B 144 57.17 12.25 37.90
C ARG B 144 56.40 11.98 36.62
N PRO B 145 55.90 12.98 35.88
CA PRO B 145 55.28 12.67 34.57
C PRO B 145 56.23 11.99 33.61
N LEU B 146 57.51 12.39 33.61
CA LEU B 146 58.49 11.73 32.74
C LEU B 146 58.66 10.26 33.13
N GLN B 147 58.73 9.99 34.44
CA GLN B 147 58.87 8.62 34.92
C GLN B 147 57.67 7.78 34.54
N ALA B 148 56.46 8.33 34.70
CA ALA B 148 55.26 7.61 34.31
C ALA B 148 55.25 7.33 32.81
N THR B 149 55.61 8.32 32.00
CA THR B 149 55.61 8.14 30.56
C THR B 149 56.63 7.08 30.15
N ALA B 150 57.82 7.12 30.76
CA ALA B 150 58.84 6.14 30.43
C ALA B 150 58.42 4.73 30.84
N CYS B 151 57.77 4.60 31.99
CA CYS B 151 57.31 3.29 32.42
C CYS B 151 56.26 2.74 31.47
N GLU B 152 55.34 3.61 31.03
CA GLU B 152 54.35 3.18 30.05
C GLU B 152 55.02 2.76 28.74
N CYS B 153 56.03 3.51 28.32
CA CYS B 153 56.73 3.17 27.08
C CYS B 153 57.42 1.81 27.20
N LEU B 154 58.06 1.55 28.34
CA LEU B 154 58.73 0.27 28.53
C LEU B 154 57.73 -0.88 28.53
N ARG B 155 56.61 -0.71 29.22
CA ARG B 155 55.59 -1.77 29.24
C ARG B 155 55.04 -2.02 27.83
N GLU B 156 54.78 -0.96 27.07
CA GLU B 156 54.26 -1.14 25.71
C GLU B 156 55.27 -1.87 24.83
N LEU B 157 56.55 -1.49 24.93
CA LEU B 157 57.58 -2.18 24.16
C LEU B 157 57.64 -3.65 24.53
N GLU B 158 57.58 -3.96 25.83
CA GLU B 158 57.54 -5.35 26.25
C GLU B 158 56.32 -6.06 25.68
N SER B 159 55.21 -5.35 25.52
CA SER B 159 54.04 -5.96 24.90
C SER B 159 54.30 -6.27 23.43
N CYS B 160 55.06 -5.41 22.74
CA CYS B 160 55.31 -5.64 21.32
C CYS B 160 56.14 -6.89 21.09
N LYS B 161 57.27 -7.03 21.80
CA LYS B 161 58.11 -8.21 21.69
C LYS B 161 58.16 -8.91 23.04
N PRO B 162 57.63 -10.13 23.16
CA PRO B 162 57.56 -10.77 24.48
C PRO B 162 58.92 -10.89 25.15
N GLY B 163 58.96 -10.53 26.43
CA GLY B 163 60.17 -10.60 27.21
C GLY B 163 61.16 -9.48 26.99
N LEU B 164 60.83 -8.51 26.13
CA LEU B 164 61.80 -7.48 25.78
C LEU B 164 62.25 -6.67 26.99
N LEU B 165 61.38 -6.50 27.98
CA LEU B 165 61.70 -5.69 29.15
C LEU B 165 61.82 -6.53 30.42
N GLY B 166 62.14 -7.81 30.29
CA GLY B 166 62.30 -8.65 31.47
C GLY B 166 63.70 -8.61 32.04
N GLY B 167 64.24 -7.40 32.20
CA GLY B 167 65.61 -7.26 32.67
C GLY B 167 65.77 -6.76 34.09
N SER B 168 64.91 -5.83 34.50
CA SER B 168 65.04 -5.16 35.80
C SER B 168 63.90 -5.55 36.75
N LEU B 169 63.50 -6.82 36.74
CA LEU B 169 62.45 -7.27 37.64
C LEU B 169 62.91 -7.19 39.09
N GLY B 170 64.17 -7.54 39.35
CA GLY B 170 64.70 -7.39 40.70
C GLY B 170 64.70 -5.95 41.16
N LEU B 171 64.93 -5.02 40.25
CA LEU B 171 64.96 -3.60 40.62
C LEU B 171 63.60 -3.15 41.15
N LEU B 172 62.53 -3.46 40.41
CA LEU B 172 61.19 -3.09 40.89
C LEU B 172 60.82 -3.85 42.15
N ARG B 173 61.21 -5.13 42.23
CA ARG B 173 60.94 -5.90 43.45
C ARG B 173 61.55 -5.23 44.67
N GLY B 174 62.82 -4.82 44.56
CA GLY B 174 63.48 -4.17 45.67
C GLY B 174 62.95 -2.79 45.97
N LEU B 175 62.65 -2.00 44.92
CA LEU B 175 62.30 -0.60 45.08
C LEU B 175 60.79 -0.36 45.07
N LEU B 176 59.99 -1.42 45.28
CA LEU B 176 58.53 -1.25 45.34
C LEU B 176 58.13 -0.18 46.35
N GLY B 177 58.82 -0.13 47.49
CA GLY B 177 58.59 0.92 48.45
C GLY B 177 59.28 2.23 48.15
N GLN B 178 60.14 2.26 47.14
CA GLN B 178 60.88 3.45 46.76
C GLN B 178 60.07 4.28 45.80
N GLU B 179 60.71 5.27 45.17
CA GLU B 179 60.03 6.16 44.24
C GLU B 179 59.52 5.39 43.02
N GLY B 180 58.39 5.86 42.48
CA GLY B 180 57.76 5.23 41.36
C GLY B 180 56.25 5.12 41.55
N PRO B 181 55.49 5.53 40.54
CA PRO B 181 54.03 5.51 40.69
C PRO B 181 53.50 4.08 40.72
N VAL B 182 52.43 3.89 41.48
CA VAL B 182 51.94 2.55 41.76
C VAL B 182 51.45 1.88 40.48
N GLN B 183 50.61 2.57 39.72
CA GLN B 183 49.99 1.95 38.55
C GLN B 183 50.99 1.53 37.48
N PRO B 184 51.94 2.38 37.06
CA PRO B 184 52.84 1.96 35.97
C PRO B 184 53.71 0.77 36.33
N LEU B 185 54.40 0.82 37.47
CA LEU B 185 55.24 -0.30 37.87
C LEU B 185 54.40 -1.54 38.11
N SER B 186 53.21 -1.39 38.69
CA SER B 186 52.35 -2.54 38.93
C SER B 186 51.97 -3.24 37.63
N LEU B 187 51.49 -2.47 36.65
CA LEU B 187 51.09 -3.07 35.38
C LEU B 187 52.29 -3.69 34.66
N LEU B 188 53.42 -2.97 34.63
CA LEU B 188 54.60 -3.50 33.95
C LEU B 188 55.09 -4.78 34.60
N LEU B 189 55.14 -4.82 35.94
CA LEU B 189 55.57 -6.01 36.64
C LEU B 189 54.65 -7.18 36.35
N ALA B 190 53.33 -6.95 36.38
CA ALA B 190 52.39 -8.04 36.12
C ALA B 190 52.57 -8.60 34.71
N LEU B 191 52.68 -7.71 33.72
CA LEU B 191 52.84 -8.17 32.34
C LEU B 191 54.14 -8.94 32.17
N ALA B 192 55.22 -8.43 32.78
CA ALA B 192 56.50 -9.13 32.70
C ALA B 192 56.45 -10.50 33.35
N LEU B 193 55.81 -10.60 34.52
CA LEU B 193 55.64 -11.90 35.16
C LEU B 193 54.96 -12.86 34.21
N ARG B 194 53.83 -12.47 33.64
CA ARG B 194 53.10 -13.39 32.77
C ARG B 194 53.98 -13.85 31.62
N ASN B 195 54.57 -12.89 30.89
CA ASN B 195 55.30 -13.24 29.68
C ASN B 195 56.53 -14.10 30.00
N THR B 196 57.33 -13.66 30.98
CA THR B 196 58.54 -14.38 31.33
C THR B 196 58.22 -15.78 31.82
N LEU B 197 57.27 -15.91 32.74
CA LEU B 197 56.97 -17.23 33.29
C LEU B 197 56.45 -18.17 32.22
N VAL B 198 55.59 -17.66 31.32
CA VAL B 198 55.08 -18.50 30.24
C VAL B 198 56.24 -18.98 29.36
N LEU B 199 57.14 -18.07 28.98
CA LEU B 199 58.24 -18.44 28.10
C LEU B 199 59.17 -19.46 28.76
N GLN B 200 59.55 -19.20 30.02
CA GLN B 200 60.50 -20.07 30.69
C GLN B 200 59.91 -21.45 30.95
N SER B 201 58.65 -21.52 31.40
CA SER B 201 58.01 -22.82 31.57
C SER B 201 57.84 -23.52 30.24
N ARG B 202 57.68 -22.77 29.15
CA ARG B 202 57.67 -23.38 27.82
C ARG B 202 59.03 -24.00 27.49
N VAL B 203 60.10 -23.31 27.87
CA VAL B 203 61.43 -23.90 27.73
C VAL B 203 61.55 -25.18 28.56
N GLY B 204 61.06 -25.12 29.80
CA GLY B 204 61.12 -26.26 30.70
C GLY B 204 61.66 -25.88 32.05
N ALA B 205 62.22 -24.67 32.15
CA ALA B 205 62.79 -24.15 33.37
C ALA B 205 61.82 -23.15 34.02
N GLY B 206 62.28 -22.52 35.09
CA GLY B 206 61.46 -21.55 35.80
C GLY B 206 62.06 -20.16 35.80
N LEU B 207 61.85 -19.42 36.90
CA LEU B 207 62.39 -18.06 36.99
C LEU B 207 63.91 -18.07 36.94
N GLY B 208 64.54 -19.00 37.66
CA GLY B 208 65.99 -19.11 37.66
C GLY B 208 66.69 -17.87 38.19
N GLY B 209 66.19 -17.33 39.30
CA GLY B 209 66.75 -16.13 39.85
C GLY B 209 66.27 -14.84 39.22
N LEU B 210 65.20 -14.89 38.42
CA LEU B 210 64.69 -13.68 37.77
C LEU B 210 64.14 -12.68 38.77
N LEU B 211 63.88 -13.11 40.01
CA LEU B 211 63.37 -12.20 41.03
C LEU B 211 64.40 -11.17 41.48
N THR B 212 65.66 -11.33 41.09
CA THR B 212 66.71 -10.37 41.44
C THR B 212 67.29 -9.73 40.19
N TRP B 223 70.22 -6.19 30.69
CA TRP B 223 69.13 -6.25 29.71
C TRP B 223 69.32 -7.44 28.77
N ASP B 224 68.79 -8.58 29.19
CA ASP B 224 68.90 -9.79 28.40
C ASP B 224 68.10 -9.66 27.12
N TRP B 225 68.54 -10.37 26.08
CA TRP B 225 67.82 -10.43 24.81
C TRP B 225 67.61 -11.85 24.30
N THR B 226 67.80 -12.86 25.14
CA THR B 226 67.75 -14.24 24.66
C THR B 226 66.36 -14.86 24.75
N LEU B 227 65.38 -14.18 25.33
CA LEU B 227 64.04 -14.73 25.48
C LEU B 227 63.18 -14.61 24.23
N VAL B 228 63.62 -13.82 23.24
CA VAL B 228 62.81 -13.65 22.04
C VAL B 228 62.73 -14.93 21.24
N GLU B 229 63.83 -15.69 21.19
CA GLU B 229 63.87 -16.93 20.43
C GLU B 229 62.93 -17.98 21.01
N PRO B 261 58.71 -25.70 44.82
CA PRO B 261 59.95 -25.27 45.46
C PRO B 261 59.91 -23.84 45.98
N GLU B 262 60.98 -23.08 45.72
CA GLU B 262 61.06 -21.69 46.15
C GLU B 262 60.22 -20.80 45.25
N GLU B 263 60.06 -21.17 43.98
CA GLU B 263 59.30 -20.36 43.04
C GLU B 263 57.88 -20.14 43.50
N ALA B 264 57.27 -21.13 44.16
CA ALA B 264 55.91 -20.96 44.66
C ALA B 264 55.85 -19.83 45.68
N ARG B 265 56.78 -19.82 46.64
CA ARG B 265 56.81 -18.76 47.63
C ARG B 265 57.09 -17.40 46.98
N GLU B 266 58.01 -17.36 46.03
CA GLU B 266 58.32 -16.10 45.36
C GLU B 266 57.11 -15.57 44.60
N LEU B 267 56.38 -16.43 43.89
CA LEU B 267 55.21 -16.00 43.15
C LEU B 267 54.07 -15.61 44.10
N ARG B 268 53.97 -16.26 45.25
CA ARG B 268 52.97 -15.88 46.24
C ARG B 268 53.28 -14.49 46.79
N ALA B 269 54.56 -14.19 47.02
CA ALA B 269 54.95 -12.83 47.38
C ALA B 269 54.60 -11.85 46.27
N ALA B 270 54.82 -12.24 45.02
CA ALA B 270 54.51 -11.37 43.89
C ALA B 270 53.01 -11.02 43.87
N VAL B 271 52.17 -12.03 44.05
CA VAL B 271 50.73 -11.80 43.95
C VAL B 271 50.23 -10.98 45.13
N ILE B 272 50.74 -11.23 46.33
CA ILE B 272 50.28 -10.40 47.45
C ILE B 272 50.74 -8.96 47.27
N GLN B 273 51.97 -8.76 46.75
CA GLN B 273 52.44 -7.40 46.52
C GLN B 273 51.59 -6.69 45.48
N LEU B 274 51.25 -7.38 44.39
CA LEU B 274 50.41 -6.78 43.37
C LEU B 274 49.05 -6.42 43.93
N LEU B 275 48.44 -7.31 44.70
CA LEU B 275 47.13 -7.01 45.28
C LEU B 275 47.22 -5.83 46.24
N ASP B 276 48.28 -5.78 47.05
CA ASP B 276 48.44 -4.68 47.99
C ASP B 276 48.59 -3.34 47.28
N THR B 277 49.39 -3.32 46.21
CA THR B 277 49.58 -2.08 45.46
C THR B 277 48.38 -1.73 44.58
N SER B 278 47.48 -2.69 44.33
CA SER B 278 46.33 -2.44 43.46
C SER B 278 45.25 -1.59 44.10
N TYR B 279 45.37 -1.27 45.40
CA TYR B 279 44.35 -0.43 46.04
C TYR B 279 44.28 0.96 45.41
N LEU B 280 45.37 1.43 44.81
CA LEU B 280 45.37 2.70 44.10
C LEU B 280 44.98 2.56 42.65
N LEU B 281 44.89 1.34 42.13
CA LEU B 281 44.63 1.14 40.70
C LEU B 281 43.23 1.60 40.33
N THR B 282 43.12 2.31 39.23
CA THR B 282 41.81 2.77 38.79
C THR B 282 40.99 1.57 38.30
N PRO B 283 39.66 1.69 38.30
CA PRO B 283 38.83 0.53 37.94
C PRO B 283 39.17 -0.09 36.60
N VAL B 284 39.45 0.73 35.58
CA VAL B 284 39.66 0.18 34.25
C VAL B 284 40.96 -0.62 34.19
N ALA B 285 42.04 -0.06 34.73
CA ALA B 285 43.31 -0.79 34.76
C ALA B 285 43.22 -1.99 35.70
N GLN B 286 42.45 -1.86 36.77
CA GLN B 286 42.22 -2.96 37.69
C GLN B 286 41.59 -4.15 36.96
N ALA B 287 40.64 -3.87 36.09
CA ALA B 287 39.97 -4.94 35.35
C ALA B 287 40.96 -5.72 34.48
N GLN B 288 41.80 -5.01 33.73
CA GLN B 288 42.76 -5.69 32.85
C GLN B 288 43.80 -6.45 33.65
N LEU B 289 44.27 -5.87 34.75
CA LEU B 289 45.19 -6.57 35.64
C LEU B 289 44.60 -7.89 36.08
N LEU B 290 43.38 -7.86 36.63
CA LEU B 290 42.80 -9.09 37.17
C LEU B 290 42.46 -10.08 36.06
N TRP B 291 42.05 -9.59 34.89
CA TRP B 291 41.79 -10.48 33.76
C TRP B 291 43.03 -11.24 33.35
N LEU B 292 44.16 -10.55 33.16
CA LEU B 292 45.37 -11.24 32.75
C LEU B 292 45.93 -12.11 33.86
N LEU B 293 45.77 -11.71 35.11
CA LEU B 293 46.22 -12.55 36.22
C LEU B 293 45.39 -13.84 36.27
N GLY B 294 44.10 -13.76 36.01
CA GLY B 294 43.27 -14.95 35.97
C GLY B 294 43.55 -15.81 34.75
N TRP B 295 44.01 -15.20 33.67
CA TRP B 295 44.62 -15.98 32.59
C TRP B 295 45.82 -16.76 33.10
N ALA B 296 46.75 -16.07 33.75
CA ALA B 296 48.05 -16.65 34.04
C ALA B 296 47.96 -17.79 35.05
N LEU B 297 47.30 -17.55 36.18
CA LEU B 297 47.37 -18.49 37.29
C LEU B 297 46.23 -19.53 37.30
N ARG B 298 45.66 -19.84 36.14
CA ARG B 298 44.60 -20.85 36.12
C ARG B 298 45.17 -22.26 36.25
N GLY B 299 46.28 -22.54 35.56
CA GLY B 299 46.86 -23.87 35.59
C GLY B 299 48.17 -23.93 36.35
N LEU B 300 48.98 -22.88 36.22
CA LEU B 300 50.26 -22.81 36.91
C LEU B 300 50.09 -22.90 38.43
N GLN B 303 49.43 -22.83 46.78
CA GLN B 303 48.78 -21.56 47.11
C GLN B 303 47.35 -21.51 46.59
N PRO B 304 46.41 -21.20 47.47
CA PRO B 304 45.01 -21.13 47.06
C PRO B 304 44.63 -19.72 46.66
N PRO B 305 43.51 -19.55 45.94
CA PRO B 305 43.03 -18.20 45.63
C PRO B 305 42.44 -17.46 46.82
N ALA B 306 42.48 -18.06 48.02
CA ALA B 306 41.92 -17.40 49.19
C ALA B 306 42.66 -16.11 49.51
N LEU B 307 43.87 -15.93 48.96
CA LEU B 307 44.56 -14.66 49.10
C LEU B 307 43.78 -13.53 48.44
N PHE B 308 43.29 -13.76 47.22
CA PHE B 308 42.52 -12.76 46.49
C PHE B 308 41.01 -12.89 46.69
N LYS B 309 40.58 -13.92 47.42
CA LYS B 309 39.14 -14.08 47.69
C LYS B 309 38.52 -12.88 48.38
N PRO B 310 39.12 -12.28 49.44
CA PRO B 310 38.45 -11.15 50.09
C PRO B 310 38.26 -9.96 49.16
N GLN B 311 39.29 -9.66 48.37
CA GLN B 311 39.21 -8.56 47.44
C GLN B 311 38.12 -8.80 46.40
N LEU B 312 38.06 -10.02 45.86
CA LEU B 312 37.05 -10.33 44.84
C LEU B 312 35.64 -10.27 45.42
N VAL B 313 35.45 -10.81 46.62
CA VAL B 313 34.12 -10.78 47.25
C VAL B 313 33.71 -9.34 47.51
N ARG B 314 34.64 -8.51 48.01
CA ARG B 314 34.32 -7.12 48.25
C ARG B 314 33.96 -6.40 46.96
N LEU B 315 34.71 -6.66 45.89
CA LEU B 315 34.47 -5.96 44.62
C LEU B 315 33.18 -6.42 43.97
N LEU B 316 32.70 -7.63 44.28
CA LEU B 316 31.43 -8.04 43.68
C LEU B 316 30.25 -7.29 44.29
N GLY B 317 30.46 -6.58 45.39
CA GLY B 317 29.41 -5.72 45.93
C GLY B 317 29.26 -4.40 45.20
N THR B 318 29.96 -4.24 44.07
CA THR B 318 29.87 -3.06 43.25
C THR B 318 29.03 -3.34 42.01
N ALA B 319 28.85 -2.31 41.18
CA ALA B 319 28.09 -2.45 39.96
C ALA B 319 28.76 -1.74 38.79
N GLN B 320 30.00 -1.30 38.96
CA GLN B 320 30.73 -0.67 37.87
C GLN B 320 30.93 -1.67 36.74
N LEU B 321 30.90 -1.14 35.51
CA LEU B 321 30.85 -1.96 34.32
C LEU B 321 32.13 -2.78 34.13
N THR B 322 33.23 -2.38 34.76
CA THR B 322 34.50 -3.06 34.54
C THR B 322 34.80 -4.09 35.61
N LEU B 323 34.59 -3.76 36.88
CA LEU B 323 34.85 -4.74 37.93
C LEU B 323 33.88 -5.91 37.84
N LEU B 324 32.64 -5.64 37.42
CA LEU B 324 31.69 -6.72 37.20
C LEU B 324 32.16 -7.67 36.11
N HIS B 325 32.69 -7.13 35.02
CA HIS B 325 33.19 -7.99 33.95
C HIS B 325 34.46 -8.71 34.35
N ALA B 326 35.30 -8.07 35.15
CA ALA B 326 36.47 -8.75 35.71
C ALA B 326 36.05 -9.94 36.55
N MET B 327 35.05 -9.75 37.42
CA MET B 327 34.55 -10.85 38.22
C MET B 327 33.93 -11.94 37.34
N LEU B 328 33.18 -11.54 36.32
CA LEU B 328 32.51 -12.50 35.45
C LEU B 328 33.53 -13.35 34.69
N ALA B 329 34.53 -12.72 34.09
CA ALA B 329 35.55 -13.46 33.36
C ALA B 329 36.46 -14.24 34.30
N LEU B 330 36.67 -13.74 35.52
CA LEU B 330 37.44 -14.48 36.50
C LEU B 330 36.75 -15.79 36.84
N LYS B 331 35.42 -15.75 37.00
CA LYS B 331 34.69 -16.99 37.26
C LYS B 331 34.58 -17.85 36.00
N ALA B 332 34.56 -17.23 34.81
CA ALA B 332 34.47 -18.00 33.58
C ALA B 332 35.79 -18.64 33.17
N ALA B 333 36.91 -18.17 33.73
CA ALA B 333 38.22 -18.76 33.49
C ALA B 333 38.62 -19.70 34.61
N PHE B 334 38.64 -19.20 35.85
CA PHE B 334 38.93 -20.06 36.99
C PHE B 334 37.90 -21.16 37.16
N GLY B 335 36.74 -21.03 36.55
CA GLY B 335 35.76 -22.11 36.62
C GLY B 335 35.16 -22.22 38.00
N GLU B 336 35.03 -23.46 38.48
CA GLU B 336 34.29 -23.75 39.70
C GLU B 336 35.21 -23.97 40.90
N ALA B 337 36.47 -23.56 40.81
CA ALA B 337 37.40 -23.78 41.92
C ALA B 337 37.00 -22.96 43.14
N LEU B 338 36.78 -21.66 42.95
CA LEU B 338 36.47 -20.78 44.07
C LEU B 338 34.98 -20.48 44.21
N PHE B 339 34.22 -20.59 43.12
CA PHE B 339 32.80 -20.30 43.18
C PHE B 339 32.07 -21.35 44.03
N THR B 340 31.24 -20.88 44.94
CA THR B 340 30.38 -21.76 45.72
C THR B 340 29.13 -22.08 44.91
N ALA B 341 28.41 -23.12 45.33
CA ALA B 341 27.18 -23.49 44.66
C ALA B 341 26.13 -22.40 44.76
N GLN B 342 26.13 -21.66 45.87
CA GLN B 342 25.18 -20.58 46.07
C GLN B 342 25.72 -19.21 45.71
N ASP B 343 27.05 -19.03 45.71
CA ASP B 343 27.60 -17.75 45.30
C ASP B 343 27.28 -17.45 43.84
N GLU B 344 27.15 -18.49 43.02
CA GLU B 344 26.64 -18.30 41.67
C GLU B 344 25.23 -17.70 41.70
N ALA B 345 24.43 -18.09 42.69
CA ALA B 345 23.08 -17.55 42.79
C ALA B 345 23.08 -16.07 43.14
N LEU B 346 23.92 -15.65 44.09
CA LEU B 346 24.02 -14.23 44.42
C LEU B 346 24.56 -13.43 43.26
N LEU B 347 25.56 -13.96 42.55
CA LEU B 347 26.08 -13.27 41.39
C LEU B 347 25.02 -13.14 40.31
N LEU B 348 24.25 -14.20 40.07
CA LEU B 348 23.19 -14.14 39.09
C LEU B 348 22.13 -13.12 39.49
N ARG B 349 21.77 -13.09 40.77
CA ARG B 349 20.79 -12.12 41.24
C ARG B 349 21.28 -10.70 41.04
N ARG B 350 22.56 -10.44 41.33
CA ARG B 350 23.06 -9.07 41.20
C ARG B 350 23.19 -8.66 39.74
N LEU B 351 23.58 -9.58 38.87
CA LEU B 351 23.61 -9.25 37.45
C LEU B 351 22.20 -8.96 36.94
N THR B 352 21.22 -9.76 37.35
CA THR B 352 19.85 -9.54 36.91
C THR B 352 19.30 -8.22 37.46
N LEU B 353 19.59 -7.93 38.73
CA LEU B 353 19.24 -6.64 39.31
C LEU B 353 19.83 -5.49 38.52
N ALA B 354 21.13 -5.58 38.23
CA ALA B 354 21.80 -4.51 37.50
C ALA B 354 21.34 -4.42 36.06
N ALA B 355 20.67 -5.45 35.54
CA ALA B 355 20.15 -5.38 34.19
C ALA B 355 18.95 -4.45 34.06
N GLN B 356 18.35 -4.02 35.18
CA GLN B 356 17.19 -3.14 35.12
C GLN B 356 17.19 -2.06 36.21
N HIS B 357 18.32 -1.79 36.83
CA HIS B 357 18.37 -0.84 37.94
C HIS B 357 18.34 0.60 37.45
N PRO B 358 17.39 1.42 37.90
CA PRO B 358 17.28 2.79 37.37
C PRO B 358 18.52 3.66 37.55
N ALA B 359 19.32 3.41 38.60
CA ALA B 359 20.45 4.32 38.82
C ALA B 359 21.58 4.16 37.82
N LEU B 360 21.44 3.41 36.73
CA LEU B 360 22.51 3.16 35.77
C LEU B 360 22.04 3.50 34.37
N PRO B 361 22.94 3.84 33.47
CA PRO B 361 22.54 4.18 32.10
C PRO B 361 22.05 2.95 31.35
N PRO B 362 21.42 3.13 30.20
CA PRO B 362 20.96 1.98 29.41
C PRO B 362 22.09 1.02 29.03
N PRO B 363 23.28 1.52 28.62
CA PRO B 363 24.33 0.58 28.20
C PRO B 363 24.71 -0.44 29.26
N THR B 364 24.83 -0.03 30.51
CA THR B 364 25.15 -1.00 31.56
C THR B 364 24.06 -2.04 31.68
N HIS B 365 22.79 -1.59 31.63
CA HIS B 365 21.65 -2.49 31.71
C HIS B 365 21.73 -3.57 30.64
N LEU B 366 21.92 -3.15 29.38
CA LEU B 366 21.92 -4.12 28.30
C LEU B 366 23.16 -5.01 28.35
N PHE B 367 24.30 -4.49 28.80
CA PHE B 367 25.47 -5.33 28.96
C PHE B 367 25.18 -6.47 29.93
N TYR B 368 24.63 -6.15 31.10
CA TYR B 368 24.39 -7.25 32.04
C TYR B 368 23.23 -8.12 31.61
N LEU B 369 22.31 -7.59 30.81
CA LEU B 369 21.25 -8.42 30.26
C LEU B 369 21.80 -9.44 29.26
N HIS B 370 22.85 -9.09 28.52
CA HIS B 370 23.52 -10.06 27.68
C HIS B 370 24.41 -11.00 28.50
N CYS B 371 24.99 -10.50 29.59
CA CYS B 371 25.84 -11.33 30.42
C CYS B 371 25.05 -12.43 31.12
N VAL B 372 23.84 -12.12 31.59
CA VAL B 372 23.08 -13.09 32.36
C VAL B 372 22.68 -14.29 31.51
N LEU B 373 22.28 -14.05 30.25
CA LEU B 373 21.82 -15.14 29.40
C LEU B 373 22.94 -16.14 29.12
N SER B 374 24.14 -15.67 28.81
CA SER B 374 25.31 -16.52 28.53
C SER B 374 26.19 -16.67 29.76
N PHE B 375 25.61 -16.62 30.94
CA PHE B 375 26.37 -16.69 32.17
C PHE B 375 27.12 -18.01 32.24
N PRO B 376 28.41 -18.00 32.63
CA PRO B 376 29.25 -19.19 32.66
C PRO B 376 29.05 -20.07 33.88
N GLU B 377 28.57 -21.29 33.64
CA GLU B 377 28.18 -22.20 34.72
C GLU B 377 29.40 -22.81 35.41
N ASN B 378 29.21 -23.18 36.68
CA ASN B 378 30.30 -23.79 37.45
C ASN B 378 30.40 -25.29 37.18
N TRP B 379 29.33 -26.03 37.47
CA TRP B 379 29.27 -27.47 37.27
C TRP B 379 27.99 -27.77 36.49
N PRO B 380 28.01 -27.63 35.15
CA PRO B 380 26.86 -27.86 34.29
C PRO B 380 26.30 -29.28 34.41
N GLY B 394 15.39 -19.14 41.03
CA GLY B 394 14.39 -19.89 40.31
C GLY B 394 13.42 -19.01 39.55
N PRO B 395 12.12 -19.29 39.69
CA PRO B 395 11.13 -18.45 39.01
C PRO B 395 11.16 -16.99 39.44
N GLN B 396 11.49 -16.72 40.70
CA GLN B 396 11.52 -15.34 41.16
C GLN B 396 12.56 -14.51 40.41
N LEU B 397 13.73 -15.09 40.13
CA LEU B 397 14.72 -14.38 39.31
C LEU B 397 14.16 -14.10 37.92
N CYS B 398 13.39 -15.03 37.38
CA CYS B 398 12.69 -14.81 36.11
C CYS B 398 11.62 -13.74 36.21
N ARG B 399 11.21 -13.38 37.44
CA ARG B 399 10.25 -12.31 37.67
C ARG B 399 10.91 -11.00 38.08
N GLY B 400 12.23 -10.94 38.09
CA GLY B 400 12.93 -9.69 38.34
C GLY B 400 13.44 -9.08 37.05
N LEU B 401 13.29 -9.80 35.94
CA LEU B 401 13.76 -9.31 34.64
C LEU B 401 12.79 -9.57 33.50
N LEU B 402 11.65 -10.19 33.75
CA LEU B 402 10.76 -10.54 32.65
C LEU B 402 10.32 -9.26 31.92
N PRO B 403 10.17 -9.30 30.61
CA PRO B 403 9.89 -8.08 29.87
C PRO B 403 8.56 -7.47 30.26
N SER B 404 8.46 -6.16 30.03
CA SER B 404 7.21 -5.43 30.14
C SER B 404 7.10 -4.49 28.94
N LEU B 405 6.02 -3.74 28.89
CA LEU B 405 5.85 -2.72 27.88
C LEU B 405 6.26 -1.34 28.37
N LEU B 406 6.84 -1.25 29.57
CA LEU B 406 7.51 -0.05 30.05
C LEU B 406 8.98 -0.03 29.63
N HIS B 407 9.38 -0.93 28.74
CA HIS B 407 10.77 -1.12 28.36
C HIS B 407 11.02 -0.47 27.00
N ASP B 408 12.08 0.33 26.92
CA ASP B 408 12.49 0.95 25.67
C ASP B 408 12.82 -0.14 24.64
N PRO B 409 12.74 0.18 23.34
CA PRO B 409 12.68 -0.88 22.33
C PRO B 409 13.79 -1.90 22.38
N MET B 410 15.01 -1.47 22.70
CA MET B 410 16.16 -2.33 22.58
C MET B 410 16.48 -3.06 23.88
N ALA B 411 15.69 -2.84 24.93
CA ALA B 411 15.87 -3.51 26.21
C ALA B 411 14.86 -4.61 26.46
N LEU B 412 13.92 -4.82 25.55
CA LEU B 412 13.00 -5.93 25.67
C LEU B 412 13.59 -7.21 25.08
N LEU B 413 14.18 -7.11 23.88
CA LEU B 413 14.74 -8.29 23.22
C LEU B 413 15.88 -8.88 24.02
N ALA B 414 16.54 -8.08 24.85
CA ALA B 414 17.46 -8.63 25.83
C ALA B 414 16.74 -9.42 26.91
N ARG B 415 15.42 -9.29 27.00
CA ARG B 415 14.64 -9.96 28.04
C ARG B 415 13.63 -10.95 27.48
N LEU B 416 13.53 -11.09 26.15
CA LEU B 416 12.57 -12.01 25.58
C LEU B 416 12.97 -13.46 25.78
N HIS B 417 14.28 -13.73 25.76
CA HIS B 417 14.73 -15.10 25.95
C HIS B 417 14.35 -15.61 27.32
N LEU B 418 14.33 -14.75 28.33
CA LEU B 418 13.95 -15.19 29.66
C LEU B 418 12.51 -15.68 29.66
N LEU B 419 11.62 -14.94 28.99
CA LEU B 419 10.22 -15.32 28.96
C LEU B 419 10.01 -16.57 28.11
N CYS B 420 10.74 -16.71 27.01
CA CYS B 420 10.62 -17.94 26.22
C CYS B 420 11.12 -19.15 27.00
N LEU B 421 12.20 -18.98 27.75
CA LEU B 421 12.69 -20.06 28.62
C LEU B 421 11.65 -20.42 29.67
N LEU B 422 11.06 -19.42 30.32
CA LEU B 422 10.09 -19.69 31.37
C LEU B 422 8.82 -20.33 30.83
N CYS B 423 8.34 -19.88 29.68
CA CYS B 423 7.10 -20.37 29.13
C CYS B 423 7.27 -21.66 28.33
N ALA B 424 8.51 -22.03 27.99
CA ALA B 424 8.72 -23.27 27.24
C ALA B 424 8.19 -24.47 28.00
N GLU B 425 8.50 -24.54 29.29
CA GLU B 425 8.03 -25.63 30.14
C GLU B 425 6.60 -25.37 30.60
N GLU B 426 5.69 -25.33 29.62
CA GLU B 426 4.27 -25.11 29.88
C GLU B 426 3.42 -26.16 29.18
N LEU B 434 -0.38 -16.94 39.73
CA LEU B 434 0.43 -16.57 38.59
C LEU B 434 -0.30 -16.88 37.29
N PRO B 435 -0.60 -15.85 36.49
CA PRO B 435 -1.20 -16.10 35.18
C PRO B 435 -0.32 -16.98 34.33
N SER B 436 -0.92 -17.65 33.36
CA SER B 436 -0.16 -18.56 32.52
C SER B 436 0.85 -17.76 31.70
N PRO B 437 2.14 -18.04 31.82
CA PRO B 437 3.18 -17.27 30.99
C PRO B 437 2.82 -17.14 29.55
N ARG B 438 2.05 -18.08 29.01
CA ARG B 438 1.54 -17.90 27.66
C ARG B 438 0.59 -16.71 27.58
N HIS B 439 -0.20 -16.51 28.63
CA HIS B 439 -1.13 -15.38 28.64
C HIS B 439 -0.38 -14.05 28.70
N TYR B 440 0.64 -13.95 29.54
CA TYR B 440 1.42 -12.72 29.59
C TYR B 440 2.19 -12.50 28.30
N LEU B 441 2.72 -13.57 27.71
CA LEU B 441 3.38 -13.42 26.41
C LEU B 441 2.39 -12.94 25.36
N GLU B 442 1.16 -13.43 25.40
CA GLU B 442 0.15 -12.98 24.48
C GLU B 442 -0.14 -11.50 24.68
N GLU B 443 -0.24 -11.06 25.94
CA GLU B 443 -0.52 -9.65 26.21
C GLU B 443 0.64 -8.76 25.76
N LEU B 444 1.88 -9.19 26.03
CA LEU B 444 3.05 -8.40 25.64
C LEU B 444 3.16 -8.30 24.12
N LEU B 445 3.05 -9.43 23.44
CA LEU B 445 3.12 -9.41 21.99
C LEU B 445 1.92 -8.68 21.39
N ALA B 446 0.77 -8.71 22.06
CA ALA B 446 -0.38 -7.96 21.58
C ALA B 446 -0.15 -6.46 21.71
N GLY B 447 0.49 -6.03 22.80
CA GLY B 447 0.86 -4.64 22.91
C GLY B 447 1.84 -4.22 21.84
N LEU B 448 2.83 -5.07 21.55
CA LEU B 448 3.76 -4.76 20.47
C LEU B 448 3.04 -4.66 19.13
N ARG B 449 2.08 -5.55 18.89
CA ARG B 449 1.31 -5.48 17.65
C ARG B 449 0.49 -4.21 17.58
N GLN B 450 -0.12 -3.81 18.69
CA GLN B 450 -0.93 -2.59 18.69
C GLN B 450 -0.06 -1.36 18.47
N ARG B 451 1.15 -1.36 19.03
CA ARG B 451 2.10 -0.31 18.72
C ARG B 451 2.42 -0.31 17.22
N ALA B 452 2.64 -1.48 16.64
CA ALA B 452 3.05 -1.56 15.25
C ALA B 452 1.96 -1.09 14.32
N ALA B 453 0.70 -1.42 14.62
CA ALA B 453 -0.41 -1.05 13.76
C ALA B 453 -0.69 0.44 13.78
N LEU B 454 -0.10 1.19 14.70
CA LEU B 454 -0.30 2.64 14.78
C LEU B 454 0.32 3.29 13.56
N ASP B 455 -0.52 3.73 12.63
CA ASP B 455 -0.01 4.39 11.43
C ASP B 455 0.52 5.77 11.79
N GLY B 456 1.75 6.06 11.36
CA GLY B 456 2.39 7.31 11.67
C GLY B 456 3.51 7.24 12.69
N GLY B 457 3.92 6.04 13.10
CA GLY B 457 5.01 5.89 14.03
C GLY B 457 6.32 5.55 13.34
N PRO B 458 7.40 5.49 14.11
CA PRO B 458 8.70 5.10 13.53
C PRO B 458 8.77 3.60 13.28
N ARG B 459 9.79 3.21 12.52
CA ARG B 459 9.98 1.82 12.15
C ARG B 459 10.54 0.97 13.29
N ALA B 460 11.02 1.61 14.36
CA ALA B 460 11.54 0.86 15.48
C ALA B 460 10.48 -0.06 16.07
N LEU B 461 9.21 0.35 16.01
CA LEU B 461 8.13 -0.44 16.61
C LEU B 461 7.91 -1.74 15.84
N ALA B 462 7.81 -1.64 14.51
CA ALA B 462 7.65 -2.83 13.69
C ALA B 462 8.87 -3.74 13.79
N THR B 463 10.06 -3.14 13.81
CA THR B 463 11.27 -3.95 13.96
C THR B 463 11.26 -4.68 15.29
N LEU B 464 10.81 -4.01 16.36
CA LEU B 464 10.66 -4.68 17.64
C LEU B 464 9.75 -5.88 17.52
N CYS B 465 8.57 -5.69 16.92
CA CYS B 465 7.60 -6.79 16.86
C CYS B 465 8.17 -7.98 16.12
N PHE B 466 8.83 -7.72 14.98
CA PHE B 466 9.29 -8.84 14.16
C PHE B 466 10.51 -9.53 14.77
N GLN B 467 11.41 -8.78 15.39
CA GLN B 467 12.52 -9.42 16.08
C GLN B 467 12.02 -10.27 17.24
N ALA B 468 11.03 -9.77 17.98
CA ALA B 468 10.47 -10.56 19.07
C ALA B 468 9.81 -11.83 18.53
N SER B 469 9.09 -11.71 17.42
CA SER B 469 8.46 -12.88 16.81
C SER B 469 9.51 -13.90 16.40
N TYR B 470 10.61 -13.45 15.80
CA TYR B 470 11.67 -14.37 15.41
C TYR B 470 12.27 -15.08 16.61
N LEU B 471 12.54 -14.33 17.69
CA LEU B 471 13.12 -14.96 18.87
C LEU B 471 12.18 -16.02 19.45
N VAL B 472 10.89 -15.71 19.53
CA VAL B 472 9.95 -16.69 20.08
C VAL B 472 9.81 -17.89 19.14
N ALA B 473 9.80 -17.64 17.83
CA ALA B 473 9.65 -18.73 16.87
C ALA B 473 10.81 -19.70 16.94
N CYS B 474 12.04 -19.18 16.92
CA CYS B 474 13.19 -20.06 17.05
C CYS B 474 13.22 -20.73 18.41
N CYS B 475 12.85 -20.00 19.46
CA CYS B 475 12.88 -20.58 20.79
C CYS B 475 11.72 -21.53 21.06
N LEU B 476 10.59 -21.33 20.38
CA LEU B 476 9.38 -22.09 20.67
C LEU B 476 8.79 -22.69 19.40
N ALA B 477 9.63 -23.36 18.61
CA ALA B 477 9.15 -24.23 17.54
C ALA B 477 8.96 -25.60 18.15
N GLY B 478 7.70 -25.96 18.43
CA GLY B 478 7.43 -27.22 19.09
C GLY B 478 6.29 -27.19 20.08
N GLN B 479 5.68 -26.02 20.27
CA GLN B 479 4.48 -25.89 21.10
C GLN B 479 3.42 -25.14 20.32
N PRO B 480 2.50 -25.85 19.67
CA PRO B 480 1.40 -25.18 18.97
C PRO B 480 0.48 -24.39 19.90
N THR B 481 0.44 -24.72 21.19
CA THR B 481 -0.44 -24.02 22.11
C THR B 481 -0.14 -22.53 22.18
N VAL B 482 1.14 -22.16 22.30
CA VAL B 482 1.53 -20.76 22.32
C VAL B 482 1.73 -20.22 20.92
N LEU B 483 1.76 -21.07 19.91
CA LEU B 483 2.17 -20.61 18.59
C LEU B 483 0.95 -20.27 17.74
N THR B 484 -0.15 -20.97 17.93
CA THR B 484 -1.38 -20.61 17.22
C THR B 484 -1.80 -19.17 17.50
N PRO B 485 -1.81 -18.70 18.76
CA PRO B 485 -2.07 -17.26 18.97
C PRO B 485 -1.06 -16.36 18.30
N LEU B 486 0.22 -16.76 18.27
CA LEU B 486 1.23 -15.93 17.63
C LEU B 486 0.97 -15.82 16.13
N ILE B 487 0.63 -16.94 15.49
CA ILE B 487 0.32 -16.94 14.06
C ILE B 487 -0.92 -16.09 13.79
N HIS B 488 -1.95 -16.24 14.63
CA HIS B 488 -3.16 -15.45 14.44
C HIS B 488 -2.88 -13.96 14.61
N GLY B 489 -2.07 -13.61 15.61
CA GLY B 489 -1.73 -12.21 15.82
C GLY B 489 -0.94 -11.62 14.67
N LEU B 490 0.00 -12.39 14.14
CA LEU B 490 0.77 -11.91 12.99
C LEU B 490 -0.14 -11.73 11.77
N ALA B 491 -1.07 -12.65 11.56
CA ALA B 491 -2.00 -12.51 10.45
C ALA B 491 -2.86 -11.26 10.60
N GLN B 492 -3.42 -11.06 11.79
CA GLN B 492 -4.23 -9.87 12.02
C GLN B 492 -3.40 -8.60 11.87
N LEU B 493 -2.15 -8.64 12.34
CA LEU B 493 -1.26 -7.49 12.22
C LEU B 493 -1.00 -7.15 10.76
N TYR B 494 -0.82 -8.18 9.93
CA TYR B 494 -0.71 -7.91 8.50
C TYR B 494 -1.97 -7.29 7.96
N GLN B 495 -3.13 -7.81 8.38
CA GLN B 495 -4.40 -7.25 7.90
C GLN B 495 -4.53 -5.78 8.27
N ALA B 496 -4.11 -5.43 9.48
CA ALA B 496 -4.23 -4.05 9.95
C ALA B 496 -3.21 -3.15 9.26
N ARG B 497 -1.95 -3.59 9.17
CA ARG B 497 -0.85 -2.77 8.65
C ARG B 497 -0.20 -3.47 7.46
N PRO B 498 -0.64 -3.18 6.24
CA PRO B 498 -0.01 -3.80 5.07
C PRO B 498 1.36 -3.24 4.74
N MET B 499 1.76 -2.11 5.32
CA MET B 499 3.05 -1.53 4.96
C MET B 499 4.24 -2.36 5.45
N LEU B 500 3.99 -3.40 6.23
CA LEU B 500 5.05 -4.22 6.80
C LEU B 500 5.37 -5.43 5.95
N ALA B 501 5.27 -5.32 4.63
CA ALA B 501 5.56 -6.46 3.75
C ALA B 501 7.00 -6.97 3.85
N PRO B 502 8.04 -6.13 3.77
CA PRO B 502 9.40 -6.68 3.81
C PRO B 502 9.72 -7.46 5.06
N HIS B 503 9.19 -7.05 6.21
CA HIS B 503 9.49 -7.72 7.47
C HIS B 503 9.05 -9.17 7.43
N PHE B 504 7.83 -9.40 6.94
CA PHE B 504 7.31 -10.76 6.86
C PHE B 504 8.11 -11.61 5.88
N VAL B 505 8.53 -11.01 4.76
CA VAL B 505 9.35 -11.75 3.79
C VAL B 505 10.65 -12.21 4.43
N ASP B 506 11.30 -11.31 5.17
CA ASP B 506 12.54 -11.70 5.84
C ASP B 506 12.29 -12.80 6.87
N LEU B 507 11.21 -12.66 7.64
CA LEU B 507 10.91 -13.67 8.66
C LEU B 507 10.68 -15.03 8.01
N LEU B 508 9.91 -15.07 6.92
CA LEU B 508 9.69 -16.31 6.20
C LEU B 508 10.99 -16.87 5.64
N ASP B 509 11.91 -16.02 5.21
CA ASP B 509 13.20 -16.46 4.71
C ASP B 509 14.14 -16.93 5.82
N GLN B 510 13.82 -16.68 7.07
CA GLN B 510 14.69 -17.11 8.16
C GLN B 510 14.15 -18.29 8.98
N VAL B 511 12.87 -18.27 9.36
CA VAL B 511 12.38 -19.24 10.33
C VAL B 511 12.37 -20.64 9.72
N ASP B 512 12.43 -21.65 10.59
CA ASP B 512 12.47 -23.05 10.18
C ASP B 512 11.12 -23.49 9.62
N SER B 513 11.11 -24.67 9.00
CA SER B 513 9.95 -25.14 8.26
C SER B 513 8.75 -25.37 9.17
N GLU B 514 8.98 -25.87 10.39
CA GLU B 514 7.88 -26.16 11.32
C GLU B 514 7.03 -24.93 11.55
N LEU B 515 7.63 -23.74 11.48
CA LEU B 515 6.87 -22.50 11.49
C LEU B 515 6.74 -21.87 10.12
N ARG B 516 7.58 -22.22 9.16
CA ARG B 516 7.46 -21.62 7.83
C ARG B 516 6.16 -22.03 7.18
N GLU B 517 5.70 -23.26 7.41
CA GLU B 517 4.54 -23.74 6.64
C GLU B 517 3.21 -23.23 7.19
N PRO B 518 2.85 -23.42 8.46
CA PRO B 518 1.54 -22.94 8.91
C PRO B 518 1.36 -21.43 8.79
N LEU B 519 2.41 -20.67 9.07
CA LEU B 519 2.35 -19.22 8.89
C LEU B 519 2.16 -18.90 7.42
N LYS B 520 2.83 -19.63 6.54
CA LYS B 520 2.64 -19.46 5.12
C LYS B 520 1.17 -19.64 4.75
N VAL B 521 0.56 -20.71 5.27
CA VAL B 521 -0.84 -20.99 4.96
C VAL B 521 -1.73 -19.86 5.42
N VAL B 522 -1.58 -19.45 6.68
CA VAL B 522 -2.49 -18.46 7.26
C VAL B 522 -2.31 -17.10 6.59
N LEU B 523 -1.08 -16.74 6.27
CA LEU B 523 -0.84 -15.45 5.65
C LEU B 523 -1.33 -15.44 4.21
N ARG B 524 -1.21 -16.56 3.50
CA ARG B 524 -1.83 -16.66 2.19
C ARG B 524 -3.34 -16.50 2.30
N GLN B 525 -3.94 -17.12 3.31
CA GLN B 525 -5.39 -16.99 3.48
C GLN B 525 -5.77 -15.54 3.72
N VAL B 526 -4.99 -14.83 4.53
CA VAL B 526 -5.29 -13.42 4.82
C VAL B 526 -5.18 -12.60 3.55
N VAL B 527 -4.11 -12.78 2.78
CA VAL B 527 -3.90 -11.94 1.60
C VAL B 527 -4.96 -12.22 0.54
N VAL B 528 -5.32 -13.49 0.33
CA VAL B 528 -6.30 -13.82 -0.70
C VAL B 528 -7.74 -13.72 -0.20
N SER B 529 -7.94 -13.41 1.09
CA SER B 529 -9.30 -13.24 1.60
C SER B 529 -9.98 -12.01 1.00
N ARG B 530 -9.26 -10.90 0.93
CA ARG B 530 -9.82 -9.70 0.33
C ARG B 530 -10.06 -9.94 -1.17
N PRO B 531 -11.09 -9.32 -1.74
CA PRO B 531 -11.30 -9.45 -3.19
C PRO B 531 -10.12 -8.95 -4.00
N GLY B 532 -9.45 -7.90 -3.56
CA GLY B 532 -8.28 -7.41 -4.26
C GLY B 532 -8.43 -6.00 -4.80
N ARG B 533 -9.29 -5.20 -4.18
CA ARG B 533 -9.52 -3.83 -4.60
C ARG B 533 -8.81 -2.82 -3.74
N ASP B 534 -7.91 -3.25 -2.86
CA ASP B 534 -7.26 -2.35 -1.93
C ASP B 534 -6.24 -1.48 -2.66
N GLU B 535 -5.76 -0.46 -1.97
CA GLU B 535 -4.62 0.32 -2.42
C GLU B 535 -3.29 -0.23 -1.91
N ALA B 536 -3.32 -1.23 -1.03
CA ALA B 536 -2.12 -1.87 -0.52
C ALA B 536 -1.71 -3.08 -1.35
N LEU B 537 -2.12 -3.14 -2.61
CA LEU B 537 -1.80 -4.27 -3.46
C LEU B 537 -0.29 -4.41 -3.64
N CYS B 538 0.41 -3.28 -3.78
CA CYS B 538 1.86 -3.31 -3.91
C CYS B 538 2.52 -3.92 -2.68
N TRP B 539 1.82 -3.98 -1.56
CA TRP B 539 2.33 -4.66 -0.38
C TRP B 539 1.80 -6.08 -0.24
N HIS B 540 0.66 -6.39 -0.84
CA HIS B 540 0.14 -7.75 -0.81
C HIS B 540 0.95 -8.67 -1.72
N LEU B 541 1.25 -8.20 -2.93
CA LEU B 541 1.88 -9.06 -3.92
C LEU B 541 3.24 -9.55 -3.45
N GLN B 542 3.91 -8.81 -2.59
CA GLN B 542 5.22 -9.24 -2.13
C GLN B 542 5.10 -10.52 -1.30
N MET B 543 4.17 -10.55 -0.35
CA MET B 543 3.91 -11.79 0.38
C MET B 543 3.40 -12.88 -0.55
N LEU B 544 2.51 -12.54 -1.47
CA LEU B 544 1.99 -13.55 -2.39
C LEU B 544 3.12 -14.24 -3.13
N ALA B 545 4.10 -13.47 -3.60
CA ALA B 545 5.26 -14.07 -4.25
C ALA B 545 6.10 -14.86 -3.26
N LYS B 546 6.27 -14.35 -2.05
CA LYS B 546 7.13 -15.01 -1.08
C LYS B 546 6.52 -16.27 -0.49
N VAL B 547 5.26 -16.57 -0.80
CA VAL B 547 4.58 -17.71 -0.17
C VAL B 547 3.92 -18.65 -1.16
N ALA B 548 3.69 -18.27 -2.41
CA ALA B 548 2.84 -19.05 -3.30
C ALA B 548 3.45 -20.43 -3.57
N ASP B 549 2.60 -21.45 -3.52
CA ASP B 549 3.02 -22.83 -3.71
C ASP B 549 1.86 -23.58 -4.37
N GLY B 550 1.91 -24.90 -4.34
CA GLY B 550 0.91 -25.71 -5.01
C GLY B 550 -0.17 -26.28 -4.12
N ASP B 551 -0.36 -25.70 -2.93
CA ASP B 551 -1.35 -26.24 -2.00
C ASP B 551 -2.75 -25.73 -2.32
N ALA B 552 -2.96 -24.42 -2.23
CA ALA B 552 -4.27 -23.80 -2.43
C ALA B 552 -4.23 -23.09 -3.78
N GLN B 553 -4.71 -23.77 -4.81
CA GLN B 553 -4.57 -23.27 -6.18
C GLN B 553 -5.67 -22.28 -6.54
N SER B 554 -6.92 -22.73 -6.49
CA SER B 554 -8.01 -21.96 -7.09
C SER B 554 -8.21 -20.62 -6.41
N ALA B 555 -8.08 -20.57 -5.08
CA ALA B 555 -8.23 -19.31 -4.37
C ALA B 555 -7.16 -18.31 -4.79
N THR B 556 -5.91 -18.77 -4.86
CA THR B 556 -4.81 -17.89 -5.28
C THR B 556 -5.03 -17.41 -6.70
N LEU B 557 -5.45 -18.30 -7.59
CA LEU B 557 -5.69 -17.90 -8.98
C LEU B 557 -6.80 -16.87 -9.07
N ASN B 558 -7.88 -17.06 -8.31
CA ASN B 558 -8.96 -16.09 -8.31
C ASN B 558 -8.50 -14.74 -7.79
N PHE B 559 -7.74 -14.74 -6.68
CA PHE B 559 -7.27 -13.48 -6.11
C PHE B 559 -6.35 -12.75 -7.08
N LEU B 560 -5.44 -13.49 -7.70
CA LEU B 560 -4.51 -12.89 -8.65
C LEU B 560 -5.26 -12.35 -9.86
N GLN B 561 -6.27 -13.08 -10.33
CA GLN B 561 -7.07 -12.61 -11.46
C GLN B 561 -7.78 -11.31 -11.13
N ALA B 562 -8.33 -11.22 -9.92
CA ALA B 562 -8.96 -9.98 -9.49
C ALA B 562 -7.95 -8.84 -9.41
N ALA B 563 -6.75 -9.13 -8.88
CA ALA B 563 -5.75 -8.10 -8.70
C ALA B 563 -5.15 -7.63 -10.01
N ALA B 564 -5.28 -8.43 -11.08
CA ALA B 564 -4.71 -8.04 -12.36
C ALA B 564 -5.19 -6.66 -12.80
N ALA B 565 -6.45 -6.32 -12.52
CA ALA B 565 -6.99 -5.04 -12.95
C ALA B 565 -6.52 -3.88 -12.08
N HIS B 566 -5.96 -4.16 -10.90
CA HIS B 566 -5.52 -3.12 -9.98
C HIS B 566 -4.01 -2.95 -9.98
N CYS B 567 -3.36 -3.09 -11.13
CA CYS B 567 -1.92 -2.90 -11.26
C CYS B 567 -1.68 -1.88 -12.37
N THR B 568 -1.27 -0.67 -12.00
CA THR B 568 -1.01 0.40 -12.95
C THR B 568 0.44 0.86 -12.95
N ASN B 569 1.23 0.48 -11.94
CA ASN B 569 2.62 0.88 -11.85
C ASN B 569 3.52 -0.34 -11.88
N TRP B 570 4.75 -0.13 -12.35
CA TRP B 570 5.68 -1.21 -12.63
C TRP B 570 5.99 -2.06 -11.41
N ASP B 571 5.95 -1.46 -10.21
CA ASP B 571 6.32 -2.19 -9.00
C ASP B 571 5.37 -3.35 -8.73
N LEU B 572 4.07 -3.09 -8.74
CA LEU B 572 3.09 -4.15 -8.55
C LEU B 572 3.12 -5.12 -9.73
N GLN B 573 3.35 -4.61 -10.92
CA GLN B 573 3.46 -5.46 -12.09
C GLN B 573 4.69 -6.34 -12.07
N GLN B 574 5.65 -6.08 -11.19
CA GLN B 574 6.72 -7.05 -11.00
C GLN B 574 6.51 -7.95 -9.80
N GLY B 575 5.85 -7.45 -8.74
CA GLY B 575 5.47 -8.35 -7.65
C GLY B 575 4.55 -9.45 -8.13
N LEU B 576 3.62 -9.12 -9.04
CA LEU B 576 2.68 -10.11 -9.55
C LEU B 576 3.37 -11.24 -10.30
N LEU B 577 4.30 -10.90 -11.19
CA LEU B 577 5.02 -11.97 -11.86
C LEU B 577 6.04 -12.62 -10.95
N ARG B 578 6.44 -11.97 -9.86
CA ARG B 578 7.17 -12.71 -8.85
C ARG B 578 6.32 -13.84 -8.28
N VAL B 579 5.03 -13.56 -8.08
CA VAL B 579 4.10 -14.61 -7.64
C VAL B 579 4.03 -15.72 -8.69
N CYS B 580 3.88 -15.33 -9.95
CA CYS B 580 3.77 -16.33 -11.02
C CYS B 580 5.04 -17.17 -11.13
N ARG B 581 6.21 -16.54 -10.96
CA ARG B 581 7.47 -17.29 -10.94
C ARG B 581 7.53 -18.23 -9.75
N ALA B 582 6.99 -17.83 -8.61
CA ALA B 582 6.95 -18.73 -7.46
C ALA B 582 6.10 -19.96 -7.78
N LEU B 583 4.97 -19.75 -8.46
CA LEU B 583 4.15 -20.89 -8.89
C LEU B 583 4.91 -21.77 -9.87
N LEU B 584 5.55 -21.16 -10.87
CA LEU B 584 6.49 -21.83 -11.76
C LEU B 584 7.40 -22.78 -11.01
N ARG B 585 8.14 -22.24 -10.04
CA ARG B 585 9.08 -23.07 -9.29
C ARG B 585 8.37 -24.17 -8.52
N ALA B 586 7.17 -23.89 -8.00
CA ALA B 586 6.43 -24.91 -7.27
C ALA B 586 6.10 -26.10 -8.18
N GLY B 587 5.68 -25.83 -9.41
CA GLY B 587 5.37 -26.88 -10.36
C GLY B 587 3.93 -27.00 -10.76
N VAL B 588 3.07 -26.09 -10.32
CA VAL B 588 1.66 -26.15 -10.69
C VAL B 588 1.50 -26.06 -12.20
N ARG B 589 0.64 -26.90 -12.76
CA ARG B 589 0.53 -27.02 -14.21
C ARG B 589 -0.78 -26.48 -14.76
N GLY B 590 -1.92 -27.02 -14.32
CA GLY B 590 -3.18 -26.69 -14.95
C GLY B 590 -3.77 -25.40 -14.42
N GLY B 591 -4.51 -24.71 -15.29
CA GLY B 591 -5.14 -23.46 -14.93
C GLY B 591 -4.17 -22.30 -14.97
N LEU B 592 -2.92 -22.57 -14.61
CA LEU B 592 -1.87 -21.57 -14.74
C LEU B 592 -1.59 -21.25 -16.19
N VAL B 593 -1.80 -22.22 -17.08
CA VAL B 593 -1.80 -21.96 -18.50
C VAL B 593 -2.82 -20.89 -18.88
N ASP B 594 -3.73 -20.54 -17.97
CA ASP B 594 -4.63 -19.42 -18.17
C ASP B 594 -4.33 -18.24 -17.26
N LEU B 595 -3.89 -18.46 -16.02
CA LEU B 595 -3.56 -17.32 -15.17
C LEU B 595 -2.39 -16.53 -15.74
N LEU B 596 -1.29 -17.22 -16.06
CA LEU B 596 -0.17 -16.55 -16.68
C LEU B 596 -0.57 -15.97 -18.02
N GLN B 597 -1.43 -16.66 -18.75
CA GLN B 597 -1.86 -16.16 -20.04
C GLN B 597 -2.59 -14.83 -19.90
N VAL B 598 -3.50 -14.75 -18.93
CA VAL B 598 -4.28 -13.53 -18.73
C VAL B 598 -3.40 -12.41 -18.22
N LEU B 599 -2.44 -12.72 -17.34
CA LEU B 599 -1.50 -11.69 -16.88
C LEU B 599 -0.68 -11.15 -18.05
N ALA B 600 -0.18 -12.04 -18.91
CA ALA B 600 0.60 -11.60 -20.06
C ALA B 600 -0.24 -10.80 -21.03
N ARG B 601 -1.53 -11.10 -21.12
CA ARG B 601 -2.38 -10.42 -22.10
C ARG B 601 -3.05 -9.16 -21.58
N GLN B 602 -3.04 -8.93 -20.27
CA GLN B 602 -3.82 -7.84 -19.70
C GLN B 602 -3.07 -7.10 -18.59
N LEU B 603 -1.82 -6.72 -18.85
CA LEU B 603 -1.10 -5.85 -17.95
C LEU B 603 -0.87 -4.49 -18.63
N GLU B 604 -0.10 -3.62 -17.98
CA GLU B 604 0.11 -2.27 -18.48
C GLU B 604 1.49 -2.07 -19.11
N ASP B 605 2.56 -2.36 -18.36
CA ASP B 605 3.91 -2.18 -18.87
C ASP B 605 4.29 -3.34 -19.79
N PRO B 606 4.97 -3.08 -20.90
CA PRO B 606 5.39 -4.19 -21.78
C PRO B 606 6.34 -5.15 -21.11
N ASP B 607 7.18 -4.68 -20.19
CA ASP B 607 8.19 -5.54 -19.61
C ASP B 607 7.55 -6.64 -18.77
N GLY B 608 6.53 -6.31 -17.97
CA GLY B 608 5.83 -7.32 -17.21
C GLY B 608 5.13 -8.35 -18.09
N ARG B 609 4.54 -7.89 -19.19
CA ARG B 609 3.88 -8.81 -20.11
C ARG B 609 4.87 -9.77 -20.75
N ASP B 610 6.04 -9.27 -21.17
CA ASP B 610 7.06 -10.16 -21.72
C ASP B 610 7.58 -11.12 -20.66
N HIS B 611 7.73 -10.63 -19.43
CA HIS B 611 8.12 -11.49 -18.31
C HIS B 611 7.16 -12.66 -18.17
N ALA B 612 5.86 -12.36 -18.19
CA ALA B 612 4.83 -13.39 -18.08
C ALA B 612 4.88 -14.35 -19.27
N ARG B 613 5.08 -13.83 -20.48
CA ARG B 613 5.15 -14.70 -21.64
C ARG B 613 6.28 -15.71 -21.49
N LEU B 614 7.47 -15.24 -21.10
CA LEU B 614 8.59 -16.14 -20.93
C LEU B 614 8.32 -17.18 -19.86
N TYR B 615 7.76 -16.76 -18.71
CA TYR B 615 7.55 -17.72 -17.64
C TYR B 615 6.44 -18.72 -17.95
N TYR B 616 5.40 -18.27 -18.65
CA TYR B 616 4.34 -19.17 -19.10
C TYR B 616 4.89 -20.20 -20.08
N ILE B 617 5.75 -19.78 -21.01
CA ILE B 617 6.37 -20.72 -21.92
C ILE B 617 7.22 -21.73 -21.15
N LEU B 618 7.97 -21.25 -20.16
CA LEU B 618 8.82 -22.14 -19.38
C LEU B 618 8.00 -23.20 -18.65
N LEU B 619 6.88 -22.81 -18.05
CA LEU B 619 6.06 -23.82 -17.38
C LEU B 619 5.36 -24.75 -18.35
N ALA B 620 4.92 -24.24 -19.49
CA ALA B 620 4.13 -25.05 -20.41
C ALA B 620 4.97 -26.05 -21.19
N HIS B 621 6.24 -25.76 -21.46
CA HIS B 621 7.03 -26.61 -22.33
C HIS B 621 8.16 -27.36 -21.65
N LEU B 622 8.32 -27.27 -20.33
CA LEU B 622 9.42 -27.94 -19.65
C LEU B 622 8.94 -29.14 -18.84
N ALA B 623 9.80 -30.16 -18.78
CA ALA B 623 9.63 -31.20 -17.79
C ALA B 623 10.00 -30.67 -16.41
N ALA B 624 9.62 -31.42 -15.38
CA ALA B 624 9.77 -30.92 -14.02
C ALA B 624 11.21 -30.61 -13.62
N PRO B 625 12.20 -31.49 -13.86
CA PRO B 625 13.57 -31.17 -13.39
C PRO B 625 14.25 -30.11 -14.23
N LYS B 626 14.06 -30.19 -15.55
CA LYS B 626 14.75 -29.26 -16.44
C LYS B 626 14.38 -27.80 -16.15
N LEU B 627 13.16 -27.56 -15.66
CA LEU B 627 12.79 -26.22 -15.24
C LEU B 627 13.67 -25.74 -14.07
N GLY B 628 13.96 -26.65 -13.13
CA GLY B 628 14.90 -26.32 -12.07
C GLY B 628 16.34 -26.28 -12.53
N VAL B 629 16.64 -26.85 -13.69
CA VAL B 629 17.98 -26.82 -14.24
C VAL B 629 18.12 -25.85 -15.42
N ALA B 630 17.04 -25.46 -16.07
CA ALA B 630 17.07 -24.53 -17.20
C ALA B 630 16.01 -23.46 -17.05
N LEU B 631 15.86 -22.92 -15.83
CA LEU B 631 15.05 -21.74 -15.61
C LEU B 631 15.37 -21.12 -14.25
N MET C 1 -40.42 21.29 -22.61
CA MET C 1 -40.81 20.68 -21.35
C MET C 1 -39.93 21.20 -20.22
N VAL C 2 -40.39 20.99 -18.99
CA VAL C 2 -39.57 21.15 -17.79
C VAL C 2 -39.92 20.01 -16.85
N HIS C 3 -38.99 19.09 -16.63
CA HIS C 3 -39.23 17.99 -15.71
C HIS C 3 -39.39 18.48 -14.29
N ALA C 4 -38.58 19.44 -13.88
CA ALA C 4 -38.61 19.89 -12.50
C ALA C 4 -38.01 21.28 -12.39
N PHE C 5 -38.40 21.98 -11.33
CA PHE C 5 -37.80 23.23 -10.92
C PHE C 5 -37.17 23.00 -9.56
N LEU C 6 -36.05 23.64 -9.30
CA LEU C 6 -35.27 23.33 -8.10
C LEU C 6 -34.88 24.60 -7.36
N ILE C 7 -34.68 24.44 -6.05
CA ILE C 7 -33.84 25.32 -5.24
C ILE C 7 -32.90 24.43 -4.46
N HIS C 8 -31.61 24.64 -4.62
CA HIS C 8 -30.62 23.83 -3.95
C HIS C 8 -29.45 24.70 -3.52
N THR C 9 -28.73 24.23 -2.52
CA THR C 9 -27.59 24.97 -2.02
C THR C 9 -26.40 24.83 -2.98
N LEU C 10 -25.51 25.81 -2.93
CA LEU C 10 -24.27 25.80 -3.73
C LEU C 10 -23.11 26.03 -2.78
N ARG C 11 -22.17 25.09 -2.77
CA ARG C 11 -21.01 25.23 -1.91
C ARG C 11 -20.12 26.38 -2.40
N ALA C 12 -19.16 26.77 -1.55
CA ALA C 12 -18.22 27.83 -1.85
C ALA C 12 -16.84 27.25 -2.15
N PRO C 13 -16.08 27.86 -3.06
CA PRO C 13 -14.74 27.43 -3.43
C PRO C 13 -13.79 27.30 -2.24
N GLY C 19 -19.86 19.02 2.90
CA GLY C 19 -21.26 19.39 2.88
C GLY C 19 -21.95 19.08 1.56
N LEU C 20 -22.78 18.04 1.58
CA LEU C 20 -23.48 17.63 0.37
C LEU C 20 -24.47 18.70 -0.08
N CYS C 21 -24.71 18.75 -1.39
CA CYS C 21 -25.68 19.68 -1.97
C CYS C 21 -27.07 19.05 -1.90
N ARG C 22 -27.85 19.46 -0.87
CA ARG C 22 -29.19 18.88 -0.64
C ARG C 22 -30.26 19.75 -0.89
N VAL C 23 -31.09 19.33 -1.83
CA VAL C 23 -32.11 20.19 -2.42
C VAL C 23 -33.05 20.65 -1.32
N LEU C 24 -33.21 21.97 -1.19
CA LEU C 24 -34.16 22.52 -0.23
C LEU C 24 -35.59 22.38 -0.73
N TYR C 25 -35.81 22.48 -2.04
CA TYR C 25 -37.14 22.41 -2.61
C TYR C 25 -37.04 21.73 -3.96
N SER C 26 -37.64 20.54 -4.09
CA SER C 26 -37.52 19.71 -5.28
C SER C 26 -38.92 19.40 -5.80
N CYS C 27 -39.42 20.23 -6.70
CA CYS C 27 -40.75 20.06 -7.26
C CYS C 27 -40.64 19.32 -8.57
N VAL C 28 -41.14 18.09 -8.61
CA VAL C 28 -41.09 17.25 -9.80
C VAL C 28 -42.41 17.38 -10.53
N PHE C 29 -42.37 17.93 -11.74
CA PHE C 29 -43.58 18.26 -12.49
C PHE C 29 -44.00 17.14 -13.42
N GLY C 30 -44.12 15.93 -12.91
CA GLY C 30 -44.58 14.83 -13.74
C GLY C 30 -44.08 13.50 -13.21
N ALA C 31 -44.40 12.46 -13.96
CA ALA C 31 -44.03 11.10 -13.61
C ALA C 31 -43.45 10.40 -14.82
N GLU C 32 -43.04 9.14 -14.63
CA GLU C 32 -42.44 8.34 -15.68
C GLU C 32 -43.13 6.99 -15.73
N LYS C 33 -43.21 6.42 -16.93
CA LYS C 33 -43.87 5.13 -17.10
C LYS C 33 -43.09 4.04 -16.40
N SER C 34 -43.81 3.20 -15.67
CA SER C 34 -43.18 2.11 -14.93
C SER C 34 -44.19 0.99 -14.69
N ASP C 36 -42.35 -2.55 -16.58
CA ASP C 36 -42.85 -2.84 -15.25
C ASP C 36 -42.08 -3.99 -14.62
N ASP C 37 -41.64 -3.81 -13.39
CA ASP C 37 -40.93 -4.87 -12.70
C ASP C 37 -41.88 -6.02 -12.38
N PRO C 38 -41.40 -7.26 -12.41
CA PRO C 38 -42.25 -8.38 -11.97
C PRO C 38 -42.70 -8.23 -10.54
N ARG C 39 -41.87 -7.66 -9.67
CA ARG C 39 -42.31 -7.26 -8.35
C ARG C 39 -43.45 -6.25 -8.49
N PRO C 40 -44.49 -6.35 -7.67
CA PRO C 40 -45.64 -5.45 -7.84
C PRO C 40 -45.23 -4.00 -7.71
N HIS C 41 -45.90 -3.15 -8.50
CA HIS C 41 -45.59 -1.73 -8.54
C HIS C 41 -45.69 -1.11 -7.16
N GLY C 42 -44.57 -0.69 -6.60
CA GLY C 42 -44.51 -0.18 -5.24
C GLY C 42 -44.53 1.33 -5.18
N ALA C 43 -44.12 1.83 -4.01
CA ALA C 43 -43.96 3.25 -3.77
C ALA C 43 -42.54 3.62 -3.38
N GLU C 44 -41.87 2.75 -2.60
CA GLU C 44 -40.47 3.01 -2.27
C GLU C 44 -39.62 3.17 -3.51
N ARG C 45 -39.78 2.25 -4.47
CA ARG C 45 -38.94 2.26 -5.66
C ARG C 45 -39.16 3.54 -6.47
N ASP C 46 -40.42 3.86 -6.78
CA ASP C 46 -40.69 5.02 -7.61
C ASP C 46 -40.30 6.32 -6.91
N ARG C 47 -40.61 6.44 -5.62
CA ARG C 47 -40.23 7.64 -4.90
C ARG C 47 -38.72 7.80 -4.84
N LEU C 48 -38.00 6.71 -4.57
CA LEU C 48 -36.55 6.82 -4.46
C LEU C 48 -35.92 7.16 -5.81
N LEU C 49 -36.47 6.61 -6.89
CA LEU C 49 -35.98 6.96 -8.23
C LEU C 49 -36.19 8.44 -8.52
N ARG C 50 -37.43 8.92 -8.35
CA ARG C 50 -37.75 10.31 -8.64
C ARG C 50 -37.10 11.29 -7.69
N LYS C 51 -36.56 10.80 -6.56
CA LYS C 51 -35.77 11.67 -5.68
C LYS C 51 -34.30 11.68 -6.07
N GLU C 52 -33.72 10.50 -6.33
CA GLU C 52 -32.30 10.43 -6.65
C GLU C 52 -31.98 11.10 -7.98
N GLN C 53 -32.90 11.07 -8.94
CA GLN C 53 -32.68 11.80 -10.19
C GLN C 53 -32.45 13.29 -9.92
N ILE C 54 -33.35 13.90 -9.15
CA ILE C 54 -33.27 15.33 -8.89
C ILE C 54 -32.03 15.64 -8.05
N LEU C 55 -31.70 14.79 -7.09
CA LEU C 55 -30.49 15.03 -6.31
C LEU C 55 -29.25 14.99 -7.18
N ALA C 56 -29.21 14.06 -8.15
CA ALA C 56 -28.07 14.00 -9.07
C ALA C 56 -27.98 15.26 -9.92
N VAL C 57 -29.13 15.76 -10.40
CA VAL C 57 -29.11 17.01 -11.16
C VAL C 57 -28.56 18.13 -10.29
N ALA C 58 -28.93 18.16 -9.01
CA ALA C 58 -28.42 19.19 -8.11
C ALA C 58 -26.91 19.10 -7.96
N ARG C 59 -26.38 17.89 -7.81
CA ARG C 59 -24.93 17.74 -7.71
C ARG C 59 -24.23 18.21 -8.98
N GLN C 60 -24.79 17.87 -10.15
CA GLN C 60 -24.17 18.29 -11.41
C GLN C 60 -24.16 19.80 -11.54
N VAL C 61 -25.24 20.47 -11.15
CA VAL C 61 -25.26 21.93 -11.22
C VAL C 61 -24.27 22.53 -10.24
N GLU C 62 -24.09 21.90 -9.07
CA GLU C 62 -23.08 22.39 -8.15
C GLU C 62 -21.69 22.32 -8.77
N SER C 63 -21.39 21.20 -9.44
CA SER C 63 -20.09 21.06 -10.09
C SER C 63 -19.90 22.11 -11.18
N MET C 64 -20.90 22.29 -12.04
CA MET C 64 -20.82 23.30 -13.09
C MET C 64 -20.60 24.70 -12.50
N CYS C 65 -21.36 25.06 -11.47
CA CYS C 65 -21.25 26.40 -10.89
C CYS C 65 -19.88 26.62 -10.28
N ARG C 66 -19.38 25.64 -9.52
CA ARG C 66 -18.10 25.81 -8.87
C ARG C 66 -16.99 25.96 -9.91
N LEU C 67 -16.96 25.08 -10.91
CA LEU C 67 -15.94 25.19 -11.94
C LEU C 67 -16.06 26.48 -12.73
N GLN C 68 -17.29 26.96 -12.95
CA GLN C 68 -17.46 28.26 -13.58
C GLN C 68 -16.88 29.37 -12.72
N GLN C 69 -17.01 29.24 -11.40
CA GLN C 69 -16.54 30.28 -10.50
C GLN C 69 -15.02 30.40 -10.50
N GLN C 70 -14.31 29.27 -10.38
CA GLN C 70 -12.85 29.39 -10.41
C GLN C 70 -12.34 29.89 -11.75
N ALA C 71 -12.87 29.36 -12.85
CA ALA C 71 -12.29 29.60 -14.18
C ALA C 71 -13.06 30.63 -14.98
N SER C 72 -13.59 31.66 -14.33
CA SER C 72 -14.20 32.79 -15.02
C SER C 72 -13.44 34.08 -14.84
N GLY C 73 -12.93 34.35 -13.64
CA GLY C 73 -12.20 35.58 -13.41
C GLY C 73 -13.12 36.78 -13.33
N ARG C 74 -14.35 36.63 -13.80
CA ARG C 74 -15.33 37.69 -13.68
C ARG C 74 -15.67 37.88 -12.21
N PRO C 75 -15.63 39.12 -11.70
CA PRO C 75 -15.67 39.40 -10.25
C PRO C 75 -15.68 38.15 -9.38
N PRO C 76 -14.52 37.54 -9.16
CA PRO C 76 -14.47 36.30 -8.36
C PRO C 76 -14.89 36.55 -6.91
N MET C 77 -15.91 35.81 -6.48
CA MET C 77 -16.46 35.92 -5.13
C MET C 77 -16.89 37.35 -4.81
N PRO C 89 -27.46 42.91 -9.25
CA PRO C 89 -26.68 42.16 -10.22
C PRO C 89 -27.53 41.20 -11.05
N LEU C 90 -27.98 41.66 -12.22
CA LEU C 90 -28.86 40.87 -13.07
C LEU C 90 -28.07 39.92 -13.96
N HIS C 91 -27.16 40.45 -14.78
CA HIS C 91 -26.37 39.65 -15.69
C HIS C 91 -25.00 39.28 -15.12
N GLU C 92 -24.77 39.53 -13.83
CA GLU C 92 -23.48 39.30 -13.22
C GLU C 92 -23.42 38.00 -12.44
N ALA C 93 -24.43 37.18 -12.50
CA ALA C 93 -24.34 35.93 -11.77
C ALA C 93 -23.92 34.80 -12.71
N PRO C 94 -23.26 33.76 -12.18
CA PRO C 94 -22.86 32.64 -13.05
C PRO C 94 -24.06 31.94 -13.69
N ARG C 95 -23.87 31.53 -14.94
CA ARG C 95 -24.89 30.90 -15.76
C ARG C 95 -24.25 29.80 -16.59
N GLY C 96 -25.07 28.86 -17.08
CA GLY C 96 -24.55 27.83 -17.96
C GLY C 96 -25.60 26.79 -18.30
N ALA C 97 -25.12 25.70 -18.90
CA ALA C 97 -25.97 24.60 -19.35
C ALA C 97 -25.13 23.33 -19.44
N PHE C 98 -25.83 22.19 -19.55
CA PHE C 98 -25.19 20.88 -19.56
C PHE C 98 -26.12 19.88 -20.24
N ARG C 99 -25.64 18.65 -20.40
CA ARG C 99 -26.47 17.53 -20.85
C ARG C 99 -26.25 16.31 -19.99
N LEU C 100 -27.32 15.55 -19.77
CA LEU C 100 -27.31 14.45 -18.82
C LEU C 100 -26.93 13.14 -19.50
N ALA C 101 -26.99 12.04 -18.75
CA ALA C 101 -26.63 10.71 -19.24
C ALA C 101 -27.78 9.75 -19.01
N ALA C 102 -28.16 9.01 -20.05
CA ALA C 102 -29.22 8.03 -19.93
C ALA C 102 -28.84 6.93 -18.95
N GLU C 103 -29.83 6.45 -18.19
CA GLU C 103 -29.65 5.44 -17.16
C GLU C 103 -28.77 5.94 -16.01
N ASN C 104 -28.30 7.18 -16.12
CA ASN C 104 -27.57 7.85 -15.04
C ASN C 104 -28.10 9.27 -14.90
N PRO C 105 -29.33 9.43 -14.37
CA PRO C 105 -30.35 8.43 -14.09
C PRO C 105 -31.63 8.61 -14.90
N PHE C 106 -31.64 9.33 -16.03
CA PHE C 106 -32.86 9.55 -16.80
C PHE C 106 -33.05 8.52 -17.91
N GLN C 107 -34.29 8.40 -18.37
CA GLN C 107 -34.59 7.58 -19.52
C GLN C 107 -34.38 8.35 -20.82
N GLU C 108 -35.15 9.39 -21.03
CA GLU C 108 -34.90 10.30 -22.14
C GLU C 108 -33.87 11.33 -21.69
N PRO C 109 -32.77 11.50 -22.43
CA PRO C 109 -31.76 12.49 -22.02
C PRO C 109 -32.29 13.91 -22.10
N ARG C 110 -31.84 14.74 -21.16
CA ARG C 110 -32.33 16.10 -21.03
C ARG C 110 -31.18 17.06 -20.76
N THR C 111 -31.40 18.31 -21.16
CA THR C 111 -30.52 19.44 -20.84
C THR C 111 -30.84 19.95 -19.44
N VAL C 112 -29.84 20.53 -18.80
CA VAL C 112 -29.98 21.13 -17.47
C VAL C 112 -29.55 22.60 -17.56
N VAL C 113 -30.41 23.49 -17.07
CA VAL C 113 -30.19 24.93 -17.09
C VAL C 113 -30.10 25.43 -15.67
N TRP C 114 -29.14 26.30 -15.39
CA TRP C 114 -28.96 26.84 -14.05
C TRP C 114 -28.70 28.33 -14.09
N LEU C 115 -28.88 28.94 -12.91
CA LEU C 115 -28.49 30.33 -12.66
C LEU C 115 -28.36 30.47 -11.15
N GLY C 116 -27.13 30.56 -10.67
CA GLY C 116 -26.87 30.58 -9.23
C GLY C 116 -26.71 32.01 -8.71
N VAL C 117 -27.38 32.29 -7.60
CA VAL C 117 -27.26 33.56 -6.90
C VAL C 117 -26.86 33.28 -5.47
N LEU C 118 -25.89 34.04 -4.96
CA LEU C 118 -25.38 33.87 -3.61
C LEU C 118 -25.00 32.42 -3.34
N SER C 119 -25.89 31.67 -2.72
CA SER C 119 -25.69 30.24 -2.50
C SER C 119 -26.99 29.47 -2.70
N LEU C 120 -27.84 29.94 -3.61
CA LEU C 120 -29.12 29.31 -3.91
C LEU C 120 -29.22 29.12 -5.41
N GLY C 121 -28.68 28.00 -5.91
CA GLY C 121 -28.69 27.73 -7.33
C GLY C 121 -29.96 27.05 -7.80
N PHE C 122 -30.82 27.81 -8.47
CA PHE C 122 -32.09 27.29 -8.95
C PHE C 122 -31.92 26.74 -10.36
N ALA C 123 -32.41 25.52 -10.58
CA ALA C 123 -32.17 24.78 -11.80
C ALA C 123 -33.47 24.47 -12.51
N LEU C 124 -33.36 24.04 -13.76
CA LEU C 124 -34.47 23.58 -14.58
C LEU C 124 -34.01 22.41 -15.43
N VAL C 125 -34.69 21.27 -15.30
CA VAL C 125 -34.42 20.08 -16.10
C VAL C 125 -35.41 20.10 -17.24
N LEU C 126 -34.97 20.52 -18.42
CA LEU C 126 -35.85 20.77 -19.54
C LEU C 126 -35.52 19.84 -20.69
N ASP C 127 -36.56 19.39 -21.38
CA ASP C 127 -36.39 18.52 -22.54
C ASP C 127 -35.70 19.26 -23.68
N ALA C 128 -35.02 18.50 -24.53
CA ALA C 128 -34.27 19.07 -25.65
C ALA C 128 -35.15 19.82 -26.64
N HIS C 129 -36.48 19.78 -26.50
CA HIS C 129 -37.38 20.53 -27.35
C HIS C 129 -37.96 21.73 -26.62
N GLU C 130 -37.15 22.37 -25.79
CA GLU C 130 -37.54 23.59 -25.10
C GLU C 130 -36.47 24.66 -25.33
N ASN C 131 -36.92 25.91 -25.34
CA ASN C 131 -36.04 27.03 -25.64
C ASN C 131 -35.08 27.28 -24.49
N LEU C 132 -33.79 27.37 -24.80
CA LEU C 132 -32.77 27.60 -23.77
C LEU C 132 -32.82 29.03 -23.27
N LEU C 133 -32.90 30.00 -24.18
CA LEU C 133 -32.88 31.40 -23.77
C LEU C 133 -34.11 31.74 -22.93
N LEU C 134 -35.27 31.18 -23.30
CA LEU C 134 -36.45 31.34 -22.46
C LEU C 134 -36.25 30.71 -21.10
N ALA C 135 -35.58 29.55 -21.05
CA ALA C 135 -35.34 28.89 -19.78
C ALA C 135 -34.49 29.74 -18.87
N GLU C 136 -33.44 30.36 -19.43
CA GLU C 136 -32.57 31.20 -18.61
C GLU C 136 -33.28 32.46 -18.17
N GLY C 137 -34.04 33.09 -19.08
CA GLY C 137 -34.79 34.28 -18.69
C GLY C 137 -35.81 34.00 -17.61
N THR C 138 -36.53 32.89 -17.74
CA THR C 138 -37.55 32.55 -16.75
C THR C 138 -36.93 32.19 -15.42
N LEU C 139 -35.78 31.49 -15.44
CA LEU C 139 -35.16 31.16 -14.18
C LEU C 139 -34.63 32.42 -13.50
N ARG C 140 -34.16 33.39 -14.30
CA ARG C 140 -33.73 34.67 -13.73
C ARG C 140 -34.89 35.40 -13.07
N LEU C 141 -36.03 35.50 -13.78
CA LEU C 141 -37.16 36.21 -13.20
C LEU C 141 -37.66 35.50 -11.95
N LEU C 142 -37.71 34.17 -11.97
CA LEU C 142 -38.17 33.43 -10.81
C LEU C 142 -37.25 33.62 -9.62
N THR C 143 -35.93 33.67 -9.85
CA THR C 143 -35.04 33.80 -8.70
C THR C 143 -35.06 35.23 -8.16
N ARG C 144 -35.29 36.22 -9.02
CA ARG C 144 -35.57 37.56 -8.51
C ARG C 144 -36.81 37.55 -7.64
N LEU C 145 -37.87 36.91 -8.11
CA LEU C 145 -39.12 36.90 -7.37
C LEU C 145 -38.96 36.19 -6.04
N LEU C 146 -38.16 35.13 -5.99
CA LEU C 146 -37.96 34.41 -4.76
C LEU C 146 -37.03 35.16 -3.81
N LEU C 147 -36.07 35.92 -4.33
CA LEU C 147 -35.21 36.71 -3.46
C LEU C 147 -35.97 37.90 -2.87
N ASP C 148 -36.94 38.44 -3.61
CA ASP C 148 -37.65 39.64 -3.15
C ASP C 148 -38.93 39.31 -2.38
N HIS C 149 -39.88 38.62 -3.04
CA HIS C 149 -41.16 38.31 -2.42
C HIS C 149 -41.00 37.59 -1.09
N LEU C 150 -40.07 36.64 -1.01
CA LEU C 150 -39.87 35.86 0.20
C LEU C 150 -38.80 36.45 1.10
N ARG C 151 -37.75 37.04 0.53
CA ARG C 151 -36.74 37.78 1.29
C ARG C 151 -36.08 36.89 2.36
N LEU C 152 -35.36 35.88 1.89
CA LEU C 152 -34.62 34.97 2.76
C LEU C 152 -33.14 35.32 2.82
N LEU C 153 -32.79 36.60 2.78
CA LEU C 153 -31.38 36.99 2.84
C LEU C 153 -30.92 37.24 4.27
N ALA C 154 -31.24 36.28 5.16
CA ALA C 154 -30.92 36.22 6.58
C ALA C 154 -31.79 35.17 7.26
N PRO C 155 -33.14 35.25 7.17
CA PRO C 155 -33.96 34.20 7.80
C PRO C 155 -34.22 33.05 6.84
N SER C 156 -33.19 32.24 6.60
CA SER C 156 -33.28 31.15 5.65
C SER C 156 -34.33 30.13 6.03
N THR C 157 -34.78 30.13 7.29
CA THR C 157 -35.88 29.29 7.69
C THR C 157 -37.16 29.64 6.95
N SER C 158 -37.24 30.85 6.38
CA SER C 158 -38.40 31.24 5.59
C SER C 158 -38.49 30.51 4.26
N LEU C 159 -37.52 29.64 3.96
CA LEU C 159 -37.52 28.88 2.72
C LEU C 159 -37.98 27.44 2.90
N LEU C 160 -37.87 26.90 4.11
CA LEU C 160 -38.26 25.54 4.41
C LEU C 160 -39.54 25.45 5.22
N LEU C 161 -39.66 26.26 6.27
CA LEU C 161 -40.90 26.33 7.02
C LEU C 161 -41.95 27.19 6.32
N ARG C 162 -41.55 27.96 5.30
CA ARG C 162 -42.51 28.76 4.53
C ARG C 162 -42.48 28.32 3.08
N ALA C 163 -42.48 27.00 2.84
CA ALA C 163 -42.48 26.51 1.48
C ALA C 163 -43.75 26.88 0.73
N ASP C 164 -44.77 27.32 1.45
CA ASP C 164 -46.02 27.67 0.79
C ASP C 164 -45.87 28.91 -0.08
N ARG C 165 -44.96 29.81 0.29
CA ARG C 165 -44.71 30.98 -0.56
C ARG C 165 -44.12 30.56 -1.91
N ILE C 166 -43.14 29.66 -1.88
CA ILE C 166 -42.59 29.11 -3.12
C ILE C 166 -43.68 28.41 -3.91
N GLU C 167 -44.51 27.61 -3.22
CA GLU C 167 -45.58 26.90 -3.90
C GLU C 167 -46.51 27.88 -4.60
N GLY C 168 -46.84 28.98 -3.93
CA GLY C 168 -47.69 29.98 -4.56
C GLY C 168 -47.03 30.63 -5.75
N ILE C 169 -45.76 30.99 -5.63
CA ILE C 169 -45.07 31.71 -6.70
C ILE C 169 -45.01 30.85 -7.96
N LEU C 170 -44.54 29.60 -7.83
CA LEU C 170 -44.49 28.73 -9.00
C LEU C 170 -45.88 28.40 -9.52
N THR C 171 -46.83 28.12 -8.64
CA THR C 171 -48.18 27.82 -9.11
C THR C 171 -48.79 28.98 -9.85
N ARG C 172 -48.33 30.21 -9.60
CA ARG C 172 -48.82 31.34 -10.36
C ARG C 172 -48.08 31.48 -11.69
N PHE C 173 -46.74 31.48 -11.65
CA PHE C 173 -45.94 31.81 -12.83
C PHE C 173 -45.55 30.60 -13.66
N LEU C 174 -45.47 29.41 -13.05
CA LEU C 174 -44.96 28.21 -13.71
C LEU C 174 -46.02 27.12 -13.62
N PRO C 175 -47.05 27.18 -14.46
CA PRO C 175 -48.15 26.21 -14.37
C PRO C 175 -47.80 24.92 -15.08
N HIS C 176 -47.60 23.86 -14.29
CA HIS C 176 -47.49 22.48 -14.79
C HIS C 176 -46.33 22.32 -15.77
N GLY C 177 -45.13 22.66 -15.30
CA GLY C 177 -43.92 22.39 -16.05
C GLY C 177 -43.87 23.04 -17.41
N GLN C 178 -44.38 24.25 -17.52
CA GLN C 178 -44.45 24.93 -18.81
C GLN C 178 -43.98 26.37 -18.63
N LEU C 179 -43.22 26.84 -19.59
CA LEU C 179 -42.69 28.20 -19.59
C LEU C 179 -43.55 29.08 -20.48
N LEU C 180 -43.79 30.31 -20.04
CA LEU C 180 -44.66 31.24 -20.73
C LEU C 180 -43.85 32.42 -21.25
N PHE C 181 -44.22 32.93 -22.43
CA PHE C 181 -43.60 34.15 -22.98
C PHE C 181 -44.31 35.38 -22.41
N LEU C 182 -44.13 35.57 -21.11
CA LEU C 182 -44.73 36.72 -20.44
C LEU C 182 -44.01 38.00 -20.83
N ASN C 183 -44.77 39.05 -21.08
CA ASN C 183 -44.26 40.38 -21.39
C ASN C 183 -44.77 41.37 -20.35
N ASP C 184 -44.51 42.66 -20.58
CA ASP C 184 -44.83 43.68 -19.58
C ASP C 184 -46.31 43.70 -19.24
N GLN C 185 -47.18 43.65 -20.25
CA GLN C 185 -48.61 43.67 -20.00
C GLN C 185 -49.07 42.39 -19.30
N PHE C 186 -48.55 41.24 -19.73
CA PHE C 186 -48.97 39.98 -19.13
C PHE C 186 -48.38 39.80 -17.74
N VAL C 187 -47.14 40.26 -17.53
CA VAL C 187 -46.61 40.26 -16.16
C VAL C 187 -47.40 41.21 -15.29
N GLN C 188 -47.88 42.32 -15.86
CA GLN C 188 -48.77 43.20 -15.10
C GLN C 188 -50.07 42.49 -14.73
N GLY C 189 -50.62 41.70 -15.65
CA GLY C 189 -51.82 40.93 -15.34
C GLY C 189 -51.59 39.94 -14.20
N LEU C 190 -50.50 39.17 -14.29
CA LEU C 190 -50.21 38.21 -13.22
C LEU C 190 -49.84 38.90 -11.92
N GLU C 191 -49.23 40.08 -11.99
CA GLU C 191 -48.97 40.85 -10.78
C GLU C 191 -50.27 41.31 -10.14
N LYS C 192 -51.24 41.73 -10.96
CA LYS C 192 -52.56 42.03 -10.43
C LYS C 192 -53.21 40.77 -9.86
N GLU C 193 -52.82 39.61 -10.35
CA GLU C 193 -53.40 38.36 -9.86
C GLU C 193 -52.88 38.00 -8.48
N PHE C 194 -51.55 37.96 -8.31
CA PHE C 194 -50.96 37.32 -7.13
C PHE C 194 -50.65 38.28 -5.99
N SER C 195 -50.51 39.58 -6.25
CA SER C 195 -49.88 40.47 -5.29
C SER C 195 -50.61 40.48 -3.95
N ALA C 196 -51.93 40.54 -3.98
CA ALA C 196 -52.72 40.66 -2.75
C ALA C 196 -53.17 39.32 -2.18
N ALA C 197 -52.92 38.21 -2.89
CA ALA C 197 -53.41 36.91 -2.43
C ALA C 197 -52.81 36.53 -1.09
N TRP C 198 -51.65 37.08 -0.74
CA TRP C 198 -51.05 36.90 0.56
C TRP C 198 -50.73 38.26 1.15
N PRO C 199 -50.67 38.38 2.48
CA PRO C 199 -50.32 39.68 3.07
C PRO C 199 -48.86 40.06 2.83
N ALA D 2 42.54 -2.74 26.28
CA ALA D 2 43.34 -2.07 25.28
C ALA D 2 42.51 -1.72 24.07
N LEU D 3 42.23 -0.44 23.87
CA LEU D 3 41.40 -0.07 22.74
C LEU D 3 42.24 0.00 21.48
N ARG D 4 41.57 0.32 20.38
CA ARG D 4 42.24 0.63 19.14
C ARG D 4 42.04 2.08 18.72
N ALA D 5 40.88 2.66 19.00
CA ALA D 5 40.69 4.09 18.80
C ALA D 5 39.45 4.54 19.56
N VAL D 6 39.32 5.85 19.73
CA VAL D 6 38.29 6.47 20.55
C VAL D 6 37.65 7.59 19.74
N TRP D 7 36.38 7.89 20.07
CA TRP D 7 35.68 8.93 19.33
C TRP D 7 34.79 9.75 20.27
N LEU D 8 34.40 10.91 19.77
CA LEU D 8 33.32 11.71 20.37
C LEU D 8 32.72 12.53 19.22
N ILE D 9 31.55 12.14 18.77
CA ILE D 9 30.87 12.79 17.66
C ILE D 9 29.59 13.40 18.19
N ARG D 10 29.52 14.73 18.19
CA ARG D 10 28.29 15.39 18.60
C ARG D 10 27.20 15.12 17.58
N HIS D 11 26.00 14.83 18.06
CA HIS D 11 24.88 14.53 17.17
C HIS D 11 24.39 15.83 16.54
N GLU D 12 24.39 15.88 15.21
CA GLU D 12 23.97 17.07 14.46
C GLU D 12 22.86 16.66 13.51
N PRO D 13 21.59 16.77 13.92
CA PRO D 13 20.49 16.41 13.03
C PRO D 13 20.47 17.29 11.79
N GLY D 14 20.06 16.69 10.67
CA GLY D 14 19.89 17.40 9.43
C GLY D 14 21.15 17.50 8.58
N THR D 15 22.30 17.63 9.21
CA THR D 15 23.55 17.72 8.45
C THR D 15 23.81 16.42 7.71
N PRO D 16 24.15 16.48 6.41
CA PRO D 16 24.41 15.22 5.68
C PRO D 16 25.52 14.39 6.30
N LEU D 17 26.56 15.03 6.83
CA LEU D 17 27.61 14.28 7.51
C LEU D 17 27.15 13.77 8.86
N GLY D 18 26.18 14.44 9.49
CA GLY D 18 25.63 14.02 10.75
C GLY D 18 26.29 14.62 11.97
N GLY D 19 27.50 15.14 11.83
CA GLY D 19 28.17 15.76 12.96
C GLY D 19 29.61 16.09 12.60
N THR D 20 30.28 16.70 13.57
CA THR D 20 31.68 17.10 13.46
C THR D 20 32.47 16.46 14.59
N VAL D 21 33.35 15.54 14.23
CA VAL D 21 34.16 14.86 15.23
C VAL D 21 34.95 15.87 16.05
N ARG D 22 34.92 15.68 17.37
CA ARG D 22 35.72 16.48 18.28
C ARG D 22 36.91 15.70 18.83
N PHE D 23 37.04 14.43 18.48
CA PHE D 23 38.10 13.61 19.06
C PHE D 23 38.25 12.36 18.21
N SER D 24 39.45 12.14 17.67
CA SER D 24 39.73 10.93 16.89
C SER D 24 41.21 10.60 17.09
N ARG D 25 41.48 9.72 18.06
CA ARG D 25 42.83 9.28 18.36
C ARG D 25 42.95 7.79 18.11
N ARG D 26 43.85 7.40 17.21
CA ARG D 26 44.11 6.02 16.86
C ARG D 26 45.45 5.59 17.41
N TYR D 27 45.49 4.42 18.01
CA TYR D 27 46.71 3.90 18.59
C TYR D 27 47.25 2.76 17.72
N PRO D 28 48.40 2.93 17.05
CA PRO D 28 48.81 1.98 16.02
C PRO D 28 49.58 0.80 16.57
N THR D 29 50.13 0.97 17.77
CA THR D 29 50.71 -0.19 18.46
C THR D 29 49.68 -1.29 18.59
N VAL D 30 48.46 -0.92 19.02
CA VAL D 30 47.41 -1.91 19.18
C VAL D 30 46.95 -2.43 17.83
N GLU D 31 47.05 -1.63 16.76
CA GLU D 31 46.68 -2.14 15.45
C GLU D 31 47.66 -3.20 14.95
N LYS D 32 48.96 -2.97 15.16
CA LYS D 32 49.94 -4.01 14.85
C LYS D 32 49.72 -5.25 15.71
N ARG D 33 49.40 -5.04 16.99
CA ARG D 33 49.04 -6.16 17.85
C ARG D 33 47.83 -6.90 17.28
N ALA D 34 46.88 -6.17 16.73
CA ALA D 34 45.69 -6.78 16.15
C ALA D 34 46.07 -7.65 14.96
N LYS D 35 46.99 -7.17 14.12
CA LYS D 35 47.49 -8.00 13.04
C LYS D 35 48.08 -9.30 13.58
N ALA D 36 49.02 -9.17 14.53
CA ALA D 36 49.73 -10.33 15.05
C ALA D 36 48.78 -11.33 15.71
N PHE D 37 47.77 -10.84 16.43
CA PHE D 37 46.86 -11.70 17.16
C PHE D 37 45.78 -12.30 16.27
N ASN D 38 45.04 -11.45 15.56
CA ASN D 38 43.96 -11.93 14.73
C ASN D 38 44.46 -12.81 13.59
N GLY D 39 45.43 -12.32 12.80
CA GLY D 39 45.85 -13.09 11.65
C GLY D 39 44.91 -12.97 10.48
N MET D 40 44.41 -14.10 9.98
CA MET D 40 43.62 -14.10 8.76
C MET D 40 42.26 -13.44 8.92
N THR D 41 41.84 -13.13 10.14
CA THR D 41 40.54 -12.54 10.39
C THR D 41 40.62 -11.02 10.57
N TYR D 42 41.77 -10.43 10.31
CA TYR D 42 41.99 -9.01 10.55
C TYR D 42 41.14 -8.16 9.62
N VAL D 43 40.61 -7.07 10.17
CA VAL D 43 39.89 -6.05 9.43
C VAL D 43 40.36 -4.68 9.94
N PRO D 44 40.93 -3.84 9.09
CA PRO D 44 41.55 -2.60 9.58
C PRO D 44 40.52 -1.55 9.97
N VAL D 45 40.98 -0.61 10.78
CA VAL D 45 40.13 0.49 11.23
C VAL D 45 40.06 1.55 10.14
N PRO D 46 38.89 1.94 9.69
CA PRO D 46 38.80 2.96 8.64
C PRO D 46 39.12 4.36 9.11
N GLU D 47 38.91 5.34 8.24
CA GLU D 47 39.18 6.74 8.57
C GLU D 47 37.96 7.34 9.28
N ASP D 48 37.97 8.65 9.48
CA ASP D 48 36.92 9.29 10.25
C ASP D 48 35.61 9.34 9.48
N GLY D 49 35.65 9.68 8.20
CA GLY D 49 34.45 9.85 7.41
C GLY D 49 33.63 8.58 7.23
N PRO D 50 34.25 7.53 6.69
CA PRO D 50 33.53 6.24 6.59
C PRO D 50 33.06 5.71 7.93
N PHE D 51 33.85 5.88 8.99
CA PHE D 51 33.42 5.43 10.31
C PHE D 51 32.18 6.17 10.75
N LEU D 52 32.16 7.49 10.58
CA LEU D 52 31.00 8.28 10.97
C LEU D 52 29.77 7.85 10.19
N ARG D 53 29.92 7.66 8.87
CA ARG D 53 28.79 7.22 8.06
C ARG D 53 28.25 5.90 8.56
N ALA D 54 29.13 4.90 8.72
CA ALA D 54 28.68 3.58 9.13
C ALA D 54 28.07 3.58 10.52
N LEU D 55 28.69 4.29 11.47
CA LEU D 55 28.19 4.30 12.84
C LEU D 55 26.85 4.99 12.93
N LEU D 56 26.68 6.11 12.25
CA LEU D 56 25.37 6.76 12.24
C LEU D 56 24.33 5.92 11.53
N PHE D 57 24.74 5.13 10.54
CA PHE D 57 23.81 4.23 9.89
C PHE D 57 23.34 3.13 10.84
N GLN D 58 24.27 2.54 11.59
CA GLN D 58 23.94 1.39 12.41
C GLN D 58 23.20 1.81 13.68
N LEU D 59 23.55 2.97 14.23
CA LEU D 59 22.87 3.53 15.39
C LEU D 59 21.46 4.00 15.09
N ARG D 60 20.99 3.86 13.85
CA ARG D 60 19.65 4.30 13.44
C ARG D 60 19.45 5.78 13.73
N LEU D 61 20.48 6.58 13.50
CA LEU D 61 20.45 8.01 13.73
C LEU D 61 20.65 8.83 12.47
N LEU D 62 20.83 8.19 11.31
CA LEU D 62 21.09 8.86 10.05
C LEU D 62 20.03 8.43 9.05
N ASP D 63 19.03 9.29 8.84
CA ASP D 63 18.01 9.11 7.81
C ASP D 63 17.31 7.75 7.95
N ASP D 64 16.61 7.59 9.07
CA ASP D 64 15.87 6.37 9.36
C ASP D 64 14.60 6.22 8.51
N ASP D 65 14.40 7.05 7.48
CA ASP D 65 13.21 6.99 6.66
C ASP D 65 13.28 5.94 5.56
N LYS D 66 14.39 5.22 5.46
CA LYS D 66 14.50 4.17 4.46
C LYS D 66 13.45 3.09 4.72
N ASP D 67 12.90 2.53 3.63
CA ASP D 67 11.82 1.58 3.76
C ASP D 67 12.27 0.33 4.52
N PHE D 68 13.35 -0.29 4.09
CA PHE D 68 13.89 -1.46 4.75
C PHE D 68 15.31 -1.74 4.30
N MET D 69 16.25 -1.71 5.23
CA MET D 69 17.64 -2.08 4.95
C MET D 69 17.92 -3.33 5.76
N GLU D 70 17.98 -4.48 5.07
CA GLU D 70 18.10 -5.75 5.76
C GLU D 70 19.41 -5.90 6.51
N ARG D 71 20.39 -5.03 6.27
CA ARG D 71 21.60 -5.02 7.06
C ARG D 71 21.43 -4.33 8.41
N ARG D 72 20.35 -3.57 8.58
CA ARG D 72 20.07 -2.86 9.83
C ARG D 72 18.77 -3.31 10.48
N ASP D 73 17.67 -3.32 9.73
CA ASP D 73 16.34 -3.61 10.26
C ASP D 73 15.96 -5.07 10.15
N GLY D 74 16.90 -5.94 9.81
CA GLY D 74 16.55 -7.32 9.52
C GLY D 74 16.04 -8.06 10.75
N CYS D 75 15.20 -9.05 10.50
CA CYS D 75 14.70 -9.90 11.56
C CYS D 75 15.75 -10.85 12.11
N SER D 76 16.90 -10.96 11.44
CA SER D 76 17.96 -11.86 11.86
C SER D 76 19.10 -11.15 12.56
N ARG D 77 19.19 -9.83 12.45
CA ARG D 77 20.24 -9.05 13.11
C ARG D 77 19.66 -8.34 14.33
N ILE D 78 19.77 -9.02 15.47
CA ILE D 78 19.24 -8.53 16.74
C ILE D 78 20.40 -7.98 17.56
N ASN D 79 20.24 -6.78 18.08
CA ASN D 79 21.25 -6.13 18.91
C ASN D 79 20.68 -6.00 20.31
N LYS D 80 20.98 -6.99 21.15
CA LYS D 80 20.56 -6.98 22.53
C LYS D 80 21.57 -6.29 23.45
N THR D 81 22.65 -5.76 22.90
CA THR D 81 23.69 -5.10 23.68
C THR D 81 24.17 -3.89 22.89
N SER D 82 24.83 -2.98 23.59
CA SER D 82 25.32 -1.79 22.89
C SER D 82 26.62 -2.02 22.15
N ILE D 83 27.00 -3.25 21.85
CA ILE D 83 28.27 -3.54 21.18
C ILE D 83 27.93 -3.98 19.76
N TYR D 84 27.87 -3.03 18.86
CA TYR D 84 27.47 -3.25 17.48
C TYR D 84 28.66 -3.74 16.66
N GLY D 85 28.36 -4.25 15.47
CA GLY D 85 29.42 -4.72 14.59
C GLY D 85 29.40 -4.03 13.25
N LEU D 86 30.40 -3.19 12.99
CA LEU D 86 30.33 -2.35 11.81
C LEU D 86 30.82 -3.10 10.58
N SER D 87 30.35 -2.66 9.41
CA SER D 87 30.69 -3.27 8.13
C SER D 87 31.29 -2.19 7.25
N VAL D 88 32.61 -2.08 7.25
CA VAL D 88 33.32 -1.05 6.49
C VAL D 88 34.26 -1.72 5.51
N GLY D 89 34.19 -1.29 4.25
CA GLY D 89 35.10 -1.78 3.22
C GLY D 89 34.98 -3.26 2.93
N GLY D 90 33.75 -3.78 2.90
CA GLY D 90 33.56 -5.20 2.67
C GLY D 90 34.07 -6.08 3.79
N GLU D 91 34.42 -5.49 4.92
CA GLU D 91 34.89 -6.21 6.09
C GLU D 91 34.00 -5.88 7.27
N GLU D 92 33.63 -6.90 8.04
CA GLU D 92 32.80 -6.70 9.22
C GLU D 92 33.70 -6.33 10.38
N LEU D 93 33.75 -5.02 10.70
CA LEU D 93 34.52 -4.54 11.83
C LEU D 93 33.84 -5.00 13.12
N TRP D 94 34.64 -5.45 14.07
CA TRP D 94 34.07 -6.01 15.29
C TRP D 94 35.10 -6.03 16.40
N PRO D 95 34.76 -5.59 17.62
CA PRO D 95 33.50 -4.99 18.04
C PRO D 95 33.54 -3.47 18.13
N VAL D 96 32.43 -2.80 17.84
CA VAL D 96 32.33 -1.34 17.87
C VAL D 96 31.26 -0.97 18.88
N ILE D 97 31.60 -0.05 19.78
CA ILE D 97 30.75 0.35 20.88
C ILE D 97 30.20 1.74 20.61
N ALA D 98 28.99 2.01 21.12
CA ALA D 98 28.38 3.33 20.96
C ALA D 98 27.20 3.49 21.92
N PHE D 99 26.95 4.74 22.32
CA PHE D 99 25.70 5.10 22.97
C PHE D 99 25.48 6.60 22.83
N LEU D 100 24.23 7.02 23.05
CA LEU D 100 23.80 8.39 22.84
C LEU D 100 23.10 8.95 24.06
N ARG D 101 23.35 10.23 24.35
CA ARG D 101 22.69 10.92 25.45
C ARG D 101 22.89 12.42 25.28
N ASP D 102 21.78 13.17 25.22
CA ASP D 102 21.81 14.64 25.11
C ASP D 102 22.61 15.11 23.90
N SER D 103 22.44 14.40 22.78
CA SER D 103 23.09 14.72 21.52
C SER D 103 24.61 14.75 21.67
N MET D 104 25.16 13.60 22.06
CA MET D 104 26.61 13.44 22.16
C MET D 104 26.92 11.95 22.08
N ILE D 105 27.52 11.51 20.98
CA ILE D 105 27.82 10.10 20.75
C ILE D 105 29.19 9.80 21.31
N TYR D 106 29.37 8.56 21.74
CA TYR D 106 30.63 8.10 22.31
C TYR D 106 30.92 6.71 21.76
N ALA D 107 32.16 6.47 21.32
CA ALA D 107 32.45 5.25 20.60
C ALA D 107 33.89 4.82 20.82
N SER D 108 34.15 3.55 20.52
CA SER D 108 35.47 2.94 20.65
C SER D 108 35.46 1.56 20.03
N VAL D 109 36.62 1.14 19.56
CA VAL D 109 36.82 -0.23 19.06
C VAL D 109 37.94 -0.89 19.86
N PRO D 110 37.63 -1.88 20.69
CA PRO D 110 38.65 -2.47 21.54
C PRO D 110 39.50 -3.53 20.83
N LEU D 111 40.35 -4.21 21.59
CA LEU D 111 41.18 -5.27 21.06
C LEU D 111 40.69 -6.62 21.58
N VAL D 112 40.63 -7.60 20.69
CA VAL D 112 40.36 -8.98 21.04
C VAL D 112 41.61 -9.78 20.73
N GLU D 113 42.06 -10.57 21.71
CA GLU D 113 43.33 -11.29 21.64
C GLU D 113 43.14 -12.72 21.14
N GLN D 114 42.20 -12.92 20.22
CA GLN D 114 41.98 -14.23 19.62
C GLN D 114 41.35 -14.02 18.25
N ALA D 115 41.37 -15.06 17.44
CA ALA D 115 40.85 -14.98 16.08
C ALA D 115 39.35 -14.80 16.09
N LEU D 116 38.84 -14.18 15.04
CA LEU D 116 37.43 -13.85 14.92
C LEU D 116 36.65 -14.82 14.04
N SER D 117 37.24 -15.93 13.61
CA SER D 117 36.50 -16.85 12.74
C SER D 117 35.25 -17.36 13.42
N PRO D 118 35.28 -17.86 14.67
CA PRO D 118 34.06 -17.83 15.48
C PRO D 118 34.01 -16.55 16.30
N ARG D 119 32.91 -15.81 16.23
CA ARG D 119 32.79 -14.58 17.01
C ARG D 119 32.82 -14.93 18.49
N PRO D 120 33.87 -14.56 19.23
CA PRO D 120 33.96 -15.01 20.62
C PRO D 120 32.84 -14.40 21.45
N PRO D 121 32.39 -15.11 22.49
CA PRO D 121 31.32 -14.54 23.32
C PRO D 121 31.78 -13.26 23.99
N LEU D 122 30.85 -12.31 24.10
CA LEU D 122 31.16 -11.01 24.68
C LEU D 122 31.33 -11.06 26.18
N ILE D 123 31.16 -12.23 26.79
CA ILE D 123 31.37 -12.39 28.22
C ILE D 123 32.85 -12.64 28.49
N SER D 124 33.68 -12.46 27.46
CA SER D 124 35.10 -12.75 27.52
C SER D 124 36.01 -11.58 27.15
N ILE D 125 35.63 -10.78 26.16
CA ILE D 125 36.47 -9.67 25.71
C ILE D 125 36.43 -8.58 26.76
N SER D 126 37.59 -8.27 27.35
CA SER D 126 37.65 -7.19 28.33
C SER D 126 37.46 -5.84 27.67
N GLY D 127 37.82 -5.75 26.39
CA GLY D 127 37.83 -4.46 25.73
C GLY D 127 36.48 -3.80 25.62
N VAL D 128 35.42 -4.58 25.53
CA VAL D 128 34.07 -4.02 25.46
C VAL D 128 33.76 -3.24 26.74
N SER D 129 34.01 -3.85 27.89
CA SER D 129 33.83 -3.17 29.16
C SER D 129 34.73 -1.95 29.26
N GLN D 130 35.99 -2.08 28.82
CA GLN D 130 36.90 -0.94 28.93
C GLN D 130 36.44 0.23 28.07
N GLY D 131 36.04 -0.03 26.83
CA GLY D 131 35.56 1.04 25.97
C GLY D 131 34.30 1.69 26.50
N LEU D 132 33.34 0.88 26.97
CA LEU D 132 32.13 1.42 27.56
C LEU D 132 32.43 2.30 28.75
N GLU D 133 33.33 1.88 29.62
CA GLU D 133 33.58 2.67 30.82
C GLU D 133 34.26 3.99 30.48
N LEU D 134 35.21 3.97 29.54
CA LEU D 134 35.84 5.23 29.15
C LEU D 134 34.82 6.18 28.53
N LEU D 135 33.94 5.64 27.67
CA LEU D 135 32.93 6.49 27.05
C LEU D 135 31.99 7.08 28.09
N LEU D 136 31.61 6.30 29.10
CA LEU D 136 30.76 6.81 30.16
C LEU D 136 31.46 7.90 30.96
N GLY D 137 32.75 7.71 31.24
CA GLY D 137 33.49 8.75 31.94
C GLY D 137 33.54 10.05 31.17
N ILE D 138 33.78 9.96 29.86
CA ILE D 138 33.74 11.16 29.03
C ILE D 138 32.37 11.81 29.06
N GLN D 139 31.30 10.99 28.99
CA GLN D 139 29.94 11.53 29.02
C GLN D 139 29.66 12.26 30.33
N ASP D 140 30.11 11.70 31.45
CA ASP D 140 29.94 12.37 32.72
C ASP D 140 30.73 13.66 32.78
N PHE D 141 31.95 13.66 32.23
CA PHE D 141 32.77 14.86 32.29
C PHE D 141 32.17 16.00 31.47
N LEU D 142 31.83 15.73 30.20
CA LEU D 142 31.48 16.82 29.29
C LEU D 142 30.20 17.53 29.71
N TYR D 143 29.17 16.79 30.11
CA TYR D 143 27.87 17.36 30.46
C TYR D 143 27.61 17.28 31.97
N SER D 144 28.64 17.52 32.76
CA SER D 144 28.50 17.43 34.22
C SER D 144 27.55 18.49 34.74
N SER D 145 27.67 19.72 34.25
CA SER D 145 26.83 20.81 34.72
C SER D 145 26.79 21.95 33.71
N ASP D 151 31.26 27.71 30.01
CA ASP D 151 31.75 26.33 29.97
C ASP D 151 31.23 25.61 28.74
N LEU D 152 30.79 26.39 27.75
CA LEU D 152 30.22 25.79 26.55
C LEU D 152 31.28 25.09 25.71
N HIS D 153 32.41 25.74 25.45
CA HIS D 153 33.45 25.19 24.60
C HIS D 153 34.80 25.03 25.28
N THR D 154 35.01 25.62 26.46
CA THR D 154 36.27 25.41 27.17
C THR D 154 36.37 23.99 27.72
N LYS D 155 35.28 23.23 27.72
CA LYS D 155 35.34 21.83 28.10
C LYS D 155 35.66 20.94 26.91
N LEU D 156 35.04 21.21 25.75
CA LEU D 156 35.29 20.41 24.57
C LEU D 156 36.62 20.77 23.88
N SER D 157 37.19 21.94 24.16
CA SER D 157 38.43 22.32 23.51
C SER D 157 39.62 21.57 24.10
N GLN D 158 39.64 21.41 25.42
CA GLN D 158 40.78 20.83 26.11
C GLN D 158 40.75 19.31 26.15
N LEU D 159 39.74 18.69 25.53
CA LEU D 159 39.62 17.23 25.57
C LEU D 159 40.79 16.51 24.92
N PRO D 160 41.26 16.86 23.71
CA PRO D 160 42.42 16.16 23.16
C PRO D 160 43.67 16.29 24.01
N ASP D 161 43.88 17.44 24.65
CA ASP D 161 44.97 17.58 25.60
C ASP D 161 44.61 16.98 26.96
N LEU D 162 43.38 16.52 27.13
CA LEU D 162 42.92 15.94 28.38
C LEU D 162 43.10 14.42 28.42
N LEU D 163 42.57 13.72 27.42
CA LEU D 163 42.60 12.26 27.50
C LEU D 163 43.99 11.69 27.21
N LEU D 164 44.84 12.45 26.51
CA LEU D 164 46.20 11.97 26.27
C LEU D 164 46.91 11.64 27.57
N GLN D 165 46.65 12.43 28.62
CA GLN D 165 47.24 12.13 29.92
C GLN D 165 46.65 10.88 30.54
N ALA D 166 45.52 10.39 30.04
CA ALA D 166 44.84 9.23 30.59
C ALA D 166 44.95 7.98 29.72
N CYS D 167 44.92 8.13 28.40
CA CYS D 167 45.06 7.00 27.47
C CYS D 167 46.15 7.32 26.46
N PRO D 168 47.42 7.21 26.86
CA PRO D 168 48.52 7.62 25.97
C PRO D 168 48.69 6.72 24.75
N LEU D 169 48.77 5.41 24.96
CA LEU D 169 49.16 4.48 23.89
C LEU D 169 48.26 3.26 23.87
N GLY D 170 46.94 3.48 23.91
CA GLY D 170 45.98 2.41 23.70
C GLY D 170 45.52 1.69 24.96
N THR D 171 46.13 1.96 26.10
CA THR D 171 45.75 1.35 27.37
C THR D 171 45.33 2.45 28.33
N LEU D 172 44.18 2.27 28.98
CA LEU D 172 43.67 3.34 29.82
C LEU D 172 44.45 3.39 31.13
N LEU D 173 44.41 4.54 31.77
CA LEU D 173 44.91 4.67 33.13
C LEU D 173 43.80 5.00 34.10
N ASP D 174 43.08 6.10 33.88
CA ASP D 174 41.98 6.52 34.72
C ASP D 174 40.82 6.96 33.84
N ALA D 175 39.60 6.63 34.24
CA ALA D 175 38.41 6.90 33.45
C ALA D 175 37.71 8.21 33.81
N ASN D 176 38.24 8.95 34.78
CA ASN D 176 37.66 10.22 35.20
C ASN D 176 38.41 11.34 34.49
N LEU D 177 37.75 11.98 33.52
CA LEU D 177 38.42 13.01 32.74
C LEU D 177 38.62 14.29 33.55
N GLN D 178 37.79 14.54 34.56
CA GLN D 178 38.07 15.62 35.49
C GLN D 178 39.44 15.43 36.12
N ASN D 179 39.84 14.17 36.34
CA ASN D 179 41.16 13.92 36.89
C ASN D 179 42.26 14.19 35.87
N SER D 180 42.00 13.95 34.58
CA SER D 180 42.95 14.34 33.56
C SER D 180 43.13 15.86 33.55
N LEU D 181 42.03 16.60 33.69
CA LEU D 181 42.12 18.05 33.79
C LEU D 181 42.89 18.48 35.04
N ASN D 182 42.66 17.80 36.15
CA ASN D 182 43.35 18.15 37.39
C ASN D 182 44.84 17.89 37.28
N SER D 183 45.24 16.80 36.61
CA SER D 183 46.64 16.43 36.50
C SER D 183 47.37 17.19 35.40
N ILE D 184 46.67 17.65 34.36
CA ILE D 184 47.33 18.36 33.28
C ILE D 184 47.52 19.83 33.64
N ASN D 185 46.44 20.50 34.03
CA ASN D 185 46.55 21.91 34.40
C ASN D 185 47.40 22.09 35.66
N SER D 186 47.23 21.22 36.64
CA SER D 186 47.93 21.32 37.92
C SER D 186 48.85 20.13 38.09
N VAL D 187 50.08 20.38 38.49
CA VAL D 187 51.04 19.32 38.74
C VAL D 187 50.65 18.54 39.99
N GLN D 191 53.35 11.85 45.62
CA GLN D 191 52.62 10.71 46.19
C GLN D 191 53.57 9.60 46.60
N PRO D 192 54.24 9.77 47.74
CA PRO D 192 55.22 8.77 48.20
C PRO D 192 54.61 7.53 48.81
N GLN D 193 53.28 7.44 48.87
CA GLN D 193 52.58 6.27 49.38
C GLN D 193 51.64 5.75 48.30
N LYS D 194 50.89 4.71 48.64
CA LYS D 194 49.96 4.12 47.68
C LYS D 194 48.70 4.96 47.59
N GLN D 195 48.86 6.25 47.31
CA GLN D 195 47.71 7.12 47.16
C GLN D 195 46.93 6.71 45.92
N PRO D 196 45.59 6.73 45.98
CA PRO D 196 44.79 6.25 44.85
C PRO D 196 45.11 7.03 43.59
N ALA D 197 45.13 6.32 42.46
CA ALA D 197 45.53 6.92 41.20
C ALA D 197 44.45 7.80 40.60
N TRP D 198 43.32 7.98 41.29
CA TRP D 198 42.34 8.97 40.85
C TRP D 198 42.15 10.04 41.92
N LYS D 199 43.26 10.56 42.46
CA LYS D 199 43.20 11.66 43.41
C LYS D 199 44.40 12.58 43.19
N VAL D 200 44.14 13.84 42.88
CA VAL D 200 45.20 14.82 42.73
C VAL D 200 45.37 15.62 44.02
N LYS D 206 38.75 19.86 58.25
CA LYS D 206 37.51 20.51 57.88
C LYS D 206 36.64 19.57 57.05
N ALA D 207 36.03 18.60 57.71
CA ALA D 207 35.23 17.58 57.03
C ALA D 207 33.92 18.21 56.54
N GLN D 208 33.86 18.51 55.25
CA GLN D 208 32.66 19.03 54.62
C GLN D 208 32.14 18.02 53.60
N ILE D 209 30.87 17.66 53.73
CA ILE D 209 30.23 16.67 52.87
C ILE D 209 28.86 17.20 52.47
N SER D 210 28.54 17.11 51.19
CA SER D 210 27.27 17.61 50.66
C SER D 210 26.47 16.45 50.09
N ILE D 211 25.74 15.76 50.95
CA ILE D 211 24.95 14.59 50.56
C ILE D 211 23.65 15.06 49.95
N SER D 212 23.53 14.96 48.63
CA SER D 212 22.33 15.39 47.90
C SER D 212 21.50 14.17 47.55
N ILE D 213 20.69 13.72 48.51
CA ILE D 213 19.80 12.59 48.26
C ILE D 213 18.64 13.04 47.39
N THR D 214 18.16 12.15 46.52
CA THR D 214 17.13 12.50 45.56
C THR D 214 16.27 11.27 45.28
N GLU D 215 15.04 11.29 45.77
CA GLU D 215 14.11 10.16 45.67
C GLU D 215 13.00 10.55 44.71
N THR D 216 13.11 10.12 43.45
CA THR D 216 12.10 10.42 42.45
C THR D 216 10.97 9.40 42.56
N VAL D 217 9.74 9.89 42.71
CA VAL D 217 8.57 9.04 42.88
C VAL D 217 7.90 8.86 41.53
N LYS D 218 8.20 7.76 40.86
CA LYS D 218 7.50 7.36 39.66
C LYS D 218 6.46 6.33 40.06
N CYS D 219 5.22 6.53 39.62
CA CYS D 219 4.10 5.71 40.08
C CYS D 219 3.04 5.60 38.99
N MET D 220 2.95 4.44 38.36
CA MET D 220 1.81 4.12 37.51
C MET D 220 0.71 3.62 38.43
N GLN D 221 0.04 4.57 39.09
CA GLN D 221 -0.86 4.23 40.20
C GLN D 221 -2.02 3.34 39.76
N TYR D 222 -2.45 3.47 38.50
CA TYR D 222 -3.52 2.62 37.96
C TYR D 222 -4.78 2.71 38.82
N GLY D 223 -4.97 1.74 39.70
CA GLY D 223 -6.09 1.77 40.62
C GLY D 223 -7.19 0.77 40.33
N LYS D 224 -6.82 -0.42 39.85
CA LYS D 224 -7.79 -1.47 39.60
C LYS D 224 -7.85 -2.41 40.81
N GLN D 225 -8.65 -3.47 40.69
CA GLN D 225 -8.81 -4.40 41.80
C GLN D 225 -7.67 -5.41 41.84
N ASP D 226 -7.54 -6.22 40.80
CA ASP D 226 -6.45 -7.20 40.75
C ASP D 226 -5.11 -6.54 40.40
N ILE D 227 -5.12 -5.55 39.51
CA ILE D 227 -3.90 -4.85 39.14
C ILE D 227 -3.39 -4.07 40.35
N ALA D 228 -2.11 -4.24 40.66
CA ALA D 228 -1.53 -3.52 41.77
C ALA D 228 -1.18 -2.08 41.36
N ASP D 229 -1.19 -1.19 42.35
CA ASP D 229 -0.80 0.21 42.14
C ASP D 229 0.72 0.27 42.14
N THR D 230 1.30 0.54 40.99
CA THR D 230 2.75 0.43 40.80
C THR D 230 3.42 1.76 41.10
N TRP D 231 4.13 1.83 42.21
CA TRP D 231 4.97 2.96 42.53
C TRP D 231 6.35 2.45 42.93
N GLN D 232 7.38 3.20 42.53
CA GLN D 232 8.70 2.91 43.05
C GLN D 232 9.54 4.16 43.00
N VAL D 233 10.36 4.33 44.04
CA VAL D 233 11.10 5.55 44.31
C VAL D 233 12.58 5.26 44.05
N ALA D 234 13.19 6.03 43.16
CA ALA D 234 14.60 5.85 42.81
C ALA D 234 15.44 6.87 43.56
N GLY D 235 16.38 6.40 44.38
CA GLY D 235 17.16 7.27 45.22
C GLY D 235 18.65 7.06 45.03
N THR D 236 19.41 8.06 45.47
CA THR D 236 20.87 8.02 45.40
C THR D 236 21.44 8.93 46.46
N VAL D 237 22.73 8.74 46.76
CA VAL D 237 23.46 9.56 47.72
C VAL D 237 24.77 9.99 47.07
N ALA D 238 24.98 11.30 46.97
CA ALA D 238 26.20 11.86 46.41
C ALA D 238 26.97 12.55 47.52
N CYS D 239 28.09 11.97 47.92
CA CYS D 239 28.86 12.43 49.07
C CYS D 239 30.32 12.61 48.68
N LYS D 240 31.09 13.17 49.60
CA LYS D 240 32.52 13.39 49.35
C LYS D 240 33.23 13.58 50.68
N CYS D 241 34.22 12.73 50.97
CA CYS D 241 35.06 12.89 52.16
C CYS D 241 36.17 13.90 51.89
N ASP D 242 35.77 15.08 51.41
CA ASP D 242 36.71 16.13 51.04
C ASP D 242 37.30 16.79 52.29
N LEU D 243 38.08 16.00 53.02
CA LEU D 243 38.73 16.44 54.24
C LEU D 243 40.23 16.22 54.14
N GLU D 244 40.98 17.05 54.85
CA GLU D 244 42.43 16.99 54.84
C GLU D 244 42.89 15.83 55.73
N GLY D 245 44.18 15.75 55.99
CA GLY D 245 44.74 14.71 56.83
C GLY D 245 45.35 13.59 55.99
N VAL D 246 45.81 12.56 56.70
CA VAL D 246 46.42 11.41 56.07
C VAL D 246 45.34 10.40 55.73
N MET D 247 44.66 9.88 56.76
CA MET D 247 43.57 8.93 56.59
C MET D 247 42.41 9.30 57.51
N PRO D 248 41.73 10.40 57.22
CA PRO D 248 40.55 10.75 58.01
C PRO D 248 39.42 9.76 57.78
N ALA D 249 38.60 9.58 58.80
CA ALA D 249 37.48 8.63 58.74
C ALA D 249 36.19 9.36 59.07
N VAL D 250 35.31 9.50 58.08
CA VAL D 250 34.00 10.09 58.30
C VAL D 250 32.94 9.26 57.56
N THR D 251 32.31 8.34 58.27
CA THR D 251 31.18 7.58 57.73
C THR D 251 29.91 8.13 58.35
N ILE D 252 28.98 8.57 57.52
CA ILE D 252 27.80 9.31 57.97
C ILE D 252 26.65 8.34 58.19
N SER D 253 25.72 8.73 59.06
CA SER D 253 24.56 7.92 59.38
C SER D 253 23.28 8.61 58.93
N LEU D 254 22.39 7.84 58.30
CA LEU D 254 21.10 8.32 57.83
C LEU D 254 20.02 7.72 58.72
N SER D 255 19.19 8.58 59.32
CA SER D 255 18.24 8.16 60.35
C SER D 255 16.84 8.04 59.75
N LEU D 256 16.56 6.88 59.14
CA LEU D 256 15.18 6.52 58.83
C LEU D 256 14.46 6.14 60.12
N PRO D 257 13.23 6.60 60.33
CA PRO D 257 12.56 6.41 61.61
C PRO D 257 12.00 4.99 61.74
N THR D 258 11.36 4.74 62.88
CA THR D 258 10.72 3.44 63.09
C THR D 258 9.61 3.21 62.08
N ASN D 259 8.85 4.25 61.74
CA ASN D 259 7.85 4.14 60.69
C ASN D 259 8.49 3.85 59.34
N GLY D 260 9.72 4.26 59.12
CA GLY D 260 10.39 3.99 57.86
C GLY D 260 11.00 2.59 57.82
N SER D 261 11.07 2.05 56.61
CA SER D 261 11.63 0.72 56.38
C SER D 261 13.16 0.78 56.37
N PRO D 262 13.82 -0.38 56.46
CA PRO D 262 15.28 -0.39 56.28
C PRO D 262 15.68 -0.04 54.86
N LEU D 263 16.98 -0.04 54.56
CA LEU D 263 17.43 0.29 53.23
C LEU D 263 16.96 -0.76 52.22
N GLN D 264 16.76 -0.32 50.98
CA GLN D 264 16.29 -1.20 49.92
C GLN D 264 17.00 -0.89 48.61
N ASP D 265 17.32 -1.94 47.86
CA ASP D 265 17.88 -1.85 46.52
C ASP D 265 19.19 -1.05 46.51
N ILE D 266 20.20 -1.65 47.14
CA ILE D 266 21.49 -1.01 47.34
C ILE D 266 22.47 -1.47 46.25
N ILE D 267 23.03 -0.52 45.49
CA ILE D 267 24.23 -0.74 44.69
C ILE D 267 25.16 0.44 44.90
N VAL D 268 26.45 0.21 44.64
CA VAL D 268 27.49 1.14 45.08
C VAL D 268 28.32 1.67 43.92
N HIS D 269 29.30 2.51 44.25
CA HIS D 269 30.17 3.20 43.31
C HIS D 269 31.38 2.34 42.96
N PRO D 270 32.03 2.62 41.82
CA PRO D 270 33.30 1.93 41.53
C PRO D 270 34.34 2.13 42.63
N CYS D 271 34.42 3.33 43.20
CA CYS D 271 35.37 3.57 44.29
C CYS D 271 34.91 2.94 45.58
N VAL D 272 33.64 2.58 45.70
CA VAL D 272 33.13 2.02 46.94
C VAL D 272 33.74 0.64 47.17
N THR D 273 33.88 0.27 48.44
CA THR D 273 34.56 -0.96 48.79
C THR D 273 33.72 -2.19 48.48
N SER D 274 32.54 -2.28 49.09
CA SER D 274 31.71 -3.47 48.97
C SER D 274 30.27 -3.13 49.35
N LEU D 275 29.39 -4.12 49.18
CA LEU D 275 28.01 -4.04 49.61
C LEU D 275 27.72 -5.23 50.53
N ASP D 276 26.87 -5.00 51.52
CA ASP D 276 26.59 -6.02 52.52
C ASP D 276 25.81 -7.17 51.89
N SER D 277 25.91 -8.35 52.53
CA SER D 277 25.22 -9.53 52.03
C SER D 277 23.71 -9.33 51.99
N ALA D 278 23.18 -8.47 52.86
CA ALA D 278 21.76 -8.12 52.77
C ALA D 278 21.47 -7.33 51.49
N ILE D 279 22.35 -6.41 51.13
CA ILE D 279 22.17 -5.65 49.90
C ILE D 279 22.15 -6.57 48.70
N LEU D 280 22.98 -7.61 48.72
CA LEU D 280 22.89 -8.65 47.70
C LEU D 280 21.58 -9.41 47.81
N THR D 281 21.11 -9.63 49.04
CA THR D 281 19.88 -10.39 49.24
C THR D 281 18.65 -9.53 48.99
N SER D 282 18.56 -8.37 49.64
CA SER D 282 17.35 -7.56 49.58
C SER D 282 17.21 -6.89 48.22
N SER D 283 16.91 -7.69 47.20
CA SER D 283 16.70 -7.19 45.85
C SER D 283 15.21 -7.13 45.54
N SER D 284 14.89 -6.36 44.50
CA SER D 284 13.51 -6.21 44.08
C SER D 284 13.14 -7.30 43.08
N SER D 291 22.41 -5.90 56.78
CA SER D 291 21.33 -6.32 57.66
C SER D 291 20.15 -5.37 57.59
N ALA D 292 18.94 -5.91 57.70
CA ALA D 292 17.72 -5.10 57.66
C ALA D 292 17.59 -4.34 58.98
N PHE D 293 18.47 -3.36 59.15
CA PHE D 293 18.52 -2.55 60.35
C PHE D 293 18.59 -1.08 59.97
N SER D 294 17.93 -0.24 60.77
CA SER D 294 18.03 1.21 60.61
C SER D 294 19.40 1.74 61.01
N GLY D 295 20.23 0.91 61.63
CA GLY D 295 21.56 1.31 62.03
C GLY D 295 22.30 0.16 62.68
N PRO D 296 23.58 0.38 62.99
CA PRO D 296 24.36 1.58 62.71
C PRO D 296 24.88 1.52 61.27
N TYR D 297 24.63 2.56 60.48
CA TYR D 297 25.00 2.53 59.07
C TYR D 297 26.51 2.69 58.96
N LYS D 298 27.21 1.56 58.90
CA LYS D 298 28.66 1.53 58.73
C LYS D 298 28.95 1.25 57.26
N PHE D 299 29.32 2.31 56.53
CA PHE D 299 29.57 2.21 55.09
C PHE D 299 31.04 2.44 54.79
N PRO D 300 31.83 1.39 54.55
CA PRO D 300 33.22 1.60 54.15
C PRO D 300 33.32 2.36 52.84
N PHE D 301 34.33 3.21 52.74
CA PHE D 301 34.56 4.03 51.56
C PHE D 301 36.06 4.09 51.30
N THR D 302 36.45 4.93 50.35
CA THR D 302 37.82 5.31 50.12
C THR D 302 37.82 6.79 49.75
N PRO D 303 38.37 7.66 50.59
CA PRO D 303 38.22 9.10 50.38
C PRO D 303 38.66 9.51 48.98
N PRO D 304 37.73 9.98 48.15
CA PRO D 304 38.08 10.36 46.78
C PRO D 304 38.37 11.83 46.61
N LEU D 305 39.10 12.17 45.54
CA LEU D 305 39.01 13.51 44.97
C LEU D 305 37.76 13.66 44.12
N GLU D 306 37.11 12.55 43.79
CA GLU D 306 35.80 12.52 43.17
C GLU D 306 34.74 12.58 44.27
N SER D 307 33.48 12.27 43.93
CA SER D 307 32.38 12.28 44.90
C SER D 307 31.93 10.84 45.12
N PHE D 308 32.40 10.22 46.19
CA PHE D 308 32.07 8.83 46.46
C PHE D 308 30.60 8.66 46.83
N ASN D 309 29.98 7.63 46.29
CA ASN D 309 28.61 7.25 46.62
C ASN D 309 28.67 5.92 47.35
N LEU D 310 28.47 5.95 48.66
CA LEU D 310 28.56 4.73 49.47
C LEU D 310 27.48 3.72 49.11
N CYS D 311 26.42 4.14 48.44
CA CYS D 311 25.34 3.30 47.98
C CYS D 311 24.35 4.15 47.21
N HIS D 312 23.52 3.49 46.40
CA HIS D 312 22.32 4.08 45.81
C HIS D 312 21.15 3.22 46.27
N TYR D 313 20.19 3.83 46.97
CA TYR D 313 19.10 3.09 47.57
C TYR D 313 17.75 3.53 47.05
N THR D 314 16.89 2.55 46.80
CA THR D 314 15.51 2.77 46.39
C THR D 314 14.62 2.26 47.51
N SER D 315 14.37 3.13 48.50
CA SER D 315 13.61 2.72 49.67
C SER D 315 12.14 2.55 49.34
N GLN D 316 11.46 1.74 50.14
CA GLN D 316 10.04 1.48 49.97
C GLN D 316 9.26 2.01 51.18
N VAL D 317 8.07 2.53 50.90
CA VAL D 317 7.13 2.97 51.93
C VAL D 317 5.74 2.58 51.44
N PRO D 318 4.94 1.88 52.24
CA PRO D 318 3.66 1.37 51.74
C PRO D 318 2.67 2.45 51.33
N VAL D 319 2.81 3.67 51.84
CA VAL D 319 1.81 4.72 51.65
C VAL D 319 2.16 5.48 50.38
N PRO D 320 1.29 5.46 49.35
CA PRO D 320 1.50 6.35 48.22
C PRO D 320 1.29 7.80 48.63
N PRO D 321 2.02 8.73 48.02
CA PRO D 321 1.90 10.13 48.44
C PRO D 321 0.76 10.88 47.75
N ILE D 322 0.38 10.46 46.56
CA ILE D 322 -0.66 11.14 45.79
C ILE D 322 -1.43 10.11 44.99
N LEU D 323 -2.75 10.26 44.95
CA LEU D 323 -3.62 9.35 44.22
C LEU D 323 -4.47 10.12 43.23
N GLY D 324 -4.84 9.46 42.14
CA GLY D 324 -5.46 10.17 41.04
C GLY D 324 -6.33 9.27 40.19
N SER D 325 -7.05 9.91 39.28
CA SER D 325 -8.02 9.24 38.42
C SER D 325 -8.23 10.08 37.18
N TYR D 326 -8.89 9.49 36.18
CA TYR D 326 -9.06 10.15 34.90
C TYR D 326 -10.10 9.41 34.06
N HIS D 327 -11.13 10.12 33.61
CA HIS D 327 -12.10 9.59 32.66
C HIS D 327 -12.19 10.55 31.49
N MET D 328 -12.14 10.02 30.27
CA MET D 328 -12.31 10.83 29.06
C MET D 328 -13.33 10.14 28.17
N LYS D 329 -14.61 10.40 28.43
CA LYS D 329 -15.68 9.84 27.60
C LYS D 329 -15.64 10.48 26.23
N GLU D 330 -15.24 9.71 25.21
CA GLU D 330 -15.07 10.23 23.86
C GLU D 330 -16.45 10.46 23.22
N GLU D 331 -17.14 11.47 23.72
CA GLU D 331 -18.44 11.88 23.19
C GLU D 331 -18.20 12.78 21.98
N GLY D 332 -17.76 12.16 20.89
CA GLY D 332 -17.43 12.89 19.70
C GLY D 332 -16.12 13.66 19.83
N VAL D 333 -16.21 14.97 19.97
CA VAL D 333 -15.04 15.82 20.13
C VAL D 333 -15.11 16.45 21.52
N GLN D 334 -15.68 15.71 22.47
CA GLN D 334 -15.84 16.18 23.85
C GLN D 334 -14.97 15.33 24.75
N LEU D 335 -13.71 15.72 24.90
CA LEU D 335 -12.78 15.00 25.75
C LEU D 335 -12.94 15.49 27.19
N LYS D 336 -14.09 15.14 27.77
CA LYS D 336 -14.40 15.58 29.12
C LYS D 336 -13.54 14.85 30.13
N VAL D 337 -12.40 15.44 30.49
CA VAL D 337 -11.43 14.76 31.37
C VAL D 337 -11.87 15.06 32.80
N THR D 338 -12.82 14.26 33.27
CA THR D 338 -13.32 14.43 34.63
C THR D 338 -12.29 13.93 35.63
N VAL D 339 -11.17 14.67 35.76
CA VAL D 339 -10.10 14.23 36.62
C VAL D 339 -10.50 14.38 38.09
N ASN D 340 -9.80 13.65 38.95
CA ASN D 340 -10.08 13.66 40.38
C ASN D 340 -8.84 13.16 41.10
N PHE D 341 -8.25 14.01 41.93
CA PHE D 341 -7.00 13.73 42.60
C PHE D 341 -7.23 13.47 44.07
N LYS D 342 -6.18 13.03 44.75
CA LYS D 342 -6.27 12.69 46.17
C LYS D 342 -4.86 12.84 46.76
N LEU D 343 -4.67 13.93 47.49
CA LEU D 343 -3.38 14.25 48.09
C LEU D 343 -3.32 13.62 49.47
N HIS D 344 -2.53 12.56 49.62
CA HIS D 344 -2.40 11.90 50.90
C HIS D 344 -1.89 12.88 51.94
N GLU D 345 -2.39 12.73 53.17
CA GLU D 345 -2.11 13.70 54.22
C GLU D 345 -0.63 13.78 54.59
N SER D 346 0.15 12.73 54.28
CA SER D 346 1.57 12.75 54.57
C SER D 346 2.35 13.70 53.66
N VAL D 347 1.70 14.25 52.63
CA VAL D 347 2.37 15.17 51.72
C VAL D 347 2.13 16.60 52.19
N ARG D 348 3.21 17.34 52.37
CA ARG D 348 3.12 18.74 52.77
C ARG D 348 2.43 19.56 51.68
N ASN D 349 1.55 20.47 52.09
CA ASN D 349 0.74 21.23 51.14
C ASN D 349 1.45 22.51 50.70
N ASN D 350 2.60 22.32 50.05
CA ASN D 350 3.32 23.43 49.41
C ASN D 350 4.18 22.83 48.30
N PHE D 351 3.71 22.94 47.06
CA PHE D 351 4.37 22.35 45.91
C PHE D 351 5.06 23.45 45.13
N GLU D 352 6.36 23.28 44.87
CA GLU D 352 7.09 24.29 44.14
C GLU D 352 6.58 24.43 42.71
N VAL D 353 6.51 23.32 41.99
CA VAL D 353 5.83 23.28 40.70
C VAL D 353 5.01 22.00 40.61
N CYS D 354 3.73 22.07 40.95
CA CYS D 354 2.83 20.93 40.76
C CYS D 354 2.06 21.05 39.44
N GLU D 355 2.77 21.27 38.34
CA GLU D 355 2.14 21.41 37.04
C GLU D 355 1.58 20.05 36.62
N ALA D 356 0.26 19.89 36.75
CA ALA D 356 -0.40 18.66 36.34
C ALA D 356 -0.68 18.72 34.83
N HIS D 357 0.41 18.82 34.08
CA HIS D 357 0.34 18.85 32.62
C HIS D 357 -0.50 17.70 32.10
N ILE D 358 -1.36 18.01 31.13
CA ILE D 358 -2.25 17.01 30.55
C ILE D 358 -2.04 16.99 29.05
N PRO D 359 -1.02 16.30 28.56
CA PRO D 359 -0.81 16.23 27.11
C PRO D 359 -1.97 15.49 26.45
N PHE D 360 -2.17 15.79 25.18
CA PHE D 360 -3.32 15.30 24.44
C PHE D 360 -2.88 14.58 23.18
N TYR D 361 -1.97 13.62 23.36
CA TYR D 361 -1.56 12.75 22.28
C TYR D 361 -2.76 12.21 21.51
N ASN D 362 -2.60 12.10 20.19
CA ASN D 362 -3.59 11.51 19.29
C ASN D 362 -4.91 12.28 19.27
N ARG D 363 -4.91 13.51 19.74
CA ARG D 363 -6.10 14.37 19.68
C ARG D 363 -5.70 15.76 19.24
N ILE D 366 -6.22 22.13 21.94
CA ILE D 366 -7.61 22.43 22.27
C ILE D 366 -8.07 23.70 21.57
N THR D 367 -8.97 23.55 20.60
CA THR D 367 -9.49 24.70 19.88
C THR D 367 -10.46 25.51 20.74
N HIS D 368 -11.36 24.83 21.44
CA HIS D 368 -12.40 25.48 22.24
C HIS D 368 -12.28 24.99 23.68
N LEU D 369 -11.51 25.71 24.49
CA LEU D 369 -11.31 25.33 25.88
C LEU D 369 -12.56 25.65 26.70
N GLU D 370 -13.64 24.91 26.46
CA GLU D 370 -14.87 25.09 27.20
C GLU D 370 -14.76 24.39 28.56
N TYR D 371 -13.72 24.78 29.30
CA TYR D 371 -13.35 24.07 30.51
C TYR D 371 -14.15 24.59 31.70
N LYS D 372 -14.10 23.80 32.78
CA LYS D 372 -14.59 24.21 34.09
C LYS D 372 -13.50 23.85 35.09
N ALA D 373 -12.55 24.76 35.26
CA ALA D 373 -11.42 24.53 36.14
C ALA D 373 -11.80 24.82 37.58
N SER D 374 -11.66 23.82 38.45
CA SER D 374 -11.97 24.02 39.86
C SER D 374 -10.93 24.92 40.54
N PHE D 375 -9.66 24.72 40.21
CA PHE D 375 -8.60 25.53 40.81
C PHE D 375 -7.46 25.67 39.82
N GLY D 376 -6.88 26.87 39.77
CA GLY D 376 -5.77 27.15 38.89
C GLY D 376 -6.16 27.26 37.43
N GLN D 377 -5.42 28.05 36.67
CA GLN D 377 -5.73 28.24 35.26
C GLN D 377 -5.41 26.98 34.46
N LEU D 378 -6.21 26.75 33.42
CA LEU D 378 -5.93 25.71 32.43
C LEU D 378 -5.59 26.43 31.13
N GLU D 379 -4.33 26.85 31.03
CA GLU D 379 -3.90 27.68 29.92
C GLU D 379 -3.57 26.77 28.73
N VAL D 380 -4.45 26.77 27.73
CA VAL D 380 -4.14 26.09 26.49
C VAL D 380 -2.91 26.77 25.88
N PHE D 381 -1.90 25.99 25.56
CA PHE D 381 -0.68 26.58 25.04
C PHE D 381 -0.82 26.94 23.56
N ARG D 382 0.07 27.83 23.11
CA ARG D 382 -0.11 28.50 21.83
C ARG D 382 -0.28 27.53 20.66
N GLU D 383 0.31 26.33 20.77
CA GLU D 383 0.11 25.33 19.74
C GLU D 383 -1.33 24.83 19.68
N LYS D 384 -2.09 25.01 20.77
CA LYS D 384 -3.46 24.50 20.86
C LYS D 384 -3.50 22.99 20.58
N SER D 385 -2.48 22.29 21.08
CA SER D 385 -2.35 20.86 20.93
C SER D 385 -2.38 20.11 22.26
N LEU D 386 -1.78 20.67 23.31
CA LEU D 386 -1.79 20.05 24.62
C LEU D 386 -1.94 21.16 25.65
N LEU D 387 -3.09 21.18 26.33
CA LEU D 387 -3.40 22.24 27.28
C LEU D 387 -2.79 21.89 28.63
N VAL D 388 -1.61 22.46 28.91
CA VAL D 388 -0.95 22.18 30.16
C VAL D 388 -1.67 22.92 31.27
N TRP D 389 -2.57 22.21 31.96
CA TRP D 389 -3.36 22.80 33.03
C TRP D 389 -2.47 23.00 34.25
N ILE D 390 -1.94 24.21 34.41
CA ILE D 390 -1.10 24.51 35.55
C ILE D 390 -1.96 24.61 36.80
N ILE D 391 -1.95 23.55 37.61
CA ILE D 391 -2.57 23.63 38.93
C ILE D 391 -1.88 24.68 39.77
N GLY D 392 -0.59 24.90 39.56
CA GLY D 392 0.10 26.01 40.19
C GLY D 392 1.02 25.62 41.32
N GLN D 393 0.62 25.92 42.54
CA GLN D 393 1.47 25.75 43.71
C GLN D 393 0.86 24.91 44.80
N LYS D 394 -0.46 24.94 44.96
CA LYS D 394 -1.10 24.20 46.03
C LYS D 394 -2.51 23.78 45.61
N PHE D 395 -2.91 22.60 46.04
CA PHE D 395 -4.25 22.11 45.76
C PHE D 395 -5.26 22.79 46.67
N PRO D 396 -6.50 22.93 46.22
CA PRO D 396 -7.55 23.50 47.07
C PRO D 396 -7.74 22.75 48.37
N LYS D 397 -8.59 23.29 49.25
CA LYS D 397 -8.95 22.56 50.46
C LYS D 397 -9.73 21.29 50.14
N SER D 398 -10.32 21.20 48.95
CA SER D 398 -11.05 20.01 48.53
C SER D 398 -10.14 18.90 48.02
N MET D 399 -8.88 19.20 47.73
CA MET D 399 -7.92 18.21 47.23
C MET D 399 -8.44 17.51 45.98
N GLU D 400 -9.04 18.30 45.08
CA GLU D 400 -9.60 17.73 43.86
C GLU D 400 -9.74 18.83 42.82
N ILE D 401 -9.12 18.64 41.67
CA ILE D 401 -9.37 19.46 40.51
C ILE D 401 -10.32 18.70 39.58
N SER D 402 -10.83 19.38 38.57
CA SER D 402 -11.71 18.76 37.61
C SER D 402 -11.67 19.56 36.32
N LEU D 403 -12.07 18.91 35.22
CA LEU D 403 -12.10 19.57 33.92
C LEU D 403 -13.17 18.91 33.06
N SER D 404 -14.37 19.48 33.06
CA SER D 404 -15.42 19.05 32.16
C SER D 404 -15.41 19.95 30.92
N GLY D 405 -14.29 19.89 30.21
CA GLY D 405 -14.06 20.76 29.08
C GLY D 405 -14.60 20.18 27.79
N THR D 406 -15.44 20.97 27.12
CA THR D 406 -15.93 20.62 25.79
C THR D 406 -14.89 21.07 24.76
N LEU D 407 -13.81 20.29 24.69
CA LEU D 407 -12.66 20.63 23.87
C LEU D 407 -13.00 20.37 22.41
N THR D 408 -13.70 21.32 21.81
CA THR D 408 -14.15 21.17 20.43
C THR D 408 -12.96 21.31 19.47
N PHE D 409 -12.15 20.27 19.39
CA PHE D 409 -10.99 20.30 18.50
C PHE D 409 -11.44 20.42 17.05
N GLY D 410 -10.66 21.14 16.26
CA GLY D 410 -11.01 21.41 14.88
C GLY D 410 -10.66 20.26 13.95
N VAL D 411 -9.98 20.57 12.84
CA VAL D 411 -9.55 19.52 11.93
C VAL D 411 -8.68 18.53 12.67
N LYS D 412 -8.99 17.24 12.51
CA LYS D 412 -8.34 16.20 13.29
C LYS D 412 -6.85 16.13 13.00
N GLY D 413 -6.03 16.53 13.95
CA GLY D 413 -4.60 16.37 13.84
C GLY D 413 -4.21 14.91 13.95
N HIS D 414 -3.69 14.34 12.87
CA HIS D 414 -3.27 12.94 12.86
C HIS D 414 -1.78 12.77 13.07
N ASN D 415 -0.98 13.75 12.65
CA ASN D 415 0.47 13.71 12.84
C ASN D 415 1.03 14.94 13.54
N LYS D 416 0.33 16.07 13.54
CA LYS D 416 0.85 17.26 14.20
C LYS D 416 0.93 17.07 15.71
N GLN D 417 -0.07 16.45 16.30
CA GLN D 417 -0.09 16.27 17.74
C GLN D 417 1.03 15.34 18.17
N PRO D 418 1.49 15.46 19.41
CA PRO D 418 2.55 14.56 19.89
C PRO D 418 2.08 13.11 19.85
N PHE D 419 2.73 12.32 19.00
CA PHE D 419 2.35 10.92 18.79
C PHE D 419 3.06 10.07 19.85
N ASP D 420 2.33 9.70 20.90
CA ASP D 420 2.85 8.82 21.94
C ASP D 420 2.07 7.52 21.89
N HIS D 421 2.78 6.42 21.63
CA HIS D 421 2.11 5.14 21.45
C HIS D 421 1.60 4.55 22.76
N ILE D 422 2.08 5.03 23.89
CA ILE D 422 1.66 4.51 25.19
C ILE D 422 0.36 5.19 25.59
N CYS D 423 -0.22 5.95 24.66
CA CYS D 423 -1.46 6.69 24.91
C CYS D 423 -2.30 6.61 23.64
N ILE D 424 -3.20 5.62 23.57
CA ILE D 424 -4.02 5.38 22.40
C ILE D 424 -5.48 5.32 22.82
N GLY D 425 -6.33 6.05 22.10
CA GLY D 425 -7.76 6.02 22.40
C GLY D 425 -8.08 6.72 23.70
N ASN D 426 -9.01 6.13 24.45
CA ASN D 426 -9.42 6.66 25.75
C ASN D 426 -8.40 6.39 26.83
N THR D 427 -7.30 5.76 26.44
CA THR D 427 -6.19 5.48 27.34
C THR D 427 -5.22 6.65 27.32
N ALA D 428 -4.95 7.19 28.50
CA ALA D 428 -3.91 8.19 28.70
C ALA D 428 -3.78 8.37 30.20
N TYR D 429 -2.87 9.25 30.60
CA TYR D 429 -2.74 9.60 32.00
C TYR D 429 -2.20 11.02 32.08
N ILE D 430 -2.46 11.66 33.21
CA ILE D 430 -2.01 13.02 33.41
C ILE D 430 -0.52 13.00 33.72
N LYS D 431 0.26 13.78 32.98
CA LYS D 431 1.68 13.89 33.23
C LYS D 431 1.89 15.00 34.26
N LEU D 432 1.85 14.64 35.54
CA LEU D 432 2.07 15.60 36.60
C LEU D 432 3.57 15.77 36.80
N ASN D 433 4.12 16.89 36.35
CA ASN D 433 5.54 17.16 36.53
C ASN D 433 5.84 17.79 37.88
N PHE D 434 5.33 17.18 38.96
CA PHE D 434 5.34 17.83 40.25
C PHE D 434 6.67 17.62 40.98
N ARG D 435 7.09 18.64 41.71
CA ARG D 435 8.33 18.64 42.46
C ARG D 435 8.06 19.09 43.89
N ILE D 436 9.00 18.81 44.77
CA ILE D 436 8.91 19.19 46.19
C ILE D 436 10.31 19.31 46.74
N ALA D 437 10.55 20.35 47.53
CA ALA D 437 11.85 20.57 48.15
C ALA D 437 11.87 19.99 49.56
N ASP D 438 12.76 19.03 49.79
CA ASP D 438 13.02 18.47 51.11
C ASP D 438 11.84 17.70 51.68
N TYR D 439 11.05 17.07 50.80
CA TYR D 439 10.04 16.11 51.24
C TYR D 439 9.89 15.05 50.16
N THR D 440 10.37 13.85 50.44
CA THR D 440 10.30 12.72 49.52
C THR D 440 9.43 11.63 50.13
N LEU D 441 9.40 10.47 49.47
CA LEU D 441 8.54 9.36 49.88
C LEU D 441 9.27 8.30 50.68
N THR D 442 10.49 8.57 51.16
CA THR D 442 11.30 7.56 51.82
C THR D 442 11.52 7.88 53.29
N GLY D 443 12.06 9.05 53.62
CA GLY D 443 12.28 9.41 55.00
C GLY D 443 13.75 9.58 55.35
N CYS D 444 14.56 9.94 54.36
CA CYS D 444 15.99 10.13 54.60
C CYS D 444 16.22 11.27 55.58
N TYR D 445 17.12 11.04 56.54
CA TYR D 445 17.50 12.09 57.48
C TYR D 445 18.90 11.75 58.00
N ALA D 446 19.91 12.41 57.45
CA ALA D 446 21.30 12.16 57.84
C ALA D 446 21.55 12.65 59.25
N ASP D 447 22.26 11.83 60.03
CA ASP D 447 22.58 12.13 61.42
C ASP D 447 24.08 12.30 61.59
N GLN D 448 24.47 13.17 62.52
CA GLN D 448 25.87 13.52 62.75
C GLN D 448 26.36 13.25 64.16
N HIS D 449 25.46 13.23 65.15
CA HIS D 449 25.89 13.07 66.54
C HIS D 449 26.41 11.67 66.83
N SER D 450 26.14 10.70 65.97
CA SER D 450 26.56 9.31 66.17
C SER D 450 27.80 8.97 65.36
N VAL D 451 28.72 9.91 65.21
CA VAL D 451 29.92 9.67 64.40
C VAL D 451 30.87 8.76 65.17
N GLN D 452 31.17 7.60 64.58
CA GLN D 452 32.14 6.66 65.13
C GLN D 452 33.19 6.38 64.07
N VAL D 453 34.46 6.59 64.43
CA VAL D 453 35.55 6.51 63.46
C VAL D 453 36.85 6.27 64.20
N PHE D 454 37.87 5.81 63.49
CA PHE D 454 39.21 5.67 64.01
C PHE D 454 40.05 6.93 63.81
N ALA D 455 39.40 8.08 63.67
CA ALA D 455 40.09 9.35 63.50
C ALA D 455 39.28 10.43 64.22
N SER D 456 39.66 11.69 64.01
CA SER D 456 39.00 12.81 64.65
C SER D 456 38.73 13.90 63.63
N GLY D 457 37.59 14.58 63.78
CA GLY D 457 37.26 15.68 62.88
C GLY D 457 35.85 16.14 63.13
N LYS D 458 35.48 17.22 62.43
CA LYS D 458 34.15 17.81 62.54
C LYS D 458 33.40 17.65 61.23
N PRO D 459 32.44 16.72 61.14
CA PRO D 459 31.71 16.52 59.88
C PRO D 459 30.69 17.62 59.64
N LYS D 460 30.84 18.33 58.52
CA LYS D 460 29.87 19.35 58.10
C LYS D 460 28.92 18.75 57.06
N ILE D 461 28.04 17.87 57.55
CA ILE D 461 27.21 17.06 56.65
C ILE D 461 26.01 17.85 56.18
N SER D 462 26.16 18.56 55.07
CA SER D 462 25.08 19.36 54.50
C SER D 462 24.12 18.44 53.75
N ALA D 463 23.29 17.71 54.50
CA ALA D 463 22.34 16.79 53.90
C ALA D 463 21.26 17.56 53.16
N TYR D 464 20.40 16.81 52.47
CA TYR D 464 19.33 17.40 51.69
C TYR D 464 18.34 16.30 51.29
N ARG D 465 17.41 16.64 50.41
CA ARG D 465 16.48 15.70 49.80
C ARG D 465 15.83 16.42 48.62
N LYS D 466 14.81 15.80 48.04
CA LYS D 466 14.01 16.38 46.97
C LYS D 466 12.95 15.37 46.59
N LEU D 467 12.07 15.78 45.67
CA LEU D 467 11.07 14.92 45.06
C LEU D 467 10.90 15.38 43.64
N ILE D 468 10.82 14.46 42.71
CA ILE D 468 10.64 14.79 41.30
C ILE D 468 9.62 13.82 40.74
N SER D 469 8.97 14.24 39.65
CA SER D 469 8.07 13.36 38.92
C SER D 469 8.89 12.62 37.87
N SER D 470 9.50 11.52 38.29
CA SER D 470 10.21 10.68 37.32
C SER D 470 9.23 10.15 36.28
N ASP D 471 8.27 9.34 36.70
CA ASP D 471 7.16 8.96 35.83
C ASP D 471 5.93 8.80 36.71
N TYR D 472 5.20 9.90 36.91
CA TYR D 472 3.97 9.89 37.69
C TYR D 472 2.83 10.05 36.71
N TYR D 473 2.41 8.93 36.14
CA TYR D 473 1.21 8.88 35.32
C TYR D 473 0.07 8.43 36.22
N ILE D 474 -0.84 9.34 36.53
CA ILE D 474 -2.05 8.92 37.23
C ILE D 474 -2.87 8.21 36.17
N TRP D 475 -2.76 6.88 36.13
CA TRP D 475 -3.27 6.14 34.99
C TRP D 475 -4.78 6.07 35.02
N ASN D 476 -5.41 6.40 33.88
CA ASN D 476 -6.85 6.41 33.78
C ASN D 476 -7.41 5.02 34.04
N SER D 477 -8.21 4.90 35.09
CA SER D 477 -8.87 3.64 35.38
C SER D 477 -10.12 3.43 34.56
N LYS D 478 -10.46 4.38 33.70
CA LYS D 478 -11.53 4.20 32.72
C LYS D 478 -11.00 3.76 31.37
N ALA D 479 -9.85 3.10 31.33
CA ALA D 479 -9.24 2.67 30.08
C ALA D 479 -8.10 1.70 30.42
N PRO D 480 -7.73 0.84 29.48
CA PRO D 480 -6.59 -0.05 29.70
C PRO D 480 -5.27 0.71 29.84
N ALA D 481 -4.36 0.11 30.60
CA ALA D 481 -3.04 0.64 30.80
C ALA D 481 -2.02 -0.48 30.65
N PRO D 482 -0.85 -0.19 30.07
CA PRO D 482 0.24 -1.17 30.11
C PRO D 482 0.60 -1.57 31.52
N VAL D 483 0.92 -2.85 31.70
CA VAL D 483 1.15 -3.46 32.99
C VAL D 483 2.43 -4.26 32.97
N THR D 484 3.18 -4.19 34.07
CA THR D 484 4.40 -4.96 34.25
C THR D 484 4.05 -6.38 34.66
N TYR D 485 5.06 -7.14 35.12
CA TYR D 485 4.88 -8.56 35.38
C TYR D 485 4.17 -8.80 36.70
N ALA D 486 4.79 -8.39 37.81
CA ALA D 486 4.27 -8.72 39.14
C ALA D 486 2.98 -7.96 39.47
N SER D 487 2.66 -6.91 38.71
CA SER D 487 1.46 -6.14 39.01
C SER D 487 0.20 -6.99 38.89
N LEU D 488 0.12 -7.82 37.86
CA LEU D 488 -0.98 -8.76 37.75
C LEU D 488 -0.82 -9.96 38.67
N LEU D 489 0.39 -10.21 39.18
CA LEU D 489 0.64 -11.37 40.04
C LEU D 489 0.04 -11.15 41.42
N PRO D 490 -0.79 -12.07 41.92
CA PRO D 490 -1.43 -11.97 43.23
C PRO D 490 -0.45 -12.23 44.37
N MET E 22 -4.19 -28.86 -44.38
CA MET E 22 -2.99 -29.63 -44.07
C MET E 22 -3.14 -30.36 -42.75
N GLY E 23 -3.95 -31.42 -42.75
CA GLY E 23 -4.25 -32.14 -41.53
C GLY E 23 -4.04 -33.63 -41.63
N ARG E 24 -3.00 -34.05 -42.33
CA ARG E 24 -2.84 -35.46 -42.67
C ARG E 24 -2.71 -36.35 -41.44
N VAL E 25 -1.61 -36.23 -40.71
CA VAL E 25 -1.39 -37.06 -39.53
C VAL E 25 -0.21 -36.50 -38.76
N LEU E 26 -0.08 -36.90 -37.50
CA LEU E 26 1.18 -36.87 -36.75
C LEU E 26 1.32 -38.20 -36.04
N PRO E 27 1.13 -39.32 -36.75
CA PRO E 27 0.83 -40.63 -36.13
C PRO E 27 1.99 -41.32 -35.42
N MET E 28 2.18 -40.95 -34.15
CA MET E 28 3.24 -41.50 -33.33
C MET E 28 2.86 -42.87 -32.78
N LEU E 29 3.76 -43.49 -32.03
CA LEU E 29 3.55 -44.83 -31.48
C LEU E 29 4.48 -45.04 -30.28
N LEU E 30 3.92 -45.07 -29.09
CA LEU E 30 4.71 -45.15 -27.85
C LEU E 30 4.71 -46.55 -27.23
N VAL E 31 4.18 -47.55 -27.93
CA VAL E 31 4.25 -48.95 -27.51
C VAL E 31 3.74 -49.82 -28.66
N PRO E 32 4.38 -50.94 -28.97
CA PRO E 32 3.96 -51.75 -30.11
C PRO E 32 3.00 -52.88 -29.72
N VAL E 33 2.23 -53.33 -30.69
CA VAL E 33 1.33 -54.45 -30.50
C VAL E 33 1.09 -55.18 -31.82
N PRO E 34 1.47 -56.46 -31.91
CA PRO E 34 1.38 -57.16 -33.20
C PRO E 34 -0.04 -57.43 -33.62
N ALA E 35 -0.21 -57.65 -34.93
CA ALA E 35 -1.52 -57.95 -35.51
C ALA E 35 -2.02 -59.33 -35.14
N GLU E 36 -1.20 -60.17 -34.52
CA GLU E 36 -1.67 -61.46 -34.04
C GLU E 36 -2.78 -61.28 -32.99
N ALA E 37 -2.59 -60.34 -32.06
CA ALA E 37 -3.64 -60.05 -31.08
C ALA E 37 -4.77 -59.23 -31.71
N MET E 38 -4.44 -58.32 -32.62
CA MET E 38 -5.47 -57.54 -33.29
C MET E 38 -6.41 -58.41 -34.11
N GLY E 39 -5.96 -59.60 -34.52
CA GLY E 39 -6.87 -60.56 -35.10
C GLY E 39 -7.75 -61.27 -34.10
N GLN E 40 -7.52 -61.04 -32.80
CA GLN E 40 -8.32 -61.64 -31.75
C GLN E 40 -9.15 -60.65 -30.96
N LEU E 41 -8.83 -59.37 -31.03
CA LEU E 41 -9.54 -58.36 -30.25
C LEU E 41 -10.87 -58.01 -30.92
N GLY E 42 -11.65 -57.19 -30.24
CA GLY E 42 -12.96 -56.79 -30.72
C GLY E 42 -12.92 -55.60 -31.65
N SER E 43 -14.10 -55.08 -31.96
CA SER E 43 -14.23 -53.93 -32.85
C SER E 43 -14.13 -52.59 -32.14
N ARG E 44 -14.42 -52.53 -30.84
CA ARG E 44 -14.32 -51.29 -30.08
C ARG E 44 -13.63 -51.59 -28.75
N ALA E 45 -12.90 -50.61 -28.24
CA ALA E 45 -12.07 -50.80 -27.06
C ALA E 45 -11.97 -49.50 -26.29
N GLN E 46 -11.50 -49.60 -25.05
CA GLN E 46 -11.38 -48.44 -24.18
C GLN E 46 -10.15 -48.59 -23.30
N LEU E 47 -9.39 -47.50 -23.16
CA LEU E 47 -8.12 -47.51 -22.44
C LEU E 47 -8.23 -46.70 -21.17
N ARG E 48 -7.54 -47.14 -20.13
CA ARG E 48 -7.46 -46.37 -18.91
C ARG E 48 -6.53 -45.17 -19.11
N THR E 49 -6.69 -44.17 -18.25
CA THR E 49 -5.82 -42.99 -18.32
C THR E 49 -4.36 -43.39 -18.17
N GLN E 50 -4.05 -44.14 -17.14
CA GLN E 50 -2.77 -44.81 -17.10
C GLN E 50 -2.80 -46.01 -18.03
N PRO E 51 -1.64 -46.47 -18.48
CA PRO E 51 -1.62 -47.66 -19.34
C PRO E 51 -1.93 -48.92 -18.54
N GLU E 52 -3.21 -49.15 -18.29
CA GLU E 52 -3.64 -50.30 -17.49
C GLU E 52 -4.15 -51.45 -18.31
N ALA E 53 -4.87 -51.19 -19.39
CA ALA E 53 -5.38 -52.25 -20.25
C ALA E 53 -5.85 -51.63 -21.56
N LEU E 54 -6.34 -52.50 -22.44
CA LEU E 54 -7.12 -52.11 -23.61
C LEU E 54 -8.12 -53.25 -23.86
N GLY E 55 -9.33 -53.11 -23.31
CA GLY E 55 -10.35 -54.14 -23.41
C GLY E 55 -11.28 -53.88 -24.58
N SER E 56 -11.56 -54.93 -25.33
CA SER E 56 -12.36 -54.82 -26.55
C SER E 56 -13.44 -55.88 -26.54
N LEU E 57 -14.55 -55.57 -27.19
CA LEU E 57 -15.77 -56.40 -27.12
C LEU E 57 -15.86 -57.23 -28.40
N THR E 58 -15.78 -58.55 -28.24
CA THR E 58 -15.97 -59.47 -29.35
C THR E 58 -17.46 -59.75 -29.53
N ALA E 59 -17.85 -59.95 -30.79
CA ALA E 59 -19.25 -60.23 -31.09
C ALA E 59 -19.74 -61.53 -30.46
N ALA E 60 -18.84 -62.39 -30.02
CA ALA E 60 -19.22 -63.65 -29.39
C ALA E 60 -19.51 -63.50 -27.90
N GLY E 61 -19.40 -62.30 -27.35
CA GLY E 61 -19.67 -62.06 -25.96
C GLY E 61 -18.47 -62.18 -25.06
N SER E 62 -17.32 -62.57 -25.60
CA SER E 62 -16.10 -62.69 -24.81
C SER E 62 -15.42 -61.33 -24.69
N LEU E 63 -15.02 -60.98 -23.48
CA LEU E 63 -14.32 -59.73 -23.23
C LEU E 63 -12.81 -59.96 -23.34
N GLN E 64 -12.22 -59.49 -24.43
CA GLN E 64 -10.78 -59.61 -24.64
C GLN E 64 -10.10 -58.36 -24.09
N VAL E 65 -9.02 -58.57 -23.35
CA VAL E 65 -8.23 -57.48 -22.80
C VAL E 65 -6.81 -57.64 -23.29
N LEU E 66 -6.36 -56.70 -24.12
CA LEU E 66 -4.99 -56.67 -24.61
C LEU E 66 -4.21 -55.70 -23.74
N SER E 67 -3.32 -56.23 -22.90
CA SER E 67 -2.57 -55.40 -21.96
C SER E 67 -1.48 -54.66 -22.70
N LEU E 68 -1.73 -53.38 -23.00
CA LEU E 68 -0.75 -52.50 -23.62
C LEU E 68 0.02 -51.68 -22.60
N THR E 69 0.28 -52.24 -21.44
CA THR E 69 1.08 -51.56 -20.42
C THR E 69 2.54 -51.51 -20.83
N ARG E 73 6.79 -57.41 -21.75
CA ARG E 73 6.38 -57.02 -23.08
C ARG E 73 5.84 -58.23 -23.86
N GLY E 74 5.37 -57.97 -25.08
CA GLY E 74 4.81 -59.01 -25.91
C GLY E 74 3.31 -58.89 -26.02
N GLY E 75 2.66 -58.64 -24.88
CA GLY E 75 1.23 -58.34 -24.87
C GLY E 75 0.32 -59.50 -25.20
N GLY E 76 0.25 -60.50 -24.33
CA GLY E 76 -0.74 -61.53 -24.47
C GLY E 76 -2.14 -61.04 -24.16
N ARG E 77 -3.13 -61.83 -24.55
CA ARG E 77 -4.53 -61.46 -24.43
C ARG E 77 -5.21 -62.29 -23.34
N CYS E 78 -6.17 -61.65 -22.66
CA CYS E 78 -7.00 -62.30 -21.66
C CYS E 78 -8.44 -62.35 -22.16
N CYS E 79 -9.15 -63.41 -21.78
CA CYS E 79 -10.50 -63.66 -22.25
C CYS E 79 -11.46 -63.71 -21.08
N LEU E 80 -12.58 -63.00 -21.20
CA LEU E 80 -13.67 -63.05 -20.22
C LEU E 80 -14.94 -63.41 -20.99
N GLU E 81 -15.43 -64.63 -20.77
CA GLU E 81 -16.56 -65.17 -21.52
C GLU E 81 -17.85 -65.04 -20.72
N GLY E 82 -18.93 -64.70 -21.41
CA GLY E 82 -20.23 -64.54 -20.80
C GLY E 82 -21.16 -63.84 -21.77
N PRO E 83 -22.41 -63.66 -21.37
CA PRO E 83 -23.37 -62.92 -22.20
C PRO E 83 -23.34 -61.41 -21.95
N PHE E 84 -22.14 -60.84 -21.99
CA PHE E 84 -21.95 -59.43 -21.65
C PHE E 84 -22.10 -58.55 -22.89
N TRP E 85 -22.90 -57.50 -22.78
CA TRP E 85 -23.13 -56.56 -23.86
C TRP E 85 -22.91 -55.11 -23.46
N HIS E 86 -22.47 -54.85 -22.23
CA HIS E 86 -22.19 -53.49 -21.78
C HIS E 86 -21.23 -53.55 -20.61
N PHE E 87 -20.23 -52.66 -20.64
CA PHE E 87 -19.24 -52.57 -19.58
C PHE E 87 -18.56 -51.21 -19.67
N LEU E 88 -17.83 -50.86 -18.62
CA LEU E 88 -17.13 -49.59 -18.59
C LEU E 88 -16.05 -49.64 -17.53
N TRP E 89 -14.82 -49.31 -17.91
CA TRP E 89 -13.71 -49.34 -16.98
C TRP E 89 -13.80 -48.20 -15.98
N GLU E 90 -13.07 -48.34 -14.89
CA GLU E 90 -13.12 -47.36 -13.81
C GLU E 90 -12.46 -46.07 -14.29
N ASP E 91 -13.30 -45.12 -14.71
CA ASP E 91 -12.82 -43.82 -15.17
C ASP E 91 -12.65 -42.91 -13.97
N SER E 92 -11.45 -42.91 -13.41
CA SER E 92 -11.11 -42.03 -12.28
C SER E 92 -10.33 -40.84 -12.82
N ARG E 93 -11.08 -39.84 -13.30
CA ARG E 93 -10.49 -38.64 -13.86
C ARG E 93 -10.09 -37.65 -12.77
N PRO E 102 -7.29 -51.56 -13.93
CA PRO E 102 -8.65 -51.43 -14.46
C PRO E 102 -9.63 -52.32 -13.73
N LYS E 103 -10.77 -51.76 -13.33
CA LYS E 103 -11.83 -52.53 -12.67
C LYS E 103 -13.03 -52.55 -13.62
N LEU E 104 -13.20 -53.65 -14.33
CA LEU E 104 -14.25 -53.76 -15.32
C LEU E 104 -15.54 -54.25 -14.67
N LEU E 105 -16.62 -53.51 -14.89
CA LEU E 105 -17.95 -53.90 -14.44
C LEU E 105 -18.84 -54.09 -15.66
N ALA E 106 -19.53 -55.23 -15.72
CA ALA E 106 -20.35 -55.58 -16.87
C ALA E 106 -21.65 -56.23 -16.41
N LEU E 107 -22.67 -56.10 -17.26
CA LEU E 107 -23.99 -56.67 -17.03
C LEU E 107 -24.28 -57.67 -18.13
N GLY E 108 -24.69 -58.87 -17.75
CA GLY E 108 -24.92 -59.94 -18.70
C GLY E 108 -26.24 -59.80 -19.43
N GLU E 109 -26.66 -60.89 -20.05
CA GLU E 109 -27.95 -60.90 -20.75
C GLU E 109 -29.12 -60.94 -19.78
N ASN E 110 -28.94 -61.56 -18.62
CA ASN E 110 -29.99 -61.70 -17.62
C ASN E 110 -30.05 -60.49 -16.69
N TYR E 111 -29.54 -59.34 -17.11
CA TYR E 111 -29.50 -58.12 -16.29
C TYR E 111 -28.77 -58.37 -14.97
N GLU E 112 -27.79 -59.27 -14.98
CA GLU E 112 -26.94 -59.52 -13.82
C GLU E 112 -25.62 -58.78 -14.01
N LEU E 113 -25.31 -57.88 -13.07
CA LEU E 113 -24.13 -57.02 -13.16
C LEU E 113 -22.99 -57.63 -12.36
N LEU E 114 -21.80 -57.66 -12.95
CA LEU E 114 -20.63 -58.25 -12.32
C LEU E 114 -19.45 -57.29 -12.38
N ILE E 115 -18.54 -57.45 -11.43
CA ILE E 115 -17.31 -56.66 -11.36
C ILE E 115 -16.14 -57.61 -11.22
N TYR E 116 -15.25 -57.60 -12.22
CA TYR E 116 -14.05 -58.45 -12.23
C TYR E 116 -12.81 -57.57 -12.36
N GLU E 117 -11.78 -57.91 -11.60
CA GLU E 117 -10.56 -57.12 -11.53
C GLU E 117 -9.44 -57.82 -12.29
N PHE E 118 -8.77 -57.07 -13.17
CA PHE E 118 -7.63 -57.57 -13.93
C PHE E 118 -6.37 -56.88 -13.44
N ASN E 119 -5.33 -57.66 -13.18
CA ASN E 119 -4.07 -57.16 -12.65
C ASN E 119 -2.97 -57.33 -13.70
N LEU E 120 -2.31 -56.23 -14.05
CA LEU E 120 -1.29 -56.20 -15.09
C LEU E 120 0.12 -56.24 -14.52
N LYS E 121 0.32 -56.98 -13.44
CA LYS E 121 1.63 -57.06 -12.78
C LYS E 121 2.58 -57.91 -13.62
N ASP E 122 3.67 -57.30 -14.08
CA ASP E 122 4.73 -57.99 -14.82
C ASP E 122 4.21 -58.68 -16.08
N GLY E 123 3.17 -58.13 -16.70
CA GLY E 123 2.67 -58.67 -17.95
C GLY E 123 1.79 -59.89 -17.82
N ARG E 124 1.39 -60.26 -16.61
CA ARG E 124 0.53 -61.42 -16.40
C ARG E 124 -0.92 -61.00 -16.59
N CYS E 125 -1.50 -61.37 -17.73
CA CYS E 125 -2.89 -61.03 -18.03
C CYS E 125 -3.84 -61.91 -17.22
N ASP E 126 -3.81 -61.79 -15.91
CA ASP E 126 -4.61 -62.60 -15.00
C ASP E 126 -5.75 -61.76 -14.44
N ALA E 127 -6.94 -62.34 -14.42
CA ALA E 127 -8.14 -61.63 -13.97
C ALA E 127 -8.85 -62.43 -12.90
N THR E 128 -9.55 -61.73 -12.02
CA THR E 128 -10.33 -62.34 -10.95
C THR E 128 -11.68 -61.64 -10.85
N ILE E 129 -12.70 -62.39 -10.46
CA ILE E 129 -14.05 -61.85 -10.32
C ILE E 129 -14.31 -61.52 -8.86
N LEU E 130 -14.64 -60.26 -8.59
CA LEU E 130 -14.78 -59.76 -7.23
C LEU E 130 -16.24 -59.67 -6.77
N TYR E 131 -17.07 -58.93 -7.51
CA TYR E 131 -18.45 -58.65 -7.09
C TYR E 131 -19.42 -59.08 -8.18
N SER E 132 -20.51 -59.71 -7.76
CA SER E 132 -21.54 -60.20 -8.67
C SER E 132 -22.91 -59.79 -8.15
N CYS E 133 -23.83 -59.49 -9.07
CA CYS E 133 -25.18 -59.07 -8.71
C CYS E 133 -26.18 -59.85 -9.56
N SER E 134 -27.26 -60.30 -8.92
CA SER E 134 -28.28 -61.11 -9.57
C SER E 134 -29.51 -60.28 -9.92
N ARG E 135 -30.27 -60.77 -10.89
CA ARG E 135 -31.44 -60.06 -11.38
C ARG E 135 -32.53 -59.98 -10.30
N GLU E 136 -32.71 -61.05 -9.54
CA GLU E 136 -33.71 -61.03 -8.47
C GLU E 136 -33.38 -59.96 -7.44
N ALA E 137 -32.10 -59.84 -7.07
CA ALA E 137 -31.70 -58.81 -6.12
C ALA E 137 -31.93 -57.42 -6.70
N LEU E 138 -31.66 -57.24 -7.99
CA LEU E 138 -31.88 -55.93 -8.61
C LEU E 138 -33.35 -55.56 -8.61
N GLN E 139 -34.23 -56.51 -8.95
CA GLN E 139 -35.66 -56.23 -8.89
C GLN E 139 -36.11 -55.96 -7.47
N LYS E 140 -35.55 -56.68 -6.50
CA LYS E 140 -35.90 -56.44 -5.10
C LYS E 140 -35.51 -55.04 -4.66
N LEU E 141 -34.30 -54.61 -5.03
CA LEU E 141 -33.86 -53.26 -4.67
C LEU E 141 -34.68 -52.19 -5.39
N ILE E 142 -35.10 -52.47 -6.61
CA ILE E 142 -35.94 -51.52 -7.33
C ILE E 142 -37.32 -51.41 -6.68
N ASP E 143 -37.88 -52.54 -6.26
CA ASP E 143 -39.20 -52.54 -5.65
C ASP E 143 -39.17 -51.91 -4.26
N ASP E 144 -38.08 -52.10 -3.51
CA ASP E 144 -38.00 -51.55 -2.16
C ASP E 144 -38.07 -50.04 -2.14
N GLN E 145 -37.84 -49.38 -3.28
CA GLN E 145 -38.01 -47.94 -3.40
C GLN E 145 -39.42 -47.56 -3.84
N ASP E 146 -40.39 -48.45 -3.62
CA ASP E 146 -41.79 -48.18 -3.98
C ASP E 146 -41.94 -47.86 -5.46
N ILE E 147 -41.24 -48.62 -6.30
CA ILE E 147 -41.32 -48.48 -7.74
C ILE E 147 -41.99 -49.73 -8.28
N SER E 148 -43.24 -49.60 -8.71
CA SER E 148 -44.02 -50.73 -9.21
C SER E 148 -43.74 -50.99 -10.69
N ILE E 149 -42.46 -51.12 -11.02
CA ILE E 149 -42.03 -51.41 -12.38
C ILE E 149 -41.00 -52.53 -12.32
N SER E 150 -41.18 -53.55 -13.14
CA SER E 150 -40.21 -54.64 -13.23
C SER E 150 -39.06 -54.23 -14.12
N LEU E 151 -37.84 -54.56 -13.68
CA LEU E 151 -36.64 -54.19 -14.43
C LEU E 151 -36.63 -54.89 -15.78
N LEU E 152 -36.86 -54.12 -16.85
CA LEU E 152 -36.82 -54.65 -18.19
C LEU E 152 -35.51 -54.35 -18.93
N SER E 153 -34.81 -53.29 -18.54
CA SER E 153 -33.55 -52.93 -19.19
C SER E 153 -32.77 -52.00 -18.28
N LEU E 154 -31.48 -52.27 -18.13
CA LEU E 154 -30.59 -51.41 -17.35
C LEU E 154 -29.43 -50.97 -18.26
N ARG E 155 -29.28 -49.66 -18.44
CA ARG E 155 -28.21 -49.08 -19.22
C ARG E 155 -27.31 -48.27 -18.30
N ILE E 156 -26.00 -48.44 -18.45
CA ILE E 156 -25.08 -47.80 -17.53
C ILE E 156 -24.97 -46.31 -17.84
N LEU E 157 -24.45 -45.56 -16.86
CA LEU E 157 -24.26 -44.13 -17.02
C LEU E 157 -22.87 -43.71 -16.58
N SER E 158 -22.32 -44.39 -15.58
CA SER E 158 -21.01 -44.02 -15.04
C SER E 158 -20.56 -45.08 -14.06
N PHE E 159 -19.28 -45.01 -13.68
CA PHE E 159 -18.73 -45.89 -12.64
C PHE E 159 -17.54 -45.15 -12.03
N HIS E 160 -17.76 -44.52 -10.87
CA HIS E 160 -16.74 -43.70 -10.26
C HIS E 160 -16.74 -43.90 -8.75
N ASN E 161 -15.55 -44.08 -8.18
CA ASN E 161 -15.37 -44.27 -6.74
C ASN E 161 -16.26 -45.39 -6.22
N ASN E 162 -16.33 -46.49 -6.98
CA ASN E 162 -17.15 -47.65 -6.69
C ASN E 162 -18.65 -47.34 -6.66
N THR E 163 -19.04 -46.13 -7.09
CA THR E 163 -20.44 -45.73 -7.11
C THR E 163 -20.90 -45.65 -8.56
N SER E 164 -21.98 -46.35 -8.87
CA SER E 164 -22.49 -46.46 -10.22
C SER E 164 -23.87 -45.82 -10.30
N LEU E 165 -24.08 -45.04 -11.35
CA LEU E 165 -25.39 -44.47 -11.67
C LEU E 165 -25.99 -45.26 -12.82
N LEU E 166 -27.23 -45.71 -12.66
CA LEU E 166 -27.92 -46.50 -13.66
C LEU E 166 -29.30 -45.92 -13.89
N PHE E 167 -29.68 -45.78 -15.16
CA PHE E 167 -31.04 -45.37 -15.51
C PHE E 167 -31.90 -46.62 -15.64
N ILE E 168 -32.44 -47.08 -14.52
CA ILE E 168 -33.22 -48.33 -14.46
C ILE E 168 -34.55 -48.11 -15.17
N ASN E 169 -34.95 -49.11 -15.94
CA ASN E 169 -36.21 -49.08 -16.70
C ASN E 169 -36.32 -47.84 -17.58
N LYS E 170 -35.19 -47.21 -17.86
CA LYS E 170 -35.10 -45.94 -18.59
C LYS E 170 -35.84 -44.81 -17.89
N CYS E 171 -36.28 -45.01 -16.66
CA CYS E 171 -37.10 -43.99 -15.98
C CYS E 171 -36.58 -43.62 -14.61
N VAL E 172 -36.05 -44.56 -13.85
CA VAL E 172 -35.60 -44.32 -12.49
C VAL E 172 -34.08 -44.23 -12.48
N ILE E 173 -33.56 -43.06 -12.14
CA ILE E 173 -32.12 -42.85 -12.08
C ILE E 173 -31.64 -43.30 -10.70
N LEU E 174 -31.40 -44.59 -10.55
CA LEU E 174 -31.02 -45.18 -9.28
C LEU E 174 -29.51 -45.13 -9.14
N HIS E 175 -29.02 -44.41 -8.13
CA HIS E 175 -27.60 -44.27 -7.89
C HIS E 175 -27.16 -45.33 -6.91
N ILE E 176 -26.69 -46.46 -7.42
CA ILE E 176 -26.24 -47.56 -6.60
C ILE E 176 -24.94 -47.16 -5.91
N ILE E 177 -24.51 -47.98 -4.95
CA ILE E 177 -23.21 -47.82 -4.31
C ILE E 177 -22.75 -49.20 -3.84
N PHE E 178 -21.64 -49.68 -4.41
CA PHE E 178 -21.07 -50.94 -3.95
C PHE E 178 -19.95 -50.62 -2.97
N PRO E 179 -20.25 -50.54 -1.67
CA PRO E 179 -19.29 -50.03 -0.71
C PRO E 179 -18.35 -51.13 -0.21
N GLU E 180 -17.45 -50.72 0.67
CA GLU E 180 -16.47 -51.65 1.22
C GLU E 180 -17.14 -52.63 2.18
N ARG E 181 -16.36 -53.62 2.63
CA ARG E 181 -16.83 -54.67 3.54
C ARG E 181 -17.99 -55.45 2.93
N ASP E 182 -18.00 -55.57 1.60
CA ASP E 182 -19.01 -56.35 0.88
C ASP E 182 -20.43 -55.89 1.23
N ALA E 183 -20.59 -54.58 1.42
CA ALA E 183 -21.91 -54.04 1.68
C ALA E 183 -22.80 -54.18 0.45
N ALA E 184 -24.08 -54.46 0.68
CA ALA E 184 -25.01 -54.67 -0.41
C ALA E 184 -25.22 -53.39 -1.19
N ILE E 185 -25.64 -53.54 -2.45
CA ILE E 185 -25.87 -52.41 -3.34
C ILE E 185 -27.21 -51.77 -3.00
N ARG E 186 -27.17 -50.65 -2.26
CA ARG E 186 -28.36 -49.94 -1.85
C ARG E 186 -28.38 -48.56 -2.51
N VAL E 187 -29.50 -48.20 -3.10
CA VAL E 187 -29.63 -46.95 -3.84
C VAL E 187 -29.63 -45.78 -2.88
N LEU E 188 -28.52 -45.03 -2.84
CA LEU E 188 -28.46 -43.84 -2.00
C LEU E 188 -29.35 -42.72 -2.51
N ASN E 189 -29.90 -42.86 -3.71
CA ASN E 189 -30.91 -41.95 -4.23
C ASN E 189 -31.68 -42.66 -5.32
N CYS E 190 -32.97 -42.36 -5.42
CA CYS E 190 -33.80 -42.94 -6.48
C CYS E 190 -34.93 -41.95 -6.76
N PHE E 191 -34.74 -41.14 -7.80
CA PHE E 191 -35.71 -40.13 -8.18
C PHE E 191 -36.27 -40.46 -9.54
N THR E 192 -37.58 -40.70 -9.59
CA THR E 192 -38.25 -40.91 -10.87
C THR E 192 -38.13 -39.65 -11.72
N LEU E 193 -38.07 -39.84 -13.02
CA LEU E 193 -37.91 -38.70 -13.92
C LEU E 193 -39.13 -37.80 -13.82
N PRO E 194 -38.94 -36.52 -13.50
CA PRO E 194 -40.10 -35.62 -13.42
C PRO E 194 -40.69 -35.35 -14.78
N LEU E 195 -41.07 -36.42 -15.47
CA LEU E 195 -41.67 -36.35 -16.79
C LEU E 195 -42.72 -37.42 -16.91
N PRO E 196 -43.67 -37.26 -17.84
CA PRO E 196 -44.68 -38.30 -18.04
C PRO E 196 -44.07 -39.55 -18.66
N ALA E 197 -44.80 -40.66 -18.52
CA ALA E 197 -44.36 -41.93 -19.08
C ALA E 197 -44.34 -41.91 -20.61
N GLN E 198 -44.97 -40.89 -21.22
CA GLN E 198 -44.96 -40.80 -22.68
C GLN E 198 -43.54 -40.62 -23.20
N ALA E 199 -42.73 -39.82 -22.52
CA ALA E 199 -41.34 -39.60 -22.90
C ALA E 199 -40.33 -40.20 -21.94
N VAL E 200 -40.79 -40.73 -20.80
CA VAL E 200 -39.85 -41.29 -19.82
C VAL E 200 -39.21 -42.56 -20.36
N ASP E 201 -39.95 -43.37 -21.11
CA ASP E 201 -39.42 -44.61 -21.62
C ASP E 201 -38.63 -44.45 -22.92
N MET E 202 -38.54 -43.23 -23.45
CA MET E 202 -37.85 -42.97 -24.71
C MET E 202 -36.47 -42.35 -24.50
N ILE E 203 -35.90 -42.54 -23.30
CA ILE E 203 -34.59 -41.99 -22.98
C ILE E 203 -33.51 -42.76 -23.72
N ILE E 204 -32.38 -42.10 -23.99
CA ILE E 204 -31.29 -42.71 -24.75
C ILE E 204 -29.99 -42.71 -23.95
N ASP E 205 -29.50 -41.52 -23.60
CA ASP E 205 -28.19 -41.36 -22.99
C ASP E 205 -28.32 -40.84 -21.57
N THR E 206 -27.49 -41.38 -20.68
CA THR E 206 -27.42 -40.96 -19.28
C THR E 206 -25.98 -40.56 -18.99
N GLN E 207 -25.70 -39.26 -19.06
CA GLN E 207 -24.35 -38.73 -18.96
C GLN E 207 -24.20 -37.93 -17.68
N LEU E 208 -23.22 -38.30 -16.86
CA LEU E 208 -22.91 -37.57 -15.64
C LEU E 208 -21.66 -36.72 -15.88
N CYS E 209 -21.81 -35.39 -15.80
CA CYS E 209 -20.73 -34.44 -16.04
C CYS E 209 -20.68 -33.49 -14.85
N ARG E 210 -19.92 -33.87 -13.82
CA ARG E 210 -19.74 -33.06 -12.62
C ARG E 210 -21.06 -32.83 -11.90
N GLY E 211 -21.97 -33.79 -11.98
CA GLY E 211 -23.20 -33.79 -11.23
C GLY E 211 -24.44 -33.38 -12.00
N ILE E 212 -24.28 -32.75 -13.17
CA ILE E 212 -25.44 -32.29 -13.94
C ILE E 212 -25.86 -33.46 -14.81
N LEU E 213 -26.61 -34.38 -14.21
CA LEU E 213 -27.06 -35.56 -14.91
C LEU E 213 -28.03 -35.17 -16.01
N PHE E 214 -27.67 -35.50 -17.25
CA PHE E 214 -28.51 -35.23 -18.40
C PHE E 214 -29.07 -36.55 -18.92
N VAL E 215 -30.37 -36.59 -19.13
CA VAL E 215 -31.04 -37.72 -19.76
C VAL E 215 -31.66 -37.23 -21.05
N LEU E 216 -31.21 -37.78 -22.18
CA LEU E 216 -31.68 -37.39 -23.49
C LEU E 216 -32.83 -38.30 -23.93
N SER E 217 -33.94 -37.69 -24.33
CA SER E 217 -35.06 -38.41 -24.92
C SER E 217 -34.95 -38.32 -26.43
N SER E 218 -35.29 -39.42 -27.11
CA SER E 218 -35.04 -39.50 -28.54
C SER E 218 -35.86 -38.49 -29.34
N LEU E 219 -36.87 -37.88 -28.72
CA LEU E 219 -37.72 -36.91 -29.41
C LEU E 219 -37.07 -35.54 -29.52
N GLY E 220 -35.94 -35.30 -28.85
CA GLY E 220 -35.25 -34.05 -29.02
C GLY E 220 -35.28 -33.11 -27.83
N TRP E 221 -35.18 -33.66 -26.62
CA TRP E 221 -35.11 -32.86 -25.41
C TRP E 221 -34.09 -33.47 -24.47
N ILE E 222 -33.49 -32.62 -23.63
CA ILE E 222 -32.49 -33.04 -22.66
C ILE E 222 -32.88 -32.45 -21.31
N TYR E 223 -33.38 -33.30 -20.42
CA TYR E 223 -33.88 -32.86 -19.12
C TYR E 223 -32.72 -32.88 -18.13
N ILE E 224 -32.00 -31.78 -18.04
CA ILE E 224 -30.83 -31.67 -17.17
C ILE E 224 -31.35 -31.72 -15.74
N PHE E 225 -31.16 -32.85 -15.09
CA PHE E 225 -31.46 -33.02 -13.68
C PHE E 225 -30.17 -33.02 -12.87
N ASP E 226 -30.32 -32.93 -11.56
CA ASP E 226 -29.19 -32.95 -10.63
C ASP E 226 -29.25 -34.21 -9.80
N VAL E 227 -28.17 -35.01 -9.85
CA VAL E 227 -28.13 -36.25 -9.09
C VAL E 227 -28.13 -35.98 -7.59
N VAL E 228 -27.73 -34.78 -7.17
CA VAL E 228 -27.71 -34.47 -5.75
C VAL E 228 -29.13 -34.40 -5.18
N ASP E 229 -30.03 -33.72 -5.89
CA ASP E 229 -31.39 -33.50 -5.40
C ASP E 229 -32.47 -34.12 -6.26
N GLY E 230 -32.24 -34.29 -7.56
CA GLY E 230 -33.24 -34.84 -8.45
C GLY E 230 -34.10 -33.83 -9.15
N THR E 231 -33.92 -32.54 -8.86
CA THR E 231 -34.78 -31.53 -9.46
C THR E 231 -34.55 -31.43 -10.95
N TYR E 232 -35.61 -31.06 -11.68
CA TYR E 232 -35.46 -30.68 -13.07
C TYR E 232 -34.85 -29.28 -13.07
N VAL E 233 -33.52 -29.24 -12.89
CA VAL E 233 -32.83 -27.98 -12.69
C VAL E 233 -32.93 -27.11 -13.93
N ALA E 234 -33.05 -27.72 -15.10
CA ALA E 234 -33.22 -26.97 -16.33
C ALA E 234 -33.82 -27.89 -17.38
N HIS E 235 -33.93 -27.36 -18.59
CA HIS E 235 -34.38 -28.13 -19.74
C HIS E 235 -33.86 -27.45 -21.00
N VAL E 236 -33.42 -28.26 -21.95
CA VAL E 236 -32.80 -27.76 -23.17
C VAL E 236 -33.67 -28.18 -24.35
N ASP E 237 -34.00 -27.22 -25.20
CA ASP E 237 -34.85 -27.48 -26.36
C ASP E 237 -33.94 -27.72 -27.56
N LEU E 238 -33.61 -28.99 -27.80
CA LEU E 238 -32.84 -29.33 -28.99
C LEU E 238 -33.65 -29.06 -30.25
N ALA E 239 -34.98 -29.23 -30.18
CA ALA E 239 -35.82 -28.92 -31.33
C ALA E 239 -35.80 -27.44 -31.67
N LEU E 240 -35.81 -26.57 -30.65
CA LEU E 240 -35.79 -25.13 -30.89
C LEU E 240 -34.47 -24.67 -31.49
N HIS E 241 -33.43 -25.48 -31.42
CA HIS E 241 -32.14 -25.11 -32.02
C HIS E 241 -32.22 -25.01 -33.54
N LYS E 242 -33.25 -25.59 -34.14
CA LYS E 242 -33.44 -25.51 -35.59
C LYS E 242 -33.88 -24.11 -36.00
N ILE E 256 -32.90 -33.12 -37.98
CA ILE E 256 -33.37 -34.49 -38.08
C ILE E 256 -34.00 -34.92 -36.76
N SER E 257 -33.77 -36.17 -36.38
CA SER E 257 -34.30 -36.72 -35.13
C SER E 257 -33.36 -37.82 -34.67
N SER E 258 -33.81 -38.60 -33.69
CA SER E 258 -33.08 -39.76 -33.19
C SER E 258 -31.68 -39.38 -32.69
N PHE E 259 -31.66 -38.56 -31.64
CA PHE E 259 -30.40 -38.15 -31.01
C PHE E 259 -29.78 -39.39 -30.38
N THR E 260 -28.75 -39.94 -31.03
CA THR E 260 -28.14 -41.16 -30.53
C THR E 260 -27.33 -40.90 -29.26
N SER E 261 -26.51 -39.85 -29.27
CA SER E 261 -25.68 -39.56 -28.11
C SER E 261 -25.32 -38.09 -28.11
N LEU E 262 -25.02 -37.59 -26.92
CA LEU E 262 -24.61 -36.21 -26.72
C LEU E 262 -23.37 -36.19 -25.83
N LYS E 263 -22.44 -35.30 -26.16
CA LYS E 263 -21.20 -35.16 -25.41
C LYS E 263 -21.21 -33.85 -24.64
N VAL E 264 -20.81 -33.92 -23.37
CA VAL E 264 -20.73 -32.76 -22.50
C VAL E 264 -19.26 -32.43 -22.25
N SER E 265 -18.91 -31.16 -22.43
CA SER E 265 -17.57 -30.71 -22.07
C SER E 265 -17.36 -30.88 -20.57
N GLN E 266 -16.10 -31.09 -20.18
CA GLN E 266 -15.79 -31.38 -18.78
C GLN E 266 -16.04 -30.17 -17.89
N ASP E 267 -16.26 -28.98 -18.45
CA ASP E 267 -16.61 -27.80 -17.68
C ASP E 267 -18.09 -27.46 -17.79
N LEU E 268 -18.91 -28.36 -18.34
CA LEU E 268 -20.33 -28.10 -18.58
C LEU E 268 -20.53 -26.84 -19.41
N ASP E 269 -19.70 -26.69 -20.45
CA ASP E 269 -19.61 -25.45 -21.21
C ASP E 269 -20.17 -25.59 -22.62
N VAL E 270 -19.82 -26.68 -23.30
CA VAL E 270 -20.28 -26.93 -24.66
C VAL E 270 -20.75 -28.37 -24.73
N ALA E 271 -21.90 -28.58 -25.37
CA ALA E 271 -22.48 -29.90 -25.54
C ALA E 271 -22.73 -30.16 -27.01
N VAL E 272 -22.31 -31.33 -27.49
CA VAL E 272 -22.47 -31.72 -28.88
C VAL E 272 -23.22 -33.04 -28.90
N ILE E 273 -24.33 -33.08 -29.64
CA ILE E 273 -25.21 -34.24 -29.68
C ILE E 273 -25.09 -34.87 -31.05
N VAL E 274 -24.74 -36.15 -31.09
CA VAL E 274 -24.59 -36.89 -32.33
C VAL E 274 -25.77 -37.83 -32.46
N SER E 275 -26.58 -37.62 -33.50
CA SER E 275 -27.76 -38.43 -33.74
C SER E 275 -27.34 -39.75 -34.38
N SER E 276 -28.32 -40.55 -34.77
CA SER E 276 -28.04 -41.80 -35.48
C SER E 276 -27.78 -41.60 -36.97
N SER E 277 -27.92 -40.38 -37.48
CA SER E 277 -27.75 -40.07 -38.89
C SER E 277 -26.40 -39.43 -39.19
N ASN E 278 -25.38 -39.69 -38.35
CA ASN E 278 -24.03 -39.14 -38.54
C ASN E 278 -24.05 -37.62 -38.63
N SER E 279 -24.83 -36.98 -37.76
CA SER E 279 -24.91 -35.53 -37.67
C SER E 279 -24.62 -35.11 -36.24
N ALA E 280 -23.74 -34.13 -36.07
CA ALA E 280 -23.37 -33.60 -34.77
C ALA E 280 -23.51 -32.09 -34.78
N VAL E 281 -24.19 -31.55 -33.77
CA VAL E 281 -24.39 -30.11 -33.63
C VAL E 281 -23.98 -29.72 -32.22
N ALA E 282 -23.23 -28.62 -32.10
CA ALA E 282 -22.71 -28.15 -30.82
C ALA E 282 -23.09 -26.70 -30.61
N LEU E 283 -23.74 -26.43 -29.49
CA LEU E 283 -24.15 -25.07 -29.13
C LEU E 283 -23.81 -24.83 -27.66
N ASN E 284 -23.62 -23.57 -27.30
CA ASN E 284 -23.12 -23.21 -25.99
C ASN E 284 -24.25 -23.19 -24.98
N LEU E 285 -24.01 -23.82 -23.81
CA LEU E 285 -25.05 -23.91 -22.80
C LEU E 285 -25.49 -22.53 -22.31
N ASN E 286 -24.53 -21.63 -22.05
CA ASN E 286 -24.87 -20.30 -21.57
C ASN E 286 -25.70 -19.55 -22.61
N LEU E 287 -25.23 -19.51 -23.85
CA LEU E 287 -25.98 -18.83 -24.90
C LEU E 287 -27.30 -19.53 -25.20
N TYR E 288 -27.31 -20.87 -25.19
CA TYR E 288 -28.54 -21.58 -25.52
C TYR E 288 -29.55 -21.54 -24.38
N PHE E 289 -29.14 -21.06 -23.21
CA PHE E 289 -30.10 -20.86 -22.13
C PHE E 289 -30.53 -19.39 -22.03
N ARG E 290 -29.67 -18.46 -22.47
CA ARG E 290 -30.05 -17.05 -22.39
C ARG E 290 -30.79 -16.58 -23.64
N GLN E 291 -30.22 -16.82 -24.82
CA GLN E 291 -30.80 -16.36 -26.07
C GLN E 291 -32.19 -16.93 -26.32
N HIS E 292 -32.53 -18.03 -25.67
CA HIS E 292 -33.90 -18.55 -25.64
C HIS E 292 -34.30 -18.77 -24.19
N PRO E 293 -34.35 -17.69 -23.40
CA PRO E 293 -34.58 -17.86 -21.95
C PRO E 293 -35.96 -18.37 -21.60
N GLY E 294 -36.89 -18.44 -22.56
CA GLY E 294 -38.20 -18.99 -22.27
C GLY E 294 -38.16 -20.45 -21.85
N HIS E 295 -37.30 -21.24 -22.49
CA HIS E 295 -37.17 -22.66 -22.18
C HIS E 295 -36.39 -22.93 -20.90
N LEU E 296 -35.60 -21.95 -20.43
CA LEU E 296 -34.73 -22.14 -19.29
C LEU E 296 -35.54 -22.03 -18.01
N LEU E 297 -35.58 -23.11 -17.23
CA LEU E 297 -36.29 -23.13 -15.97
C LEU E 297 -35.36 -22.98 -14.77
N CYS E 298 -34.12 -22.57 -14.99
CA CYS E 298 -33.15 -22.40 -13.90
C CYS E 298 -33.56 -21.26 -12.99
N ASP E 316 -26.58 11.78 -1.89
CA ASP E 316 -25.35 12.32 -1.38
C ASP E 316 -24.67 11.13 -1.11
N ASP E 317 -23.72 10.87 -1.97
CA ASP E 317 -22.91 9.69 -1.95
C ASP E 317 -23.89 8.52 -1.89
N PRO E 318 -23.83 7.71 -0.80
CA PRO E 318 -24.76 6.65 -0.56
C PRO E 318 -26.22 6.87 -0.79
N VAL E 319 -26.94 7.66 -0.04
CA VAL E 319 -28.44 7.71 -0.17
C VAL E 319 -29.22 7.53 -1.49
N ASN E 320 -28.61 7.93 -2.57
CA ASN E 320 -29.06 7.81 -3.92
C ASN E 320 -28.35 6.62 -4.39
N SER E 321 -27.07 6.41 -4.17
CA SER E 321 -26.50 5.12 -4.64
C SER E 321 -27.19 3.77 -4.24
N ALA E 322 -27.66 3.61 -2.98
CA ALA E 322 -28.32 2.35 -2.55
C ALA E 322 -29.75 2.29 -3.05
N TYR E 323 -30.27 3.45 -3.33
CA TYR E 323 -31.55 3.60 -3.93
C TYR E 323 -31.41 3.32 -5.36
N ASN E 324 -30.27 3.51 -5.97
CA ASN E 324 -30.04 3.13 -7.31
C ASN E 324 -30.11 1.59 -7.16
N MET E 325 -29.43 0.92 -6.17
CA MET E 325 -29.67 -0.56 -5.90
C MET E 325 -31.07 -1.06 -5.62
N LYS E 326 -32.02 -0.20 -5.33
CA LYS E 326 -33.33 -0.65 -5.15
C LYS E 326 -34.30 0.10 -5.94
N LEU E 327 -33.92 0.86 -6.94
CA LEU E 327 -34.95 1.56 -7.69
C LEU E 327 -35.16 0.92 -8.96
N ALA E 328 -34.55 -0.18 -9.03
CA ALA E 328 -34.50 -0.93 -10.24
C ALA E 328 -35.38 -0.72 -11.48
N LYS E 329 -36.10 0.38 -11.67
CA LYS E 329 -36.76 0.55 -12.94
C LYS E 329 -35.51 0.81 -13.80
N PHE E 330 -34.71 1.78 -13.42
CA PHE E 330 -33.42 2.08 -14.00
C PHE E 330 -32.41 2.05 -12.85
N SER E 331 -31.18 2.45 -13.11
CA SER E 331 -30.13 2.57 -12.10
C SER E 331 -29.02 3.55 -12.32
N PHE E 332 -29.32 4.80 -11.94
CA PHE E 332 -28.47 5.99 -12.06
C PHE E 332 -27.13 5.89 -12.81
N GLN E 333 -26.02 5.65 -12.03
CA GLN E 333 -24.58 5.64 -12.25
C GLN E 333 -24.43 7.01 -11.78
N ILE E 334 -24.38 7.14 -10.47
CA ILE E 334 -24.43 8.42 -9.82
C ILE E 334 -23.42 8.80 -8.78
N ASP E 335 -22.73 9.90 -9.14
CA ASP E 335 -21.68 10.65 -8.46
C ASP E 335 -21.41 11.59 -9.56
N ARG E 336 -22.40 12.41 -9.84
CA ARG E 336 -22.36 13.23 -10.98
C ARG E 336 -21.60 14.52 -11.20
N SER E 337 -20.30 14.52 -10.88
CA SER E 337 -19.32 15.61 -11.07
C SER E 337 -18.98 15.92 -12.51
N TRP E 338 -17.88 16.64 -12.68
CA TRP E 338 -17.42 16.97 -14.02
C TRP E 338 -15.95 16.80 -14.10
N LYS E 339 -15.52 15.69 -13.52
CA LYS E 339 -14.16 15.18 -13.40
C LYS E 339 -14.19 13.66 -13.43
N ALA E 340 -15.21 13.02 -12.84
CA ALA E 340 -15.45 11.60 -12.95
C ALA E 340 -16.44 11.26 -14.05
N GLN E 341 -16.92 12.25 -14.80
CA GLN E 341 -17.68 12.00 -16.01
C GLN E 341 -16.80 11.87 -17.24
N LEU E 342 -15.50 12.12 -17.10
CA LEU E 342 -14.55 11.83 -18.17
C LEU E 342 -14.09 10.38 -18.14
N SER E 343 -13.98 9.80 -16.95
CA SER E 343 -13.63 8.39 -16.84
C SER E 343 -14.65 7.52 -17.54
N SER E 344 -15.92 7.91 -17.49
CA SER E 344 -16.95 7.14 -18.18
C SER E 344 -16.72 7.16 -19.68
N LEU E 345 -16.38 8.31 -20.24
CA LEU E 345 -16.10 8.39 -21.66
C LEU E 345 -14.87 7.57 -22.03
N ASN E 346 -13.83 7.64 -21.19
CA ASN E 346 -12.63 6.85 -21.45
C ASN E 346 -12.95 5.36 -21.44
N GLU E 347 -13.73 4.89 -20.46
CA GLU E 347 -14.06 3.48 -20.39
C GLU E 347 -14.92 3.05 -21.57
N THR E 348 -15.90 3.86 -21.94
CA THR E 348 -16.74 3.51 -23.08
C THR E 348 -15.92 3.42 -24.35
N ILE E 349 -15.03 4.38 -24.60
CA ILE E 349 -14.21 4.34 -25.80
C ILE E 349 -13.28 3.13 -25.77
N LYS E 350 -12.65 2.87 -24.62
CA LYS E 350 -11.69 1.79 -24.52
C LYS E 350 -12.34 0.42 -24.72
N ASN E 351 -13.42 0.16 -23.98
CA ASN E 351 -14.07 -1.14 -24.06
C ASN E 351 -14.91 -1.30 -25.32
N SER E 352 -15.26 -0.20 -25.98
CA SER E 352 -16.04 -0.26 -27.20
C SER E 352 -15.22 -0.80 -28.36
N PRO E 361 -22.38 -18.49 -16.10
CA PRO E 361 -23.14 -18.88 -17.28
C PRO E 361 -24.46 -19.56 -16.91
N TRP E 362 -24.97 -20.40 -17.82
CA TRP E 362 -26.24 -21.06 -17.58
C TRP E 362 -26.18 -21.98 -16.37
N PHE E 363 -25.10 -22.75 -16.26
CA PHE E 363 -25.00 -23.74 -15.20
C PHE E 363 -24.81 -23.12 -13.83
N GLN E 364 -24.64 -21.80 -13.75
CA GLN E 364 -24.39 -21.17 -12.45
C GLN E 364 -25.56 -21.36 -11.50
N ASP E 365 -26.79 -21.21 -12.01
CA ASP E 365 -27.96 -21.40 -11.17
C ASP E 365 -28.12 -22.86 -10.76
N ILE E 366 -27.85 -23.78 -11.68
CA ILE E 366 -27.98 -25.22 -11.39
C ILE E 366 -26.66 -25.65 -10.78
N LEU E 367 -26.54 -25.45 -9.48
CA LEU E 367 -25.29 -25.74 -8.77
C LEU E 367 -25.09 -27.24 -8.62
N LYS E 414 -20.17 -25.52 -37.11
CA LYS E 414 -21.17 -25.94 -38.09
C LYS E 414 -21.78 -27.28 -37.72
N ILE E 415 -21.86 -28.17 -38.71
CA ILE E 415 -22.40 -29.51 -38.53
C ILE E 415 -21.46 -30.50 -39.20
N MET E 416 -21.23 -31.62 -38.53
CA MET E 416 -20.36 -32.67 -39.05
C MET E 416 -21.21 -33.68 -39.83
N HIS E 417 -20.97 -33.78 -41.14
CA HIS E 417 -21.66 -34.75 -41.97
C HIS E 417 -20.69 -35.17 -43.08
N ILE E 418 -19.96 -36.25 -42.84
CA ILE E 418 -18.91 -36.69 -43.76
C ILE E 418 -19.56 -37.26 -45.01
N SER E 419 -19.56 -36.48 -46.09
CA SER E 419 -20.17 -36.91 -47.34
C SER E 419 -19.25 -37.83 -48.11
N GLU E 423 -21.06 -42.97 -44.38
CA GLU E 423 -21.91 -43.10 -43.21
C GLU E 423 -21.20 -43.89 -42.10
N PRO E 424 -20.70 -43.17 -41.09
CA PRO E 424 -20.06 -43.85 -39.97
C PRO E 424 -21.04 -44.74 -39.21
N ILE E 425 -20.52 -45.87 -38.71
CA ILE E 425 -21.37 -46.83 -38.01
C ILE E 425 -21.76 -46.29 -36.64
N GLU E 426 -20.79 -45.83 -35.86
CA GLU E 426 -21.01 -45.35 -34.49
C GLU E 426 -20.23 -44.06 -34.31
N LEU E 427 -20.86 -42.93 -34.60
CA LEU E 427 -20.21 -41.63 -34.54
C LEU E 427 -20.18 -41.15 -33.09
N LYS E 428 -19.37 -41.83 -32.28
CA LYS E 428 -19.24 -41.52 -30.86
C LYS E 428 -18.02 -40.65 -30.68
N CYS E 429 -18.23 -39.36 -30.40
CA CYS E 429 -17.11 -38.46 -30.16
C CYS E 429 -16.37 -38.87 -28.88
N VAL E 430 -15.04 -38.93 -28.98
CA VAL E 430 -14.25 -39.46 -27.86
C VAL E 430 -14.31 -38.54 -26.67
N SER E 431 -14.08 -37.25 -26.88
CA SER E 431 -14.16 -36.26 -25.80
C SER E 431 -14.30 -34.88 -26.43
N VAL E 432 -14.89 -33.96 -25.66
CA VAL E 432 -15.10 -32.59 -26.09
C VAL E 432 -14.54 -31.66 -25.02
N THR E 433 -13.66 -30.76 -25.41
CA THR E 433 -13.07 -29.77 -24.53
C THR E 433 -13.70 -28.40 -24.78
N GLY E 434 -13.17 -27.39 -24.10
CA GLY E 434 -13.72 -26.05 -24.24
C GLY E 434 -13.60 -25.51 -25.65
N PHE E 435 -12.48 -25.81 -26.32
CA PHE E 435 -12.20 -25.24 -27.64
C PHE E 435 -11.91 -26.30 -28.70
N THR E 436 -12.08 -27.58 -28.38
CA THR E 436 -11.80 -28.65 -29.34
C THR E 436 -12.82 -29.77 -29.14
N ALA E 437 -12.96 -30.61 -30.16
CA ALA E 437 -13.85 -31.75 -30.11
C ALA E 437 -13.28 -32.86 -30.99
N LEU E 438 -13.10 -34.05 -30.41
CA LEU E 438 -12.50 -35.19 -31.11
C LEU E 438 -13.52 -36.32 -31.20
N PHE E 439 -13.66 -36.88 -32.40
CA PHE E 439 -14.67 -37.89 -32.68
C PHE E 439 -14.04 -39.12 -33.32
N THR E 440 -14.76 -40.23 -33.25
CA THR E 440 -14.32 -41.50 -33.81
C THR E 440 -15.33 -42.00 -34.85
N TRP E 441 -14.80 -42.47 -35.97
CA TRP E 441 -15.62 -43.04 -37.03
C TRP E 441 -14.85 -44.18 -37.69
N GLU E 442 -15.47 -45.35 -37.79
CA GLU E 442 -14.84 -46.55 -38.33
C GLU E 442 -15.70 -47.12 -39.44
N VAL E 443 -15.06 -47.46 -40.56
CA VAL E 443 -15.75 -48.01 -41.72
C VAL E 443 -14.91 -49.17 -42.28
N GLU E 444 -15.59 -50.23 -42.69
CA GLU E 444 -14.87 -51.40 -43.21
C GLU E 444 -14.33 -51.16 -44.61
N ARG E 445 -15.03 -50.36 -45.43
CA ARG E 445 -14.64 -50.19 -46.82
C ARG E 445 -13.28 -49.52 -46.95
N MET E 446 -13.03 -48.47 -46.16
CA MET E 446 -11.82 -47.67 -46.29
C MET E 446 -10.94 -47.66 -45.05
N GLY E 447 -11.49 -47.90 -43.87
CA GLY E 447 -10.74 -47.86 -42.62
C GLY E 447 -11.39 -46.93 -41.61
N TYR E 448 -10.57 -46.36 -40.74
CA TYR E 448 -11.05 -45.50 -39.67
C TYR E 448 -10.78 -44.04 -40.04
N THR E 449 -11.82 -43.21 -39.91
CA THR E 449 -11.72 -41.78 -40.13
C THR E 449 -11.86 -41.07 -38.78
N ILE E 450 -10.78 -40.46 -38.31
CA ILE E 450 -10.75 -39.76 -37.04
C ILE E 450 -10.94 -38.27 -37.30
N THR E 451 -11.83 -37.64 -36.56
CA THR E 451 -12.19 -36.26 -36.76
C THR E 451 -11.84 -35.42 -35.53
N LEU E 452 -11.44 -34.18 -35.76
CA LEU E 452 -11.17 -33.22 -34.70
C LEU E 452 -11.84 -31.91 -35.06
N TRP E 453 -12.64 -31.39 -34.14
CA TRP E 453 -13.36 -30.13 -34.33
C TRP E 453 -12.93 -29.13 -33.28
N ASP E 454 -12.64 -27.91 -33.72
CA ASP E 454 -12.26 -26.82 -32.83
C ASP E 454 -13.52 -26.02 -32.48
N LEU E 455 -13.87 -25.99 -31.19
CA LEU E 455 -15.10 -25.34 -30.78
C LEU E 455 -15.07 -23.85 -31.07
N GLU E 456 -13.94 -23.19 -30.79
CA GLU E 456 -13.85 -21.76 -31.00
C GLU E 456 -13.52 -21.38 -32.44
N THR E 457 -12.65 -22.16 -33.10
CA THR E 457 -12.18 -21.82 -34.43
C THR E 457 -13.01 -22.46 -35.55
N GLN E 458 -13.92 -23.35 -35.22
CA GLN E 458 -14.84 -23.97 -36.19
C GLN E 458 -14.11 -24.69 -37.32
N GLY E 459 -12.93 -25.23 -37.04
CA GLY E 459 -12.18 -25.99 -38.03
C GLY E 459 -12.25 -27.48 -37.76
N MET E 460 -12.12 -28.27 -38.82
CA MET E 460 -12.20 -29.72 -38.73
C MET E 460 -11.00 -30.35 -39.42
N GLN E 461 -10.44 -31.40 -38.83
CA GLN E 461 -9.36 -32.17 -39.41
C GLN E 461 -9.74 -33.65 -39.41
N CYS E 462 -9.99 -34.20 -40.60
CA CYS E 462 -10.41 -35.59 -40.75
C CYS E 462 -9.35 -36.35 -41.52
N PHE E 463 -8.84 -37.41 -40.91
CA PHE E 463 -7.79 -38.24 -41.49
C PHE E 463 -8.29 -39.66 -41.69
N SER E 464 -7.92 -40.26 -42.82
CA SER E 464 -8.30 -41.62 -43.16
C SER E 464 -7.15 -42.55 -42.82
N LEU E 465 -7.47 -43.70 -42.21
CA LEU E 465 -6.47 -44.67 -41.79
C LEU E 465 -6.76 -46.02 -42.44
N GLY E 466 -5.94 -47.00 -42.08
CA GLY E 466 -6.05 -48.33 -42.64
C GLY E 466 -7.28 -49.09 -42.16
N THR E 467 -7.56 -50.23 -42.79
CA THR E 467 -8.76 -51.01 -42.50
C THR E 467 -8.60 -51.95 -41.32
N LYS E 468 -7.42 -52.03 -40.71
CA LYS E 468 -7.20 -52.83 -39.50
C LYS E 468 -6.78 -51.88 -38.39
N CYS E 469 -7.76 -51.26 -37.75
CA CYS E 469 -7.53 -50.28 -36.70
C CYS E 469 -8.85 -49.95 -36.03
N ILE E 470 -8.84 -49.89 -34.70
CA ILE E 470 -10.05 -49.57 -33.94
C ILE E 470 -9.69 -48.59 -32.84
N PRO E 471 -10.67 -47.79 -32.42
CA PRO E 471 -10.39 -46.80 -31.36
C PRO E 471 -10.25 -47.48 -30.01
N VAL E 472 -9.63 -46.76 -29.09
CA VAL E 472 -9.44 -47.20 -27.71
C VAL E 472 -9.76 -46.00 -26.84
N ASP E 473 -10.97 -45.96 -26.29
CA ASP E 473 -11.43 -44.80 -25.55
C ASP E 473 -10.60 -44.60 -24.29
N SER E 474 -9.76 -43.58 -24.31
CA SER E 474 -8.90 -43.26 -23.16
C SER E 474 -9.78 -42.65 -22.09
N SER E 475 -10.29 -43.51 -21.21
CA SER E 475 -11.20 -43.06 -20.15
C SER E 475 -10.43 -42.26 -19.11
N GLY E 476 -9.93 -41.09 -19.50
CA GLY E 476 -9.08 -40.28 -18.65
C GLY E 476 -8.93 -38.84 -19.09
N ASP E 477 -7.70 -38.33 -19.02
CA ASP E 477 -7.41 -36.93 -19.30
C ASP E 477 -6.77 -36.70 -20.67
N GLN E 478 -6.07 -37.67 -21.23
CA GLN E 478 -5.37 -37.49 -22.49
C GLN E 478 -6.34 -37.78 -23.63
N GLN E 479 -6.96 -36.72 -24.14
CA GLN E 479 -7.95 -36.84 -25.21
C GLN E 479 -7.32 -36.67 -26.60
N LEU E 480 -6.29 -37.45 -26.87
CA LEU E 480 -5.73 -37.55 -28.21
C LEU E 480 -6.01 -38.94 -28.75
N CYS E 481 -6.49 -39.01 -29.99
CA CYS E 481 -7.05 -40.27 -30.46
C CYS E 481 -5.99 -41.35 -30.47
N PHE E 482 -6.05 -42.25 -29.49
CA PHE E 482 -5.10 -43.34 -29.36
C PHE E 482 -5.63 -44.56 -30.11
N VAL E 483 -5.37 -44.62 -31.41
CA VAL E 483 -5.92 -45.65 -32.28
C VAL E 483 -4.98 -46.84 -32.27
N LEU E 484 -5.54 -48.03 -32.06
CA LEU E 484 -4.78 -49.27 -32.14
C LEU E 484 -4.62 -49.63 -33.61
N THR E 485 -3.42 -49.47 -34.13
CA THR E 485 -3.10 -49.76 -35.52
C THR E 485 -2.49 -51.16 -35.63
N GLU E 486 -2.01 -51.49 -36.83
CA GLU E 486 -1.44 -52.81 -37.05
C GLU E 486 -0.23 -53.04 -36.17
N ASN E 487 0.66 -52.05 -36.07
CA ASN E 487 1.81 -52.17 -35.19
C ASN E 487 1.44 -52.00 -33.72
N GLY E 488 0.29 -51.39 -33.44
CA GLY E 488 -0.16 -51.25 -32.08
C GLY E 488 -0.60 -49.85 -31.69
N LEU E 489 -0.13 -49.39 -30.53
CA LEU E 489 -0.55 -48.09 -30.00
C LEU E 489 -0.12 -46.96 -30.93
N SER E 490 -1.02 -46.01 -31.17
CA SER E 490 -0.78 -44.91 -32.08
C SER E 490 -1.60 -43.70 -31.64
N LEU E 491 -0.91 -42.65 -31.19
CA LEU E 491 -1.54 -41.42 -30.72
C LEU E 491 -1.53 -40.41 -31.84
N ILE E 492 -2.71 -40.11 -32.40
CA ILE E 492 -2.80 -39.24 -33.57
C ILE E 492 -2.96 -37.81 -33.11
N LEU E 493 -2.07 -36.93 -33.60
CA LEU E 493 -2.08 -35.51 -33.30
C LEU E 493 -2.17 -34.71 -34.59
N PHE E 494 -2.28 -33.39 -34.45
CA PHE E 494 -2.43 -32.50 -35.59
C PHE E 494 -1.44 -31.34 -35.50
N GLY E 495 -0.73 -31.09 -36.59
CA GLY E 495 0.10 -29.90 -36.72
C GLY E 495 1.50 -30.01 -36.19
N LEU E 496 1.85 -31.10 -35.51
CA LEU E 496 3.16 -31.26 -34.88
C LEU E 496 4.09 -31.99 -35.83
N THR E 497 5.13 -31.29 -36.28
CA THR E 497 6.16 -31.92 -37.12
C THR E 497 7.06 -32.80 -36.28
N GLN E 498 7.66 -33.79 -36.93
CA GLN E 498 8.57 -34.70 -36.21
C GLN E 498 9.74 -33.94 -35.61
N GLU E 499 10.31 -33.01 -36.39
CA GLU E 499 11.37 -32.17 -35.86
C GLU E 499 10.86 -31.32 -34.71
N GLU E 500 9.67 -30.71 -34.86
CA GLU E 500 9.13 -29.86 -33.80
C GLU E 500 8.85 -30.66 -32.54
N PHE E 501 8.27 -31.86 -32.69
CA PHE E 501 7.96 -32.69 -31.54
C PHE E 501 9.22 -33.15 -30.82
N LEU E 502 10.20 -33.67 -31.57
CA LEU E 502 11.44 -34.12 -30.94
C LEU E 502 12.20 -32.96 -30.32
N ASN E 503 12.17 -31.80 -30.98
CA ASN E 503 12.82 -30.61 -30.43
C ASN E 503 12.17 -30.20 -29.12
N ARG E 504 10.83 -30.29 -29.05
CA ARG E 504 10.15 -29.94 -27.81
C ARG E 504 10.47 -30.95 -26.71
N LEU E 505 10.61 -32.23 -27.07
CA LEU E 505 11.05 -33.20 -26.08
C LEU E 505 12.45 -32.88 -25.57
N MET E 506 13.36 -32.53 -26.48
CA MET E 506 14.72 -32.19 -26.08
C MET E 506 14.77 -30.91 -25.24
N ILE E 507 13.96 -29.91 -25.62
CA ILE E 507 13.81 -28.71 -24.80
C ILE E 507 13.09 -29.00 -23.51
N HIS E 508 12.48 -30.18 -23.39
CA HIS E 508 11.85 -30.66 -22.16
C HIS E 508 12.74 -31.63 -21.38
N GLY E 509 13.49 -32.48 -22.07
CA GLY E 509 14.30 -33.47 -21.39
C GLY E 509 15.62 -33.79 -22.07
N SER E 510 16.11 -35.01 -21.89
CA SER E 510 17.36 -35.45 -22.49
C SER E 510 17.16 -35.89 -23.93
N ALA E 511 18.28 -36.17 -24.61
CA ALA E 511 18.23 -36.62 -25.99
C ALA E 511 17.84 -38.09 -26.12
N SER E 512 17.83 -38.85 -25.03
CA SER E 512 17.46 -40.25 -25.08
C SER E 512 16.02 -40.43 -25.55
N THR E 513 15.10 -39.62 -25.03
CA THR E 513 13.71 -39.71 -25.45
C THR E 513 13.56 -39.38 -26.93
N VAL E 514 14.30 -38.37 -27.40
CA VAL E 514 14.24 -38.03 -28.82
C VAL E 514 14.73 -39.19 -29.66
N ASP E 515 15.82 -39.83 -29.22
CA ASP E 515 16.33 -40.98 -29.96
C ASP E 515 15.30 -42.10 -30.00
N THR E 516 14.64 -42.37 -28.87
CA THR E 516 13.65 -43.44 -28.83
C THR E 516 12.48 -43.15 -29.78
N LEU E 517 11.93 -41.94 -29.70
CA LEU E 517 10.76 -41.61 -30.52
C LEU E 517 11.11 -41.51 -32.00
N CYS E 518 12.36 -41.20 -32.33
CA CYS E 518 12.76 -41.21 -33.73
C CYS E 518 13.05 -42.62 -34.23
N HIS E 519 13.56 -43.50 -33.37
CA HIS E 519 13.90 -44.85 -33.80
C HIS E 519 12.67 -45.75 -33.91
N LEU E 520 11.68 -45.57 -33.05
CA LEU E 520 10.54 -46.50 -33.01
C LEU E 520 9.74 -46.50 -34.32
N ASN E 521 9.94 -45.51 -35.17
CA ASN E 521 9.31 -45.50 -36.49
C ASN E 521 10.35 -45.20 -37.58
#